data_2R7X
#
_entry.id   2R7X
#
_cell.length_a   76.000
_cell.length_b   143.766
_cell.length_c   112.833
_cell.angle_alpha   90.000
_cell.angle_beta   90.650
_cell.angle_gamma   90.000
#
_symmetry.space_group_name_H-M   'P 1 21 1'
#
loop_
_entity.id
_entity.type
_entity.pdbx_description
1 polymer "RNA (5'-R(*UP*GP*UP*GP*AP*CP*C)-3')"
2 polymer 'RNA-dependent RNA polymerase'
3 non-polymer "GUANOSINE-5'-TRIPHOSPHATE"
#
loop_
_entity_poly.entity_id
_entity_poly.type
_entity_poly.pdbx_seq_one_letter_code
_entity_poly.pdbx_strand_id
1 'polyribonucleotide' UGUGACC X,Y
2 'polypeptide(L)'
;MGKYNLILSEYLSFIYNSQSAVQIPIYYSSNSELENRCIEFHSKCLENSKNGLSLRKLFVEYNDVIENATLLSILSYSYD
KYNAVERKLVKYAKGKPLEADLTVNELDYENNKMTSELFPTAEEYTDSLMDPAILTSLSSNLNAVMFWLEKHENDVAEKL
KVYKRRLDLFTIVASTINKYGVPRHNAKYRYEYDVMKDKPYYLVTWANSSIEMLMSVFSHDDYLIAKELIVLSYSNRSTL
AKLVSSPMSILVALVDINGTFITNEELELEFSNKYVRAIVPDQTFDELNQMLDNMRKAGLVDIPKMIQDWLVDRSIEKFP
LMAKIYSWSFHVGFRKQKMLDAALDQLKTEYTENVDDEMYREYTMLIRDEVVKMLEEPVKHDDHLLRDSELAGLLSMSSA
SNGESRQLKFGRKTIFSTKKNMHVMDDMANERYTPGIIPPVNVDKPIPLGRRDVPGRRTRIIFILPYEYFIAQHAVVEKM
LIYAKHTREYAEFYSQSNQLLSYGDVTRFLSNNTMVLYTDVSQWDSSQHNTQPFRKGIIMGLDILANMTNDAKVLQTLNL
YKQTQINLMDSYVQIPDGNVIKKIQYGAVASGEKQTKAANSIANLALIKTVLSRISNKHSFATKIIRVDGDDNYAVLQFN
TEVTKQMIQDVSNDVRETYARMNAKVKALVSTVGIEIAKRYIAGGKIFFRAGINLLNNEKRGQSTQWDQAAILYSNYIVN
RLRGFETDREFILTKIMQMTSVAITGSLRLFPSERVLTTNSTFKVFDSEDFIIEYGTTVDEVYIQRAFMSLSSQKSGIAD
EIAASSTFKNYVTRLSEQLLFSKNNIVSRGIALTEKAKLNSYAPISLEKRRAQISALLTMLQKPVTFKSSKITINDILRD
IKPFFTVSDAHLPIQYQKFMPTLPDNVQYIIQCIGSRTYQIEDDGSKSAISRLISKYSVYKPSIEELYKVISLHENEIQL
YLISLGIPKIDADTYVGSKIYSRDKYRILESYVYNLLSINYGCYQLFDFNSPDLEKLIRIPFKGKIPAVTFILHLYAKLE
VINYAIKNGSWISLFCNYPKSEMIKLWKKMWNITSLRSPYTNANFFQEPHHHHHH
;
A,B
#
loop_
_chem_comp.id
_chem_comp.type
_chem_comp.name
_chem_comp.formula
A RNA linking ADENOSINE-5'-MONOPHOSPHATE 'C10 H14 N5 O7 P'
C RNA linking CYTIDINE-5'-MONOPHOSPHATE 'C9 H14 N3 O8 P'
G RNA linking GUANOSINE-5'-MONOPHOSPHATE 'C10 H14 N5 O8 P'
GTP non-polymer GUANOSINE-5'-TRIPHOSPHATE 'C10 H16 N5 O14 P3'
U RNA linking URIDINE-5'-MONOPHOSPHATE 'C9 H13 N2 O9 P'
#
# COMPACT_ATOMS: atom_id res chain seq x y z
N GLY C 2 -3.44 3.50 7.85
CA GLY C 2 -4.74 4.09 7.41
C GLY C 2 -5.81 3.04 7.18
N LYS C 3 -5.44 1.76 7.25
CA LYS C 3 -6.39 0.66 7.04
C LYS C 3 -7.38 0.43 8.18
N TYR C 4 -7.08 0.95 9.36
CA TYR C 4 -7.99 0.77 10.49
C TYR C 4 -9.39 1.25 10.11
N ASN C 5 -9.51 2.54 9.80
CA ASN C 5 -10.80 3.11 9.44
C ASN C 5 -11.64 2.32 8.44
N LEU C 6 -10.97 1.50 7.64
CA LEU C 6 -11.68 0.70 6.66
C LEU C 6 -11.98 -0.69 7.22
N ILE C 7 -10.99 -1.35 7.81
CA ILE C 7 -11.20 -2.65 8.40
C ILE C 7 -12.25 -2.46 9.50
N LEU C 8 -12.51 -1.21 9.88
CA LEU C 8 -13.48 -0.90 10.94
C LEU C 8 -14.90 -1.01 10.44
N SER C 9 -15.09 -0.76 9.15
CA SER C 9 -16.41 -0.83 8.56
C SER C 9 -16.77 -2.28 8.24
N GLU C 10 -15.84 -3.00 7.60
CA GLU C 10 -16.06 -4.40 7.27
C GLU C 10 -16.52 -5.12 8.53
N TYR C 11 -16.06 -4.63 9.67
CA TYR C 11 -16.41 -5.21 10.96
C TYR C 11 -17.84 -4.86 11.35
N LEU C 12 -18.15 -3.58 11.42
CA LEU C 12 -19.49 -3.18 11.78
C LEU C 12 -20.51 -3.81 10.85
N SER C 13 -20.27 -3.70 9.54
CA SER C 13 -21.18 -4.27 8.56
C SER C 13 -21.25 -5.78 8.68
N PHE C 14 -20.37 -6.35 9.50
CA PHE C 14 -20.32 -7.78 9.74
C PHE C 14 -21.14 -8.12 10.97
N ILE C 15 -20.92 -7.36 12.03
CA ILE C 15 -21.61 -7.55 13.30
C ILE C 15 -23.08 -7.18 13.19
N TYR C 16 -23.37 -6.10 12.47
CA TYR C 16 -24.74 -5.63 12.33
C TYR C 16 -25.28 -5.72 10.90
N ASN C 17 -26.45 -6.36 10.74
CA ASN C 17 -27.12 -6.52 9.44
C ASN C 17 -28.60 -6.19 9.63
N SER C 18 -29.08 -5.15 8.95
CA SER C 18 -30.49 -4.73 9.07
C SER C 18 -30.92 -3.81 7.94
N VAL C 22 -27.00 0.53 10.56
CA VAL C 22 -26.48 1.52 9.61
C VAL C 22 -25.32 2.35 10.19
N GLN C 23 -24.39 2.74 9.33
CA GLN C 23 -23.23 3.52 9.76
C GLN C 23 -23.27 4.95 9.24
N ILE C 24 -22.99 5.90 10.12
CA ILE C 24 -22.99 7.31 9.75
C ILE C 24 -21.64 8.01 9.94
N PRO C 25 -20.72 7.87 8.96
CA PRO C 25 -19.39 8.49 9.02
C PRO C 25 -19.40 9.92 9.53
N ILE C 26 -18.59 10.22 10.54
CA ILE C 26 -18.54 11.58 11.07
C ILE C 26 -17.16 12.18 10.80
N TYR C 27 -17.13 13.25 10.01
CA TYR C 27 -15.87 13.90 9.67
C TYR C 27 -15.69 15.26 10.34
N TYR C 28 -14.51 15.84 10.15
CA TYR C 28 -14.18 17.15 10.71
C TYR C 28 -12.99 17.72 9.93
N SER C 29 -12.84 19.04 9.97
CA SER C 29 -11.73 19.69 9.27
C SER C 29 -11.29 20.98 9.96
N SER C 30 -9.98 21.21 9.96
CA SER C 30 -9.41 22.39 10.55
C SER C 30 -9.88 23.59 9.75
N ASN C 31 -10.26 23.35 8.50
CA ASN C 31 -10.75 24.41 7.60
C ASN C 31 -12.22 24.71 7.90
N SER C 32 -12.53 25.97 8.17
CA SER C 32 -13.89 26.37 8.52
C SER C 32 -14.99 26.01 7.55
N GLU C 33 -14.82 26.35 6.28
CA GLU C 33 -15.84 26.04 5.29
C GLU C 33 -16.00 24.54 5.06
N LEU C 34 -14.90 23.79 5.14
CA LEU C 34 -14.96 22.34 4.92
C LEU C 34 -15.65 21.63 6.07
N GLU C 35 -15.48 22.16 7.28
CA GLU C 35 -16.08 21.61 8.49
C GLU C 35 -17.60 21.76 8.40
N ASN C 36 -18.05 22.93 7.95
CA ASN C 36 -19.48 23.21 7.79
C ASN C 36 -20.08 22.24 6.80
N ARG C 37 -19.25 21.73 5.92
CA ARG C 37 -19.66 20.75 4.94
C ARG C 37 -19.73 19.46 5.76
N CYS C 38 -18.73 19.28 6.62
CA CYS C 38 -18.67 18.11 7.50
C CYS C 38 -19.91 18.06 8.39
N ILE C 39 -20.45 19.22 8.74
CA ILE C 39 -21.64 19.27 9.57
C ILE C 39 -22.88 18.94 8.75
N GLU C 40 -23.01 19.60 7.60
CA GLU C 40 -24.14 19.37 6.71
C GLU C 40 -24.23 17.90 6.39
N PHE C 41 -23.16 17.34 5.84
CA PHE C 41 -23.12 15.93 5.47
C PHE C 41 -23.63 15.01 6.59
N HIS C 42 -23.23 15.35 7.81
CA HIS C 42 -23.62 14.61 8.99
C HIS C 42 -25.14 14.57 9.02
N SER C 43 -25.75 15.69 9.40
CA SER C 43 -27.21 15.77 9.49
C SER C 43 -27.92 15.16 8.28
N LYS C 44 -27.51 15.51 7.08
CA LYS C 44 -28.15 14.94 5.90
C LYS C 44 -28.08 13.40 5.95
N CYS C 45 -26.99 12.86 6.48
CA CYS C 45 -26.86 11.42 6.58
C CYS C 45 -27.83 10.86 7.62
N LEU C 46 -27.91 11.49 8.80
CA LEU C 46 -28.82 11.05 9.85
C LEU C 46 -30.23 11.00 9.29
N GLU C 47 -30.59 12.07 8.61
CA GLU C 47 -31.91 12.23 8.02
C GLU C 47 -32.31 11.06 7.16
N ASN C 48 -31.54 10.79 6.11
CA ASN C 48 -31.84 9.70 5.21
C ASN C 48 -31.95 8.35 5.92
N SER C 49 -31.11 8.12 6.93
CA SER C 49 -31.17 6.88 7.67
C SER C 49 -32.47 6.85 8.46
N LYS C 50 -32.92 8.02 8.93
CA LYS C 50 -34.18 8.13 9.67
C LYS C 50 -35.35 8.08 8.67
N ASN C 51 -35.12 7.46 7.52
CA ASN C 51 -36.13 7.34 6.48
C ASN C 51 -35.80 6.20 5.53
N GLY C 52 -34.83 5.37 5.92
CA GLY C 52 -34.44 4.24 5.09
C GLY C 52 -34.10 4.64 3.66
N LEU C 53 -33.48 5.81 3.50
CA LEU C 53 -33.09 6.34 2.19
C LEU C 53 -31.61 6.13 1.96
N SER C 54 -31.27 5.44 0.88
CA SER C 54 -29.88 5.16 0.52
C SER C 54 -29.07 6.45 0.67
N LEU C 55 -27.89 6.33 1.27
CA LEU C 55 -27.03 7.49 1.47
C LEU C 55 -26.14 7.69 0.24
N ARG C 56 -26.17 6.72 -0.67
CA ARG C 56 -25.37 6.75 -1.89
C ARG C 56 -25.30 8.13 -2.52
N LYS C 57 -26.43 8.82 -2.57
CA LYS C 57 -26.47 10.15 -3.15
C LYS C 57 -25.60 11.11 -2.37
N LEU C 58 -25.85 11.23 -1.07
CA LEU C 58 -25.09 12.12 -0.21
C LEU C 58 -23.59 11.86 -0.21
N PHE C 59 -23.19 10.59 -0.29
CA PHE C 59 -21.76 10.26 -0.31
C PHE C 59 -21.10 10.84 -1.57
N VAL C 60 -21.90 11.01 -2.62
CA VAL C 60 -21.39 11.60 -3.85
C VAL C 60 -21.51 13.10 -3.66
N GLU C 61 -22.69 13.57 -3.25
CA GLU C 61 -22.93 15.00 -3.04
C GLU C 61 -21.80 15.64 -2.22
N TYR C 62 -21.43 14.97 -1.13
CA TYR C 62 -20.37 15.44 -0.25
C TYR C 62 -19.11 14.62 -0.41
N ASN C 63 -18.73 14.37 -1.66
CA ASN C 63 -17.52 13.61 -1.93
C ASN C 63 -16.33 14.43 -1.47
N ASP C 64 -16.50 15.75 -1.42
CA ASP C 64 -15.41 16.62 -0.97
C ASP C 64 -15.02 16.26 0.46
N VAL C 65 -16.00 16.10 1.33
CA VAL C 65 -15.75 15.74 2.72
C VAL C 65 -15.07 14.38 2.81
N ILE C 66 -15.56 13.42 2.07
CA ILE C 66 -14.96 12.10 2.09
C ILE C 66 -13.48 12.18 1.77
N GLU C 67 -13.16 12.94 0.72
CA GLU C 67 -11.80 13.13 0.23
C GLU C 67 -10.83 13.97 1.05
N ASN C 68 -11.24 15.20 1.37
CA ASN C 68 -10.35 16.12 2.07
C ASN C 68 -10.56 16.41 3.56
N ALA C 69 -11.48 15.70 4.22
CA ALA C 69 -11.71 15.93 5.64
C ALA C 69 -11.12 14.75 6.42
N THR C 70 -10.98 14.91 7.73
CA THR C 70 -10.42 13.84 8.55
C THR C 70 -11.54 13.04 9.25
N LEU C 71 -11.56 11.73 9.07
CA LEU C 71 -12.60 10.94 9.72
C LEU C 71 -12.40 11.04 11.23
N LEU C 72 -13.43 11.53 11.90
CA LEU C 72 -13.37 11.69 13.35
C LEU C 72 -13.87 10.47 14.10
N SER C 73 -14.85 9.79 13.51
CA SER C 73 -15.45 8.60 14.12
C SER C 73 -16.50 8.02 13.19
N ILE C 74 -16.88 6.78 13.45
CA ILE C 74 -17.92 6.11 12.67
C ILE C 74 -19.05 5.79 13.62
N LEU C 75 -20.22 6.39 13.38
CA LEU C 75 -21.36 6.13 14.22
C LEU C 75 -22.09 4.88 13.74
N SER C 76 -22.41 3.99 14.67
CA SER C 76 -23.11 2.75 14.36
C SER C 76 -24.45 2.67 15.04
N TYR C 77 -25.50 2.71 14.23
CA TYR C 77 -26.85 2.60 14.75
C TYR C 77 -27.38 1.23 14.36
N SER C 78 -27.56 0.38 15.35
CA SER C 78 -28.06 -0.97 15.11
C SER C 78 -29.20 -1.29 16.08
N TYR C 79 -30.25 -1.90 15.55
CA TYR C 79 -31.38 -2.26 16.38
C TYR C 79 -31.65 -3.77 16.39
N ASP C 80 -30.69 -4.52 16.91
CA ASP C 80 -30.76 -5.97 17.02
C ASP C 80 -30.80 -6.24 18.52
N LYS C 81 -31.13 -7.46 18.93
CA LYS C 81 -31.18 -7.78 20.35
C LYS C 81 -29.85 -8.28 20.91
N TYR C 82 -28.77 -7.98 20.19
CA TYR C 82 -27.40 -8.35 20.54
C TYR C 82 -27.18 -9.78 21.04
N ASN C 83 -27.79 -10.72 20.35
CA ASN C 83 -27.68 -12.15 20.64
C ASN C 83 -27.21 -12.76 19.32
N ALA C 84 -26.78 -11.87 18.43
CA ALA C 84 -26.29 -12.23 17.10
C ALA C 84 -25.06 -13.12 17.24
N VAL C 85 -24.39 -13.03 18.39
CA VAL C 85 -23.20 -13.82 18.66
C VAL C 85 -23.59 -15.29 18.74
N GLU C 86 -24.62 -15.57 19.53
CA GLU C 86 -25.12 -16.92 19.70
C GLU C 86 -25.41 -17.46 18.31
N ARG C 87 -26.34 -16.79 17.63
CA ARG C 87 -26.76 -17.17 16.29
C ARG C 87 -25.58 -17.42 15.33
N LYS C 88 -24.68 -16.44 15.22
CA LYS C 88 -23.51 -16.52 14.34
C LYS C 88 -22.55 -17.67 14.61
N LEU C 89 -22.48 -18.11 15.85
CA LEU C 89 -21.56 -19.18 16.25
C LEU C 89 -21.88 -20.59 15.74
N VAL C 90 -23.15 -20.87 15.43
CA VAL C 90 -23.52 -22.19 14.95
C VAL C 90 -22.65 -22.72 13.81
N LYS C 91 -22.66 -22.01 12.68
CA LYS C 91 -21.89 -22.40 11.51
C LYS C 91 -20.57 -23.09 11.81
N TYR C 92 -19.92 -22.69 12.90
CA TYR C 92 -18.60 -23.23 13.26
C TYR C 92 -18.61 -24.34 14.32
N ALA C 93 -19.81 -24.68 14.81
CA ALA C 93 -19.96 -25.73 15.80
C ALA C 93 -20.56 -26.98 15.16
N LYS C 94 -19.73 -27.74 14.48
CA LYS C 94 -20.18 -28.97 13.83
C LYS C 94 -19.21 -30.07 14.21
N GLY C 95 -18.30 -29.77 15.14
CA GLY C 95 -17.33 -30.74 15.58
C GLY C 95 -17.75 -31.31 16.92
N LYS C 96 -17.08 -32.36 17.37
CA LYS C 96 -17.44 -32.99 18.63
C LYS C 96 -16.97 -32.16 19.84
N PRO C 97 -17.92 -31.65 20.66
CA PRO C 97 -17.57 -30.86 21.84
C PRO C 97 -16.52 -31.58 22.67
N LEU C 98 -15.70 -30.83 23.40
CA LEU C 98 -14.69 -31.49 24.22
C LEU C 98 -15.33 -31.96 25.51
N GLU C 99 -14.82 -33.06 26.05
CA GLU C 99 -15.34 -33.57 27.31
C GLU C 99 -14.19 -33.54 28.30
N ALA C 100 -14.36 -32.73 29.33
CA ALA C 100 -13.33 -32.57 30.35
C ALA C 100 -13.02 -33.81 31.16
N ASP C 101 -11.74 -34.16 31.20
CA ASP C 101 -11.26 -35.31 31.97
C ASP C 101 -10.98 -34.83 33.39
N LEU C 102 -11.97 -34.99 34.28
CA LEU C 102 -11.84 -34.55 35.67
C LEU C 102 -10.87 -35.39 36.51
N THR C 103 -9.81 -35.90 35.90
CA THR C 103 -8.85 -36.73 36.60
C THR C 103 -7.44 -36.17 36.61
N VAL C 104 -7.17 -35.26 35.69
CA VAL C 104 -5.84 -34.70 35.53
C VAL C 104 -5.30 -33.80 36.64
N ASN C 105 -6.19 -33.08 37.32
CA ASN C 105 -5.77 -32.16 38.36
C ASN C 105 -5.85 -32.69 39.78
N GLU C 106 -4.83 -32.36 40.58
CA GLU C 106 -4.77 -32.75 41.99
C GLU C 106 -5.97 -32.13 42.69
N LEU C 107 -5.84 -30.87 43.09
CA LEU C 107 -6.96 -30.21 43.75
C LEU C 107 -8.21 -30.43 42.89
N ASP C 108 -9.31 -30.75 43.54
CA ASP C 108 -10.55 -31.01 42.83
C ASP C 108 -11.09 -29.86 42.03
N TYR C 109 -11.06 -28.66 42.61
CA TYR C 109 -11.58 -27.47 41.93
C TYR C 109 -10.77 -27.04 40.70
N GLU C 110 -9.60 -27.63 40.51
CA GLU C 110 -8.79 -27.31 39.34
C GLU C 110 -9.31 -28.07 38.13
N ASN C 111 -10.03 -29.16 38.35
CA ASN C 111 -10.61 -29.94 37.26
C ASN C 111 -11.82 -29.19 36.71
N ASN C 112 -12.01 -29.27 35.40
CA ASN C 112 -13.08 -28.55 34.71
C ASN C 112 -14.52 -29.09 34.93
N LYS C 113 -14.93 -29.24 36.19
CA LYS C 113 -16.27 -29.75 36.50
C LYS C 113 -17.34 -28.72 36.16
N MET C 114 -18.62 -29.07 36.29
CA MET C 114 -19.68 -28.09 36.03
C MET C 114 -19.56 -27.11 37.17
N THR C 115 -19.94 -25.85 36.95
CA THR C 115 -19.85 -24.88 38.02
C THR C 115 -20.54 -25.37 39.30
N SER C 116 -21.79 -25.77 39.18
CA SER C 116 -22.58 -26.25 40.32
C SER C 116 -21.89 -27.35 41.12
N GLU C 117 -21.19 -28.26 40.45
CA GLU C 117 -20.50 -29.33 41.16
C GLU C 117 -19.43 -28.78 42.11
N LEU C 118 -18.91 -27.59 41.77
CA LEU C 118 -17.90 -26.96 42.61
C LEU C 118 -18.62 -25.99 43.54
N PHE C 119 -19.72 -25.42 43.06
CA PHE C 119 -20.52 -24.47 43.83
C PHE C 119 -22.01 -24.76 43.67
N PRO C 120 -22.59 -25.48 44.65
CA PRO C 120 -23.99 -25.88 44.70
C PRO C 120 -24.97 -24.73 44.88
N THR C 121 -24.55 -23.66 45.53
CA THR C 121 -25.44 -22.53 45.74
C THR C 121 -24.85 -21.21 45.27
N ALA C 122 -25.72 -20.22 45.09
CA ALA C 122 -25.29 -18.90 44.65
C ALA C 122 -24.45 -18.16 45.69
N GLU C 123 -24.49 -18.62 46.94
CA GLU C 123 -23.74 -17.99 48.01
C GLU C 123 -22.36 -18.61 48.15
N GLU C 124 -22.19 -19.77 47.54
CA GLU C 124 -20.92 -20.48 47.60
C GLU C 124 -20.08 -20.20 46.36
N TYR C 125 -20.73 -19.68 45.32
CA TYR C 125 -20.07 -19.40 44.05
C TYR C 125 -19.05 -18.27 44.15
N THR C 126 -18.08 -18.30 43.24
CA THR C 126 -17.01 -17.33 43.17
C THR C 126 -16.25 -17.47 41.85
N ASP C 127 -16.15 -16.37 41.09
CA ASP C 127 -15.41 -16.40 39.83
C ASP C 127 -13.94 -16.29 40.17
N SER C 128 -13.66 -16.02 41.43
CA SER C 128 -12.30 -15.89 41.92
C SER C 128 -11.28 -16.82 41.28
N LEU C 129 -11.70 -17.99 40.83
CA LEU C 129 -10.75 -18.94 40.25
C LEU C 129 -10.68 -19.03 38.73
N MET C 130 -11.50 -18.23 38.04
CA MET C 130 -11.52 -18.24 36.58
C MET C 130 -11.66 -16.86 35.96
N ASP C 131 -12.12 -15.91 36.76
CA ASP C 131 -12.34 -14.53 36.36
C ASP C 131 -11.32 -14.05 35.32
N PRO C 132 -11.77 -13.79 34.08
CA PRO C 132 -10.84 -13.31 33.05
C PRO C 132 -10.28 -11.96 33.48
N ALA C 133 -10.99 -11.33 34.41
CA ALA C 133 -10.61 -10.04 34.97
C ALA C 133 -10.05 -9.09 33.94
N ILE C 134 -10.80 -8.86 32.87
CA ILE C 134 -10.36 -7.94 31.81
C ILE C 134 -11.64 -7.26 31.35
N LEU C 135 -11.53 -6.11 30.71
CA LEU C 135 -12.74 -5.42 30.32
C LEU C 135 -13.31 -5.65 28.92
N THR C 136 -13.19 -6.86 28.42
CA THR C 136 -13.75 -7.22 27.12
C THR C 136 -14.45 -8.55 27.31
N SER C 137 -15.59 -8.74 26.66
CA SER C 137 -16.37 -9.97 26.78
C SER C 137 -15.89 -11.18 25.98
N LEU C 138 -16.40 -12.36 26.37
CA LEU C 138 -16.07 -13.60 25.67
C LEU C 138 -16.85 -13.60 24.38
N SER C 139 -17.96 -12.85 24.36
CA SER C 139 -18.78 -12.78 23.16
C SER C 139 -17.96 -12.09 22.09
N SER C 140 -17.25 -11.04 22.50
CA SER C 140 -16.40 -10.25 21.60
C SER C 140 -15.28 -11.09 21.04
N ASN C 141 -14.49 -11.71 21.91
CA ASN C 141 -13.41 -12.53 21.43
C ASN C 141 -13.94 -13.54 20.41
N LEU C 142 -15.22 -13.88 20.53
CA LEU C 142 -15.84 -14.81 19.62
C LEU C 142 -16.14 -14.08 18.33
N ASN C 143 -16.85 -12.97 18.43
CA ASN C 143 -17.17 -12.19 17.26
C ASN C 143 -15.92 -11.90 16.46
N ALA C 144 -14.90 -11.40 17.15
CA ALA C 144 -13.63 -11.07 16.51
C ALA C 144 -13.14 -12.21 15.60
N VAL C 145 -12.98 -13.40 16.17
CA VAL C 145 -12.50 -14.57 15.42
C VAL C 145 -13.31 -14.85 14.16
N MET C 146 -14.63 -14.93 14.31
CA MET C 146 -15.48 -15.20 13.16
C MET C 146 -15.33 -14.12 12.11
N PHE C 147 -15.33 -12.87 12.55
CA PHE C 147 -15.16 -11.74 11.64
C PHE C 147 -13.93 -11.99 10.75
N TRP C 148 -12.86 -12.44 11.38
CA TRP C 148 -11.62 -12.70 10.68
C TRP C 148 -11.70 -13.95 9.82
N LEU C 149 -12.46 -14.94 10.30
CA LEU C 149 -12.61 -16.18 9.54
C LEU C 149 -13.32 -15.90 8.22
N GLU C 150 -14.31 -15.01 8.27
CA GLU C 150 -15.08 -14.65 7.10
C GLU C 150 -14.23 -13.91 6.10
N LYS C 151 -13.47 -12.94 6.58
CA LYS C 151 -12.62 -12.14 5.72
C LYS C 151 -11.51 -12.90 5.04
N HIS C 152 -11.10 -14.04 5.60
CA HIS C 152 -10.05 -14.83 4.99
C HIS C 152 -10.61 -16.17 4.55
N GLU C 153 -11.87 -16.16 4.17
CA GLU C 153 -12.56 -17.36 3.72
C GLU C 153 -12.01 -17.72 2.33
N ASN C 154 -12.06 -16.76 1.41
CA ASN C 154 -11.60 -16.96 0.04
C ASN C 154 -10.13 -16.63 -0.25
N ASP C 155 -9.34 -16.52 0.81
CA ASP C 155 -7.92 -16.22 0.60
C ASP C 155 -7.30 -17.46 -0.07
N VAL C 156 -6.16 -17.28 -0.71
CA VAL C 156 -5.52 -18.39 -1.41
C VAL C 156 -4.09 -18.67 -1.00
N ALA C 157 -3.49 -19.62 -1.70
CA ALA C 157 -2.10 -20.05 -1.49
C ALA C 157 -1.78 -20.41 -0.04
N GLU C 158 -0.98 -19.56 0.61
CA GLU C 158 -0.59 -19.79 1.99
C GLU C 158 -1.56 -19.21 2.99
N LYS C 159 -2.12 -18.04 2.69
CA LYS C 159 -3.08 -17.41 3.57
C LYS C 159 -4.16 -18.42 3.93
N LEU C 160 -4.51 -19.26 2.96
CA LEU C 160 -5.54 -20.27 3.14
C LEU C 160 -5.08 -21.25 4.23
N LYS C 161 -3.90 -21.83 4.07
CA LYS C 161 -3.37 -22.76 5.06
C LYS C 161 -3.36 -22.15 6.46
N VAL C 162 -3.42 -20.82 6.53
CA VAL C 162 -3.45 -20.12 7.79
C VAL C 162 -4.90 -20.01 8.19
N TYR C 163 -5.74 -19.71 7.22
CA TYR C 163 -7.17 -19.61 7.49
C TYR C 163 -7.65 -20.97 7.95
N LYS C 164 -7.33 -21.97 7.16
CA LYS C 164 -7.72 -23.34 7.44
C LYS C 164 -7.27 -23.68 8.86
N ARG C 165 -5.96 -23.88 9.05
CA ARG C 165 -5.43 -24.20 10.37
C ARG C 165 -6.24 -23.53 11.48
N ARG C 166 -6.61 -22.29 11.24
CA ARG C 166 -7.35 -21.50 12.22
C ARG C 166 -8.80 -21.91 12.31
N LEU C 167 -9.47 -22.01 11.17
CA LEU C 167 -10.87 -22.42 11.13
C LEU C 167 -11.07 -23.71 11.92
N ASP C 168 -10.15 -24.63 11.73
CA ASP C 168 -10.22 -25.91 12.43
C ASP C 168 -10.31 -25.67 13.94
N LEU C 169 -9.21 -25.17 14.50
CA LEU C 169 -9.12 -24.87 15.92
C LEU C 169 -10.36 -24.11 16.43
N PHE C 170 -10.75 -23.04 15.76
CA PHE C 170 -11.91 -22.33 16.26
C PHE C 170 -13.07 -23.28 16.49
N THR C 171 -13.27 -24.24 15.58
CA THR C 171 -14.37 -25.18 15.73
C THR C 171 -14.36 -25.77 17.13
N ILE C 172 -13.23 -26.35 17.53
CA ILE C 172 -13.13 -26.93 18.86
C ILE C 172 -13.78 -25.99 19.87
N VAL C 173 -13.40 -24.71 19.81
CA VAL C 173 -13.99 -23.74 20.72
C VAL C 173 -15.49 -23.65 20.46
N ALA C 174 -15.84 -23.17 19.28
CA ALA C 174 -17.23 -22.99 18.86
C ALA C 174 -18.16 -24.13 19.25
N SER C 175 -17.78 -25.35 18.89
CA SER C 175 -18.60 -26.52 19.19
C SER C 175 -18.77 -26.66 20.70
N THR C 176 -17.65 -26.78 21.40
CA THR C 176 -17.67 -26.90 22.85
C THR C 176 -18.50 -25.81 23.54
N ILE C 177 -18.41 -24.58 23.07
CA ILE C 177 -19.17 -23.47 23.66
C ILE C 177 -20.66 -23.62 23.40
N ASN C 178 -21.01 -24.04 22.20
CA ASN C 178 -22.40 -24.20 21.78
C ASN C 178 -23.16 -25.24 22.62
N LYS C 179 -22.45 -26.25 23.11
CA LYS C 179 -23.05 -27.30 23.90
C LYS C 179 -23.72 -26.76 25.16
N TYR C 180 -23.17 -25.71 25.75
CA TYR C 180 -23.75 -25.15 26.96
C TYR C 180 -24.22 -23.72 26.71
N GLY C 181 -24.19 -23.30 25.46
CA GLY C 181 -24.59 -21.94 25.13
C GLY C 181 -23.45 -20.97 25.40
N VAL C 182 -23.66 -19.69 25.14
CA VAL C 182 -22.59 -18.73 25.36
C VAL C 182 -22.84 -17.97 26.66
N PRO C 183 -21.84 -17.99 27.57
CA PRO C 183 -21.89 -17.34 28.87
C PRO C 183 -22.03 -15.83 28.78
N ARG C 184 -23.19 -15.30 29.15
CA ARG C 184 -23.37 -13.85 29.08
C ARG C 184 -22.70 -13.20 30.29
N HIS C 185 -22.17 -12.00 30.08
CA HIS C 185 -21.46 -11.25 31.11
C HIS C 185 -22.24 -10.04 31.55
N ASN C 186 -21.92 -9.51 32.74
CA ASN C 186 -22.61 -8.34 33.26
C ASN C 186 -21.87 -7.07 32.87
N ALA C 187 -22.47 -5.92 33.16
CA ALA C 187 -21.87 -4.63 32.84
C ALA C 187 -20.42 -4.47 33.33
N LYS C 188 -20.02 -5.30 34.30
CA LYS C 188 -18.67 -5.21 34.84
C LYS C 188 -17.80 -6.28 34.21
N TYR C 189 -18.30 -6.84 33.11
CA TYR C 189 -17.61 -7.89 32.38
C TYR C 189 -17.23 -9.04 33.29
N ARG C 190 -18.18 -9.51 34.09
CA ARG C 190 -17.94 -10.64 34.98
C ARG C 190 -18.96 -11.72 34.66
N TYR C 191 -18.58 -12.98 34.89
CA TYR C 191 -19.50 -14.08 34.62
C TYR C 191 -20.04 -14.54 35.96
N GLU C 192 -21.35 -14.36 36.15
CA GLU C 192 -22.00 -14.70 37.41
C GLU C 192 -22.49 -16.13 37.54
N TYR C 193 -23.10 -16.42 38.69
CA TYR C 193 -23.59 -17.75 39.00
C TYR C 193 -24.71 -18.25 38.10
N ASP C 194 -25.75 -17.44 37.94
CA ASP C 194 -26.88 -17.84 37.12
C ASP C 194 -26.42 -18.32 35.75
N VAL C 195 -25.45 -17.63 35.17
CA VAL C 195 -24.95 -18.01 33.85
C VAL C 195 -23.91 -19.11 33.89
N MET C 196 -23.04 -19.09 34.89
CA MET C 196 -22.00 -20.10 34.99
C MET C 196 -22.39 -21.49 35.49
N LYS C 197 -23.35 -21.54 36.43
CA LYS C 197 -23.81 -22.78 37.07
C LYS C 197 -23.94 -24.05 36.21
N ASP C 198 -24.69 -23.97 35.10
CA ASP C 198 -24.88 -25.11 34.22
C ASP C 198 -23.68 -25.42 33.30
N LYS C 199 -22.84 -24.41 33.07
CA LYS C 199 -21.67 -24.56 32.21
C LYS C 199 -20.40 -24.93 32.97
N PRO C 200 -19.42 -25.57 32.28
CA PRO C 200 -18.17 -25.95 32.95
C PRO C 200 -17.58 -24.67 33.58
N TYR C 201 -17.10 -24.78 34.81
CA TYR C 201 -16.55 -23.62 35.49
C TYR C 201 -15.51 -22.83 34.71
N TYR C 202 -14.65 -23.55 33.98
CA TYR C 202 -13.59 -22.92 33.22
C TYR C 202 -13.87 -22.69 31.73
N LEU C 203 -15.13 -22.80 31.33
CA LEU C 203 -15.45 -22.61 29.91
C LEU C 203 -14.90 -21.29 29.38
N VAL C 204 -15.34 -20.19 29.99
CA VAL C 204 -14.92 -18.85 29.57
C VAL C 204 -13.41 -18.59 29.47
N THR C 205 -12.72 -18.58 30.61
CA THR C 205 -11.29 -18.32 30.61
C THR C 205 -10.49 -19.21 29.64
N TRP C 206 -10.95 -20.44 29.44
CA TRP C 206 -10.29 -21.37 28.54
C TRP C 206 -10.62 -20.95 27.11
N ALA C 207 -11.87 -20.56 26.88
CA ALA C 207 -12.26 -20.13 25.56
C ALA C 207 -11.29 -19.01 25.22
N ASN C 208 -11.24 -18.00 26.10
CA ASN C 208 -10.35 -16.84 25.95
C ASN C 208 -8.91 -17.25 25.66
N SER C 209 -8.34 -18.11 26.49
CA SER C 209 -6.97 -18.56 26.26
C SER C 209 -6.83 -19.23 24.88
N SER C 210 -7.83 -20.01 24.48
CA SER C 210 -7.80 -20.71 23.20
C SER C 210 -7.95 -19.80 21.98
N ILE C 211 -8.80 -18.79 22.10
CA ILE C 211 -9.01 -17.86 21.00
C ILE C 211 -7.69 -17.11 20.76
N GLU C 212 -7.20 -16.47 21.81
CA GLU C 212 -5.95 -15.74 21.75
C GLU C 212 -4.82 -16.61 21.19
N MET C 213 -4.89 -17.92 21.42
CA MET C 213 -3.85 -18.83 20.91
C MET C 213 -3.99 -19.19 19.44
N LEU C 214 -5.23 -19.41 19.01
CA LEU C 214 -5.49 -19.78 17.62
C LEU C 214 -5.31 -18.57 16.69
N MET C 215 -5.58 -17.37 17.18
CA MET C 215 -5.39 -16.17 16.36
C MET C 215 -3.92 -15.76 16.31
N SER C 216 -3.06 -16.58 16.91
CA SER C 216 -1.64 -16.32 16.91
C SER C 216 -1.01 -17.53 16.23
N VAL C 217 -1.82 -18.20 15.42
CA VAL C 217 -1.38 -19.37 14.66
C VAL C 217 -1.21 -19.00 13.20
N PHE C 218 -0.05 -19.35 12.65
CA PHE C 218 0.24 -19.08 11.25
C PHE C 218 0.77 -20.33 10.56
N SER C 219 1.96 -20.74 10.95
CA SER C 219 2.58 -21.92 10.40
C SER C 219 1.94 -23.23 10.89
N HIS C 220 2.26 -24.32 10.20
CA HIS C 220 1.74 -25.61 10.56
C HIS C 220 2.16 -25.88 12.00
N ASP C 221 3.46 -25.71 12.27
CA ASP C 221 3.96 -25.94 13.62
C ASP C 221 3.12 -25.12 14.61
N ASP C 222 2.70 -23.91 14.23
CA ASP C 222 1.89 -23.15 15.17
C ASP C 222 0.68 -24.03 15.44
N TYR C 223 -0.17 -24.14 14.43
CA TYR C 223 -1.41 -24.95 14.48
C TYR C 223 -1.25 -26.22 15.31
N LEU C 224 -0.17 -26.95 15.07
CA LEU C 224 0.04 -28.17 15.82
C LEU C 224 0.10 -27.88 17.31
N ILE C 225 0.87 -26.85 17.66
CA ILE C 225 1.04 -26.46 19.05
C ILE C 225 -0.24 -25.90 19.65
N ALA C 226 -0.92 -25.03 18.92
CA ALA C 226 -2.16 -24.50 19.42
C ALA C 226 -3.03 -25.71 19.75
N LYS C 227 -3.65 -26.29 18.72
CA LYS C 227 -4.50 -27.46 18.86
C LYS C 227 -4.19 -28.34 20.06
N GLU C 228 -2.93 -28.73 20.23
CA GLU C 228 -2.56 -29.57 21.35
C GLU C 228 -2.80 -28.89 22.69
N LEU C 229 -2.29 -27.67 22.82
CA LEU C 229 -2.44 -26.89 24.05
C LEU C 229 -3.91 -26.64 24.33
N ILE C 230 -4.65 -26.28 23.28
CA ILE C 230 -6.06 -25.99 23.40
C ILE C 230 -6.89 -27.18 23.89
N VAL C 231 -6.49 -28.40 23.52
CA VAL C 231 -7.25 -29.56 23.94
C VAL C 231 -6.91 -29.93 25.36
N LEU C 232 -5.64 -30.19 25.64
CA LEU C 232 -5.26 -30.53 26.99
C LEU C 232 -5.67 -29.44 27.99
N SER C 233 -5.53 -28.18 27.58
CA SER C 233 -5.86 -27.06 28.46
C SER C 233 -7.34 -26.98 28.83
N TYR C 234 -8.14 -27.94 28.36
CA TYR C 234 -9.57 -27.94 28.67
C TYR C 234 -9.79 -28.81 29.92
N SER C 235 -8.80 -29.64 30.22
CA SER C 235 -8.87 -30.51 31.37
C SER C 235 -7.76 -30.15 32.33
N ASN C 236 -6.54 -30.07 31.82
CA ASN C 236 -5.42 -29.71 32.68
C ASN C 236 -5.38 -28.21 32.90
N ARG C 237 -5.38 -27.81 34.17
CA ARG C 237 -5.34 -26.39 34.56
C ARG C 237 -4.30 -26.18 35.63
N SER C 238 -3.30 -27.04 35.67
CA SER C 238 -2.31 -26.91 36.70
C SER C 238 -0.88 -27.37 36.39
N THR C 239 -0.69 -28.27 35.43
CA THR C 239 0.67 -28.69 35.14
C THR C 239 1.07 -28.62 33.69
N LEU C 240 0.10 -28.29 32.83
CA LEU C 240 0.35 -28.20 31.40
C LEU C 240 1.57 -27.34 31.10
N ALA C 241 1.41 -26.02 31.26
CA ALA C 241 2.47 -25.03 31.03
C ALA C 241 3.81 -25.43 31.64
N LYS C 242 3.80 -25.79 32.92
CA LYS C 242 5.06 -26.19 33.54
C LYS C 242 5.63 -27.44 32.85
N LEU C 243 4.72 -28.34 32.46
CA LEU C 243 5.08 -29.58 31.78
C LEU C 243 5.69 -29.32 30.40
N VAL C 244 5.04 -28.43 29.66
CA VAL C 244 5.46 -28.05 28.33
C VAL C 244 6.74 -27.22 28.29
N SER C 245 6.89 -26.27 29.22
CA SER C 245 8.07 -25.43 29.23
C SER C 245 9.22 -25.93 30.11
N SER C 246 9.03 -27.07 30.75
CA SER C 246 10.07 -27.59 31.62
C SER C 246 11.37 -28.04 30.91
N PRO C 247 11.27 -28.74 29.74
CA PRO C 247 12.43 -29.22 28.98
C PRO C 247 13.42 -28.13 28.61
N MET C 248 12.92 -26.95 28.29
CA MET C 248 13.76 -25.83 27.89
C MET C 248 14.97 -25.52 28.78
N SER C 249 14.89 -25.85 30.07
CA SER C 249 16.01 -25.54 30.94
C SER C 249 17.21 -26.42 30.59
N ILE C 250 16.96 -27.55 29.93
CA ILE C 250 18.07 -28.42 29.58
C ILE C 250 18.43 -28.22 28.12
N LEU C 251 17.43 -27.96 27.29
CA LEU C 251 17.72 -27.76 25.88
C LEU C 251 18.81 -26.71 25.68
N VAL C 252 18.82 -25.67 26.51
CA VAL C 252 19.82 -24.61 26.40
C VAL C 252 21.24 -25.09 26.64
N ALA C 253 21.41 -26.20 27.33
CA ALA C 253 22.76 -26.67 27.58
C ALA C 253 23.23 -27.67 26.53
N LEU C 254 22.45 -27.80 25.45
CA LEU C 254 22.78 -28.76 24.40
C LEU C 254 23.24 -28.15 23.08
N VAL C 255 22.92 -26.88 22.84
CA VAL C 255 23.32 -26.24 21.59
C VAL C 255 24.70 -25.62 21.62
N ASP C 256 25.57 -26.11 20.73
CA ASP C 256 26.93 -25.60 20.62
C ASP C 256 26.93 -24.12 20.25
N ILE C 257 27.94 -23.41 20.71
CA ILE C 257 28.09 -21.97 20.44
C ILE C 257 28.96 -21.78 19.19
N ASN C 258 28.38 -21.21 18.14
CA ASN C 258 29.15 -20.94 16.92
C ASN C 258 29.01 -19.45 16.64
N GLY C 259 29.81 -18.67 17.32
CA GLY C 259 29.74 -17.23 17.15
C GLY C 259 28.72 -16.66 18.14
N THR C 260 29.19 -15.81 19.05
CA THR C 260 28.31 -15.22 20.03
C THR C 260 28.68 -13.77 20.24
N PHE C 261 27.96 -13.12 21.13
CA PHE C 261 28.23 -11.73 21.44
C PHE C 261 28.65 -11.70 22.90
N ILE C 262 29.66 -10.89 23.19
CA ILE C 262 30.16 -10.78 24.54
C ILE C 262 30.11 -9.34 24.98
N THR C 263 30.53 -9.10 26.21
CA THR C 263 30.55 -7.76 26.77
C THR C 263 32.00 -7.29 26.88
N ASN C 264 32.29 -6.11 26.35
CA ASN C 264 33.64 -5.57 26.43
C ASN C 264 33.74 -4.52 27.52
N GLU C 265 34.96 -4.08 27.80
CA GLU C 265 35.25 -3.09 28.83
C GLU C 265 34.30 -1.92 28.81
N GLU C 266 33.90 -1.51 27.62
CA GLU C 266 32.99 -0.38 27.45
C GLU C 266 31.57 -0.81 27.75
N LEU C 267 31.44 -2.00 28.32
CA LEU C 267 30.16 -2.58 28.68
C LEU C 267 29.19 -2.46 27.52
N GLU C 268 29.57 -3.06 26.39
CA GLU C 268 28.72 -3.05 25.20
C GLU C 268 28.96 -4.31 24.36
N LEU C 269 27.93 -4.73 23.64
CA LEU C 269 28.04 -5.93 22.82
C LEU C 269 29.09 -5.82 21.73
N GLU C 270 29.91 -6.85 21.60
CA GLU C 270 30.99 -6.90 20.62
C GLU C 270 31.06 -8.34 20.11
N PHE C 271 30.97 -8.56 18.80
CA PHE C 271 31.01 -9.92 18.30
C PHE C 271 32.26 -10.71 18.62
N SER C 272 32.06 -12.02 18.85
CA SER C 272 33.13 -12.95 19.14
C SER C 272 32.84 -14.21 18.33
N ASN C 273 33.70 -14.51 17.37
CA ASN C 273 33.54 -15.65 16.47
C ASN C 273 33.85 -17.01 17.09
N LYS C 274 34.16 -17.02 18.39
CA LYS C 274 34.50 -18.27 19.07
C LYS C 274 33.51 -19.43 18.96
N TYR C 275 34.03 -20.60 19.33
CA TYR C 275 33.29 -21.84 19.30
C TYR C 275 33.39 -22.45 20.69
N VAL C 276 32.25 -22.81 21.25
CA VAL C 276 32.25 -23.45 22.55
C VAL C 276 31.45 -24.74 22.39
N ARG C 277 32.07 -25.84 22.80
CA ARG C 277 31.44 -27.15 22.70
C ARG C 277 30.53 -27.45 23.88
N ALA C 278 29.26 -27.71 23.59
CA ALA C 278 28.31 -28.05 24.63
C ALA C 278 28.71 -29.40 25.17
N ILE C 279 29.04 -29.47 26.45
CA ILE C 279 29.43 -30.72 27.08
C ILE C 279 28.31 -31.19 28.01
N VAL C 280 27.73 -32.34 27.71
CA VAL C 280 26.61 -32.85 28.51
C VAL C 280 26.73 -34.27 29.08
N PRO C 281 26.63 -34.41 30.42
CA PRO C 281 26.74 -35.74 31.03
C PRO C 281 25.46 -36.49 30.75
N ASP C 282 25.57 -37.79 30.47
CA ASP C 282 24.41 -38.62 30.17
C ASP C 282 23.22 -38.38 31.10
N GLN C 283 23.48 -38.34 32.40
CA GLN C 283 22.43 -38.12 33.40
C GLN C 283 21.47 -37.02 32.97
N THR C 284 21.99 -36.01 32.28
CA THR C 284 21.14 -34.92 31.83
C THR C 284 20.13 -35.47 30.83
N PHE C 285 20.61 -36.23 29.86
CA PHE C 285 19.70 -36.81 28.88
C PHE C 285 18.60 -37.64 29.56
N ASP C 286 18.95 -38.30 30.66
CA ASP C 286 17.97 -39.08 31.39
C ASP C 286 16.91 -38.10 31.86
N GLU C 287 17.35 -37.16 32.69
CA GLU C 287 16.50 -36.12 33.24
C GLU C 287 15.60 -35.53 32.17
N LEU C 288 16.18 -35.22 31.01
CA LEU C 288 15.44 -34.63 29.91
C LEU C 288 14.39 -35.58 29.33
N ASN C 289 14.68 -36.88 29.38
CA ASN C 289 13.72 -37.84 28.86
C ASN C 289 12.61 -38.03 29.86
N GLN C 290 12.98 -38.06 31.14
CA GLN C 290 11.99 -38.22 32.22
C GLN C 290 10.97 -37.11 32.03
N MET C 291 11.46 -35.95 31.59
CA MET C 291 10.62 -34.77 31.36
C MET C 291 9.76 -34.93 30.11
N LEU C 292 10.32 -35.64 29.12
CA LEU C 292 9.59 -35.90 27.89
C LEU C 292 8.51 -36.95 28.14
N ASP C 293 8.81 -37.94 28.98
CA ASP C 293 7.83 -38.95 29.30
C ASP C 293 6.67 -38.29 30.03
N ASN C 294 6.98 -37.50 31.05
CA ASN C 294 5.96 -36.77 31.82
C ASN C 294 5.09 -35.99 30.87
N MET C 295 5.72 -35.36 29.88
CA MET C 295 4.98 -34.59 28.89
C MET C 295 3.95 -35.47 28.22
N ARG C 296 4.38 -36.66 27.83
CA ARG C 296 3.53 -37.64 27.15
C ARG C 296 2.45 -38.22 28.07
N LYS C 297 2.86 -38.82 29.18
CA LYS C 297 1.94 -39.40 30.15
C LYS C 297 0.74 -38.49 30.41
N ALA C 298 0.96 -37.18 30.31
CA ALA C 298 -0.09 -36.20 30.56
C ALA C 298 -0.90 -35.89 29.32
N GLY C 299 -0.77 -36.74 28.30
CA GLY C 299 -1.53 -36.58 27.08
C GLY C 299 -0.79 -36.06 25.87
N LEU C 300 0.13 -35.13 26.12
CA LEU C 300 0.89 -34.52 25.06
C LEU C 300 1.49 -35.56 24.11
N VAL C 301 1.52 -35.21 22.81
CA VAL C 301 2.06 -36.10 21.78
C VAL C 301 2.85 -35.31 20.74
N ASP C 302 2.14 -34.44 20.00
CA ASP C 302 2.75 -33.61 18.98
C ASP C 302 3.95 -32.81 19.51
N ILE C 303 3.75 -32.03 20.58
CA ILE C 303 4.83 -31.25 21.18
C ILE C 303 6.06 -32.09 21.57
N PRO C 304 5.86 -33.20 22.28
CA PRO C 304 7.04 -34.01 22.66
C PRO C 304 7.88 -34.52 21.49
N LYS C 305 7.27 -34.70 20.33
CA LYS C 305 8.00 -35.17 19.17
C LYS C 305 8.90 -34.04 18.64
N MET C 306 8.33 -32.84 18.55
CA MET C 306 9.05 -31.66 18.04
C MET C 306 10.37 -31.51 18.78
N ILE C 307 10.37 -31.82 20.07
CA ILE C 307 11.60 -31.70 20.82
C ILE C 307 12.53 -32.90 20.54
N GLN C 308 11.92 -34.08 20.44
CA GLN C 308 12.67 -35.31 20.19
C GLN C 308 13.35 -35.18 18.83
N ASP C 309 12.61 -34.70 17.83
CA ASP C 309 13.20 -34.51 16.51
C ASP C 309 14.40 -33.60 16.74
N TRP C 310 14.13 -32.35 17.14
CA TRP C 310 15.18 -31.36 17.41
C TRP C 310 16.44 -31.94 18.07
N LEU C 311 16.24 -32.89 18.99
CA LEU C 311 17.35 -33.49 19.72
C LEU C 311 18.34 -34.35 18.95
N VAL C 312 18.06 -34.68 17.69
CA VAL C 312 18.98 -35.52 16.91
C VAL C 312 20.26 -34.77 16.65
N ASP C 313 20.13 -33.59 16.06
CA ASP C 313 21.28 -32.75 15.76
C ASP C 313 21.40 -31.58 16.74
N ARG C 314 20.27 -30.98 17.11
CA ARG C 314 20.26 -29.86 18.04
C ARG C 314 20.89 -28.63 17.41
N SER C 315 20.44 -28.26 16.22
CA SER C 315 21.02 -27.10 15.55
C SER C 315 20.43 -25.78 16.05
N ILE C 316 21.32 -24.86 16.41
CA ILE C 316 20.84 -23.57 16.87
C ILE C 316 19.98 -22.97 15.76
N GLU C 317 20.10 -23.48 14.55
CA GLU C 317 19.30 -22.95 13.45
C GLU C 317 17.88 -23.50 13.51
N LYS C 318 17.73 -24.66 14.11
CA LYS C 318 16.40 -25.26 14.23
C LYS C 318 15.91 -25.20 15.67
N PHE C 319 16.43 -24.20 16.40
CA PHE C 319 16.04 -24.00 17.80
C PHE C 319 14.81 -23.10 17.91
N PRO C 320 14.52 -22.30 16.87
CA PRO C 320 13.33 -21.44 16.95
C PRO C 320 12.05 -22.19 17.32
N LEU C 321 12.02 -23.50 17.11
CA LEU C 321 10.83 -24.29 17.43
C LEU C 321 10.75 -24.44 18.93
N MET C 322 11.85 -24.87 19.52
CA MET C 322 11.94 -25.06 20.96
C MET C 322 11.55 -23.78 21.68
N ALA C 323 12.07 -22.65 21.21
CA ALA C 323 11.77 -21.37 21.82
C ALA C 323 10.29 -21.11 21.67
N LYS C 324 9.76 -21.40 20.50
CA LYS C 324 8.36 -21.15 20.22
C LYS C 324 7.44 -21.87 21.19
N ILE C 325 7.77 -23.12 21.49
CA ILE C 325 6.97 -23.94 22.41
C ILE C 325 6.98 -23.29 23.79
N TYR C 326 8.20 -23.01 24.27
CA TYR C 326 8.44 -22.37 25.55
C TYR C 326 7.55 -21.12 25.72
N SER C 327 7.38 -20.34 24.67
CA SER C 327 6.57 -19.13 24.76
C SER C 327 5.09 -19.43 24.69
N TRP C 328 4.74 -20.50 23.98
CA TRP C 328 3.34 -20.86 23.86
C TRP C 328 2.80 -21.46 25.15
N SER C 329 3.66 -22.17 25.88
CA SER C 329 3.25 -22.82 27.13
C SER C 329 2.49 -21.88 28.03
N PHE C 330 2.85 -20.62 28.02
CA PHE C 330 2.18 -19.65 28.87
C PHE C 330 0.77 -19.18 28.49
N HIS C 331 0.40 -19.27 27.22
CA HIS C 331 -0.90 -18.78 26.81
C HIS C 331 -2.08 -19.68 27.16
N VAL C 332 -1.81 -20.68 27.99
CA VAL C 332 -2.87 -21.57 28.45
C VAL C 332 -3.71 -20.87 29.53
N GLY C 333 -3.18 -19.79 30.11
CA GLY C 333 -3.92 -19.05 31.13
C GLY C 333 -3.21 -19.06 32.47
N PHE C 334 -3.75 -18.34 33.44
CA PHE C 334 -3.12 -18.30 34.76
C PHE C 334 -3.58 -19.45 35.62
N ARG C 335 -2.78 -19.77 36.63
CA ARG C 335 -3.15 -20.84 37.54
C ARG C 335 -3.60 -20.17 38.85
N LYS C 336 -4.91 -19.96 38.99
CA LYS C 336 -5.47 -19.32 40.17
C LYS C 336 -6.09 -20.31 41.17
N GLN C 337 -5.29 -20.74 42.14
CA GLN C 337 -5.75 -21.67 43.17
C GLN C 337 -6.55 -20.99 44.31
N LYS C 338 -6.69 -21.67 45.44
CA LYS C 338 -7.40 -21.13 46.59
C LYS C 338 -6.34 -20.63 47.58
N MET C 339 -6.54 -19.45 48.12
CA MET C 339 -5.57 -18.87 49.04
C MET C 339 -4.99 -19.90 49.98
N LEU C 340 -5.84 -20.77 50.50
CA LEU C 340 -5.40 -21.76 51.45
C LEU C 340 -4.39 -22.75 50.87
N ASP C 341 -4.71 -23.28 49.71
CA ASP C 341 -3.79 -24.21 49.07
C ASP C 341 -2.51 -23.45 48.76
N ALA C 342 -2.68 -22.24 48.19
CA ALA C 342 -1.57 -21.34 47.83
C ALA C 342 -0.65 -21.12 49.02
N ALA C 343 -1.25 -21.00 50.19
CA ALA C 343 -0.49 -20.79 51.43
C ALA C 343 -0.01 -22.09 52.06
N LEU C 344 -0.71 -23.18 51.79
CA LEU C 344 -0.37 -24.47 52.37
C LEU C 344 0.91 -25.11 51.88
N ASP C 345 1.17 -24.97 50.58
CA ASP C 345 2.37 -25.55 49.95
C ASP C 345 3.65 -25.47 50.79
N GLN C 346 3.66 -24.59 51.78
CA GLN C 346 4.82 -24.44 52.66
C GLN C 346 5.09 -25.74 53.40
N GLU C 358 21.95 -25.11 61.51
CA GLU C 358 23.32 -25.11 62.00
C GLU C 358 24.36 -25.08 60.89
N MET C 359 23.94 -25.40 59.66
CA MET C 359 24.85 -25.37 58.52
C MET C 359 24.57 -24.08 57.76
N TYR C 360 23.63 -23.31 58.30
CA TYR C 360 23.23 -22.03 57.74
C TYR C 360 24.18 -20.97 58.26
N ARG C 361 24.98 -21.33 59.27
CA ARG C 361 25.90 -20.39 59.87
C ARG C 361 26.59 -19.54 58.82
N GLU C 362 27.06 -20.19 57.76
CA GLU C 362 27.74 -19.50 56.68
C GLU C 362 26.80 -18.56 55.95
N TYR C 363 25.68 -19.13 55.50
CA TYR C 363 24.66 -18.40 54.76
C TYR C 363 24.10 -17.16 55.48
N THR C 364 24.11 -17.16 56.81
CA THR C 364 23.61 -16.00 57.52
C THR C 364 24.72 -14.99 57.75
N MET C 365 25.95 -15.48 57.83
CA MET C 365 27.10 -14.58 58.03
C MET C 365 27.24 -13.69 56.79
N LEU C 366 27.07 -14.30 55.61
CA LEU C 366 27.17 -13.56 54.36
C LEU C 366 26.03 -12.56 54.20
N ILE C 367 24.81 -12.99 54.53
CA ILE C 367 23.68 -12.09 54.43
C ILE C 367 23.98 -10.90 55.33
N ARG C 368 24.43 -11.16 56.56
CA ARG C 368 24.75 -10.08 57.50
C ARG C 368 25.87 -9.17 56.99
N ASP C 369 26.91 -9.75 56.41
CA ASP C 369 28.01 -8.95 55.91
C ASP C 369 27.58 -8.11 54.73
N GLU C 370 26.58 -8.57 53.98
CA GLU C 370 26.09 -7.82 52.82
C GLU C 370 25.20 -6.67 53.24
N VAL C 371 24.51 -6.82 54.37
CA VAL C 371 23.62 -5.78 54.89
C VAL C 371 24.46 -4.65 55.46
N VAL C 372 25.66 -5.00 55.92
CA VAL C 372 26.58 -4.03 56.48
C VAL C 372 27.16 -3.20 55.33
N LYS C 373 27.94 -3.81 54.47
CA LYS C 373 28.56 -3.10 53.34
C LYS C 373 27.67 -2.04 52.71
N MET C 374 26.42 -2.41 52.48
CA MET C 374 25.46 -1.51 51.87
C MET C 374 25.16 -0.25 52.69
N LEU C 375 25.01 -0.40 54.01
CA LEU C 375 24.66 0.73 54.88
C LEU C 375 25.78 1.39 55.69
N GLU C 376 26.94 0.75 55.72
CA GLU C 376 28.08 1.23 56.47
C GLU C 376 28.28 2.74 56.30
N GLU C 377 28.80 3.14 55.14
CA GLU C 377 29.06 4.55 54.86
C GLU C 377 27.89 5.45 55.23
N PRO C 378 26.70 5.15 54.72
CA PRO C 378 25.54 5.97 55.05
C PRO C 378 25.41 6.18 56.56
N VAL C 379 25.58 5.09 57.30
CA VAL C 379 25.50 5.12 58.75
C VAL C 379 26.67 5.90 59.35
N LYS C 380 27.89 5.47 59.03
CA LYS C 380 29.08 6.13 59.53
C LYS C 380 29.07 7.64 59.34
N HIS C 381 28.59 8.12 58.20
CA HIS C 381 28.56 9.55 57.93
C HIS C 381 27.17 10.15 58.13
N ASP C 382 26.50 9.76 59.21
CA ASP C 382 25.15 10.26 59.51
C ASP C 382 24.41 10.80 58.29
N ASP C 383 24.22 9.94 57.28
CA ASP C 383 23.53 10.29 56.04
C ASP C 383 22.24 11.00 56.40
N HIS C 384 21.83 11.99 55.61
CA HIS C 384 20.60 12.68 55.97
C HIS C 384 19.38 11.79 55.77
N LEU C 385 19.35 11.03 54.67
CA LEU C 385 18.23 10.15 54.34
C LEU C 385 17.91 9.18 55.47
N LEU C 386 18.94 8.57 56.05
CA LEU C 386 18.76 7.64 57.16
C LEU C 386 18.16 8.34 58.39
N ARG C 387 18.43 9.64 58.54
CA ARG C 387 17.91 10.39 59.67
C ARG C 387 16.46 10.82 59.44
N ASP C 388 16.18 11.44 58.30
CA ASP C 388 14.82 11.88 58.00
C ASP C 388 14.04 10.80 57.25
N SER C 389 14.46 9.56 57.49
CA SER C 389 13.83 8.41 56.87
C SER C 389 12.34 8.41 57.11
N GLU C 390 11.89 8.91 58.25
CA GLU C 390 10.45 8.91 58.47
C GLU C 390 9.75 9.85 57.49
N LEU C 391 10.43 10.93 57.14
CA LEU C 391 9.83 11.87 56.20
C LEU C 391 9.91 11.25 54.81
N ALA C 392 11.02 10.55 54.55
CA ALA C 392 11.21 9.90 53.26
C ALA C 392 10.07 8.90 53.01
N GLY C 393 9.77 8.08 54.01
CA GLY C 393 8.69 7.12 53.87
C GLY C 393 7.36 7.80 53.59
N LEU C 394 7.07 8.86 54.32
CA LEU C 394 5.82 9.57 54.14
C LEU C 394 5.63 10.13 52.76
N LEU C 395 6.70 10.68 52.19
CA LEU C 395 6.62 11.28 50.88
C LEU C 395 6.48 10.25 49.78
N SER C 396 7.00 9.04 50.04
CA SER C 396 6.94 7.94 49.09
C SER C 396 5.71 7.03 49.25
N MET C 397 5.01 7.18 50.37
CA MET C 397 3.82 6.38 50.63
C MET C 397 2.90 6.38 49.42
N SER C 398 2.41 5.19 49.05
CA SER C 398 1.50 5.07 47.92
C SER C 398 0.08 5.13 48.49
N SER C 399 -0.92 4.95 47.63
CA SER C 399 -2.31 4.96 48.10
C SER C 399 -2.94 3.58 47.90
N ALA C 400 -2.12 2.57 48.19
CA ALA C 400 -2.54 1.17 48.10
C ALA C 400 -3.26 0.78 49.39
N SER C 401 -3.41 -0.52 49.62
CA SER C 401 -4.12 -0.96 50.82
C SER C 401 -3.27 -0.99 52.08
N ASN C 402 -3.95 -0.81 53.20
CA ASN C 402 -3.31 -0.80 54.50
C ASN C 402 -3.72 -2.10 55.22
N GLY C 403 -4.82 -2.70 54.76
CA GLY C 403 -5.28 -3.93 55.37
C GLY C 403 -6.72 -3.86 55.83
N GLU C 404 -6.96 -3.05 56.86
CA GLU C 404 -8.30 -2.89 57.43
C GLU C 404 -9.08 -1.87 56.62
N SER C 405 -10.40 -1.92 56.75
CA SER C 405 -11.28 -1.00 56.05
C SER C 405 -11.88 0.00 57.05
N ARG C 406 -11.07 0.98 57.45
CA ARG C 406 -11.48 2.01 58.40
C ARG C 406 -12.55 2.97 57.89
N GLN C 407 -13.31 3.54 58.81
CA GLN C 407 -14.36 4.51 58.48
C GLN C 407 -13.62 5.83 58.66
N LEU C 408 -13.76 6.74 57.70
CA LEU C 408 -13.04 7.99 57.79
C LEU C 408 -13.88 9.27 57.79
N LYS C 409 -13.38 10.26 58.52
CA LYS C 409 -14.03 11.55 58.65
C LYS C 409 -13.26 12.62 57.89
N PHE C 410 -13.85 13.05 56.78
CA PHE C 410 -13.26 14.10 55.95
C PHE C 410 -14.32 15.19 55.86
N GLY C 411 -13.95 16.37 56.34
CA GLY C 411 -14.87 17.49 56.33
C GLY C 411 -16.17 17.07 56.97
N ARG C 412 -17.26 17.27 56.26
CA ARG C 412 -18.59 16.93 56.75
C ARG C 412 -19.07 15.67 56.02
N LYS C 413 -18.17 14.70 55.90
CA LYS C 413 -18.46 13.44 55.23
C LYS C 413 -17.71 12.24 55.79
N THR C 414 -18.46 11.19 56.13
CA THR C 414 -17.89 9.96 56.66
C THR C 414 -18.03 8.85 55.63
N ILE C 415 -16.90 8.43 55.09
CA ILE C 415 -16.87 7.39 54.08
C ILE C 415 -15.85 6.34 54.53
N PHE C 416 -15.87 5.17 53.91
CA PHE C 416 -14.91 4.14 54.29
C PHE C 416 -13.87 3.93 53.19
N SER C 417 -12.67 3.54 53.59
CA SER C 417 -11.54 3.34 52.68
C SER C 417 -10.46 2.48 53.31
N THR C 418 -9.66 1.81 52.47
CA THR C 418 -8.59 0.95 52.94
C THR C 418 -7.22 1.55 52.61
N LYS C 419 -7.24 2.63 51.83
CA LYS C 419 -6.04 3.33 51.36
C LYS C 419 -5.08 3.90 52.40
N LYS C 420 -3.79 3.57 52.27
CA LYS C 420 -2.74 4.04 53.19
C LYS C 420 -2.70 5.56 53.33
N ASN C 421 -2.71 6.28 52.21
CA ASN C 421 -2.66 7.72 52.26
C ASN C 421 -3.85 8.22 53.08
N MET C 422 -4.98 7.51 52.98
CA MET C 422 -6.19 7.85 53.71
C MET C 422 -6.06 7.52 55.20
N HIS C 423 -5.34 6.45 55.52
CA HIS C 423 -5.16 6.05 56.90
C HIS C 423 -4.05 6.85 57.58
N VAL C 424 -3.04 7.28 56.82
CA VAL C 424 -1.96 8.06 57.44
C VAL C 424 -2.53 9.39 57.88
N MET C 425 -3.27 10.02 56.98
CA MET C 425 -3.90 11.29 57.27
C MET C 425 -4.76 11.17 58.53
N ASP C 426 -5.93 10.54 58.39
CA ASP C 426 -6.85 10.35 59.50
C ASP C 426 -6.11 10.08 60.82
N ASP C 427 -5.17 9.14 60.79
CA ASP C 427 -4.41 8.81 61.99
C ASP C 427 -3.70 10.00 62.63
N MET C 428 -3.10 10.86 61.81
CA MET C 428 -2.41 12.05 62.34
C MET C 428 -3.40 13.04 62.98
N ALA C 429 -4.49 13.32 62.29
CA ALA C 429 -5.51 14.23 62.78
C ALA C 429 -6.15 13.73 64.07
N ASN C 430 -5.61 12.67 64.66
CA ASN C 430 -6.16 12.11 65.88
C ASN C 430 -5.10 11.50 66.81
N GLU C 431 -3.93 12.14 66.86
CA GLU C 431 -2.86 11.67 67.73
C GLU C 431 -2.60 10.18 67.59
N ARG C 432 -3.22 9.53 66.60
CA ARG C 432 -3.04 8.08 66.41
C ARG C 432 -1.81 7.75 65.54
N TYR C 433 -1.32 8.73 64.78
CA TYR C 433 -0.15 8.51 63.95
C TYR C 433 1.03 8.21 64.85
N THR C 434 1.46 6.96 64.88
CA THR C 434 2.57 6.57 65.73
C THR C 434 3.54 5.55 65.09
N PRO C 435 4.45 6.04 64.25
CA PRO C 435 5.42 5.17 63.57
C PRO C 435 6.47 4.63 64.51
N GLY C 436 6.45 5.13 65.74
CA GLY C 436 7.42 4.67 66.73
C GLY C 436 7.02 3.28 67.16
N ILE C 437 5.74 3.00 66.99
CA ILE C 437 5.20 1.70 67.34
C ILE C 437 4.91 0.89 66.08
N ILE C 438 5.73 -0.14 65.87
CA ILE C 438 5.58 -1.04 64.74
C ILE C 438 4.64 -2.20 65.11
N PRO C 439 3.36 -2.07 64.73
CA PRO C 439 2.28 -3.02 64.97
C PRO C 439 2.74 -4.44 64.95
N PRO C 440 2.07 -5.31 65.71
CA PRO C 440 2.45 -6.72 65.72
C PRO C 440 1.74 -7.37 64.53
N VAL C 441 2.23 -8.51 64.09
CA VAL C 441 1.61 -9.20 62.97
C VAL C 441 1.43 -10.66 63.35
N ASN C 442 1.26 -10.91 64.64
CA ASN C 442 1.10 -12.28 65.13
C ASN C 442 -0.37 -12.69 65.25
N VAL C 443 -0.61 -13.71 66.07
CA VAL C 443 -1.95 -14.24 66.29
C VAL C 443 -2.99 -13.18 66.68
N ASP C 444 -2.52 -12.13 67.33
CA ASP C 444 -3.40 -11.05 67.77
C ASP C 444 -3.72 -10.04 66.67
N LYS C 445 -2.82 -9.91 65.70
CA LYS C 445 -3.05 -8.98 64.60
C LYS C 445 -2.55 -9.60 63.31
N PRO C 446 -3.24 -10.67 62.85
CA PRO C 446 -2.93 -11.42 61.63
C PRO C 446 -2.85 -10.53 60.41
N ILE C 447 -1.98 -10.91 59.49
CA ILE C 447 -1.75 -10.17 58.24
C ILE C 447 -2.82 -10.45 57.19
N PRO C 448 -3.51 -9.40 56.70
CA PRO C 448 -4.55 -9.58 55.67
C PRO C 448 -3.76 -10.02 54.45
N LEU C 449 -4.26 -11.01 53.70
CA LEU C 449 -3.51 -11.51 52.56
C LEU C 449 -3.84 -11.01 51.17
N GLY C 450 -2.85 -11.19 50.30
CA GLY C 450 -2.98 -10.79 48.91
C GLY C 450 -2.42 -11.96 48.11
N ARG C 451 -2.63 -11.95 46.80
CA ARG C 451 -2.14 -13.04 45.98
C ARG C 451 -1.37 -12.58 44.75
N ARG C 452 -0.63 -13.52 44.19
CA ARG C 452 0.17 -13.30 43.00
C ARG C 452 -0.07 -14.48 42.05
N ASP C 453 -0.78 -14.21 40.95
CA ASP C 453 -1.12 -15.22 39.95
C ASP C 453 -0.29 -15.06 38.68
N VAL C 454 0.32 -16.16 38.25
CA VAL C 454 1.17 -16.19 37.06
C VAL C 454 0.91 -17.45 36.26
N PRO C 455 1.04 -17.38 34.92
CA PRO C 455 0.81 -18.60 34.14
C PRO C 455 1.95 -19.57 34.41
N GLY C 456 1.63 -20.80 34.77
CA GLY C 456 2.67 -21.78 35.02
C GLY C 456 2.90 -22.20 36.45
N ARG C 457 3.40 -21.29 37.28
CA ARG C 457 3.67 -21.58 38.67
C ARG C 457 2.39 -21.48 39.50
N ARG C 458 2.40 -22.08 40.68
CA ARG C 458 1.24 -22.03 41.58
C ARG C 458 1.13 -20.67 42.25
N THR C 459 -0.09 -20.28 42.57
CA THR C 459 -0.33 -19.01 43.23
C THR C 459 0.52 -18.84 44.49
N ARG C 460 0.86 -17.60 44.80
CA ARG C 460 1.66 -17.26 45.98
C ARG C 460 0.95 -16.19 46.79
N ILE C 461 1.08 -16.25 48.10
CA ILE C 461 0.41 -15.25 48.92
C ILE C 461 1.27 -13.99 49.12
N ILE C 462 0.60 -12.93 49.52
CA ILE C 462 1.28 -11.66 49.74
C ILE C 462 0.76 -10.93 50.97
N PHE C 463 1.69 -10.50 51.82
CA PHE C 463 1.37 -9.75 53.04
C PHE C 463 0.97 -8.32 52.76
N ILE C 464 -0.23 -7.93 53.14
CA ILE C 464 -0.62 -6.55 52.97
C ILE C 464 -0.38 -5.91 54.35
N LEU C 465 0.89 -5.74 54.72
CA LEU C 465 1.29 -5.17 56.00
C LEU C 465 0.83 -3.73 56.22
N PRO C 466 0.79 -3.29 57.50
CA PRO C 466 0.39 -1.93 57.90
C PRO C 466 1.43 -0.92 57.40
N TYR C 467 0.99 0.31 57.15
CA TYR C 467 1.87 1.35 56.65
C TYR C 467 3.10 1.63 57.53
N GLU C 468 3.03 1.24 58.79
CA GLU C 468 4.14 1.46 59.69
C GLU C 468 5.36 0.70 59.21
N TYR C 469 5.11 -0.37 58.46
CA TYR C 469 6.16 -1.23 57.93
C TYR C 469 6.88 -0.64 56.69
N PHE C 470 6.16 0.13 55.88
CA PHE C 470 6.75 0.76 54.71
C PHE C 470 7.72 1.83 55.19
N ILE C 471 7.18 2.79 55.94
CA ILE C 471 7.93 3.89 56.49
C ILE C 471 9.22 3.46 57.19
N ALA C 472 9.13 2.40 57.98
CA ALA C 472 10.29 1.94 58.71
C ALA C 472 11.34 1.31 57.81
N GLN C 473 10.94 1.00 56.58
CA GLN C 473 11.84 0.35 55.64
C GLN C 473 12.23 1.16 54.41
N HIS C 474 11.35 2.02 53.94
CA HIS C 474 11.63 2.84 52.77
C HIS C 474 13.06 3.33 52.59
N ALA C 475 13.53 4.21 53.47
CA ALA C 475 14.89 4.76 53.38
C ALA C 475 16.06 3.77 53.40
N VAL C 476 16.05 2.81 54.32
CA VAL C 476 17.16 1.84 54.36
C VAL C 476 17.21 0.96 53.11
N VAL C 477 16.03 0.67 52.56
CA VAL C 477 15.92 -0.15 51.36
C VAL C 477 16.59 0.61 50.23
N GLU C 478 16.17 1.86 50.05
CA GLU C 478 16.72 2.70 49.01
C GLU C 478 18.25 2.84 49.10
N LYS C 479 18.78 2.78 50.32
CA LYS C 479 20.23 2.91 50.49
C LYS C 479 20.95 1.67 50.03
N MET C 480 20.25 0.54 50.06
CA MET C 480 20.80 -0.74 49.65
C MET C 480 20.73 -0.81 48.14
N LEU C 481 19.58 -0.41 47.61
CA LEU C 481 19.38 -0.41 46.16
C LEU C 481 20.48 0.41 45.48
N ILE C 482 20.98 1.45 46.17
CA ILE C 482 22.05 2.28 45.61
C ILE C 482 23.32 1.46 45.57
N TYR C 483 23.61 0.75 46.64
CA TYR C 483 24.80 -0.09 46.68
C TYR C 483 24.68 -1.11 45.54
N ALA C 484 23.45 -1.53 45.28
CA ALA C 484 23.19 -2.50 44.23
C ALA C 484 23.44 -1.84 42.89
N LYS C 485 22.94 -0.62 42.72
CA LYS C 485 23.11 0.12 41.48
C LYS C 485 24.52 0.03 40.93
N HIS C 486 25.51 -0.04 41.81
CA HIS C 486 26.89 -0.09 41.35
C HIS C 486 27.68 -1.33 41.76
N THR C 487 26.95 -2.41 42.05
CA THR C 487 27.56 -3.69 42.39
C THR C 487 27.11 -4.60 41.26
N ARG C 488 28.05 -5.10 40.47
CA ARG C 488 27.69 -5.92 39.33
C ARG C 488 27.00 -7.22 39.61
N GLU C 489 27.28 -7.84 40.76
CA GLU C 489 26.64 -9.10 41.14
C GLU C 489 25.12 -8.99 41.12
N TYR C 490 24.60 -7.79 41.31
CA TYR C 490 23.15 -7.58 41.29
C TYR C 490 22.66 -7.17 39.89
N ALA C 491 22.64 -8.16 39.00
CA ALA C 491 22.22 -7.97 37.62
C ALA C 491 21.02 -7.05 37.43
N GLU C 492 19.93 -7.34 38.12
CA GLU C 492 18.72 -6.53 38.02
C GLU C 492 18.86 -5.04 38.36
N PHE C 493 19.86 -4.68 39.16
CA PHE C 493 20.03 -3.28 39.59
C PHE C 493 21.23 -2.50 39.05
N TYR C 494 22.28 -3.21 38.62
CA TYR C 494 23.49 -2.56 38.14
C TYR C 494 23.38 -1.52 37.03
N SER C 495 23.76 -0.29 37.36
CA SER C 495 23.76 0.85 36.44
C SER C 495 22.44 1.03 35.68
N GLN C 496 22.52 1.69 34.52
CA GLN C 496 21.35 1.92 33.68
C GLN C 496 21.31 0.79 32.64
N SER C 497 21.62 -0.44 33.08
CA SER C 497 21.70 -1.61 32.22
C SER C 497 20.42 -2.30 31.87
N ASN C 498 20.37 -2.82 30.64
CA ASN C 498 19.21 -3.58 30.18
C ASN C 498 19.66 -5.04 30.18
N GLN C 499 18.82 -5.94 29.69
CA GLN C 499 19.20 -7.35 29.73
C GLN C 499 20.29 -7.77 28.76
N LEU C 500 20.53 -6.96 27.73
CA LEU C 500 21.57 -7.34 26.79
C LEU C 500 22.93 -7.40 27.46
N LEU C 501 23.11 -6.60 28.51
CA LEU C 501 24.39 -6.60 29.21
C LEU C 501 24.65 -7.93 29.89
N SER C 502 23.68 -8.39 30.67
CA SER C 502 23.78 -9.66 31.39
C SER C 502 24.00 -10.82 30.42
N TYR C 503 23.47 -10.66 29.21
CA TYR C 503 23.60 -11.64 28.15
C TYR C 503 25.06 -11.80 27.78
N GLY C 504 25.72 -10.67 27.63
CA GLY C 504 27.12 -10.68 27.26
C GLY C 504 28.06 -11.04 28.40
N ASP C 505 27.69 -10.69 29.63
CA ASP C 505 28.55 -11.02 30.75
C ASP C 505 28.74 -12.52 30.88
N VAL C 506 27.74 -13.32 30.47
CA VAL C 506 27.89 -14.77 30.55
C VAL C 506 28.72 -15.26 29.38
N THR C 507 28.20 -15.11 28.16
CA THR C 507 28.89 -15.52 26.95
C THR C 507 30.35 -15.08 26.94
N ARG C 508 30.68 -14.07 27.72
CA ARG C 508 32.04 -13.55 27.78
C ARG C 508 33.11 -14.59 28.13
N PHE C 509 33.17 -14.98 29.39
CA PHE C 509 34.17 -15.94 29.86
C PHE C 509 34.00 -17.40 29.41
N LEU C 510 32.96 -17.67 28.61
CA LEU C 510 32.74 -19.04 28.14
C LEU C 510 33.86 -19.57 27.24
N SER C 511 34.13 -20.86 27.38
CA SER C 511 35.15 -21.53 26.60
C SER C 511 35.24 -23.02 26.97
N ASN C 512 36.20 -23.72 26.35
CA ASN C 512 36.38 -25.14 26.58
C ASN C 512 36.89 -25.51 27.96
N ASN C 513 37.20 -24.52 28.80
CA ASN C 513 37.70 -24.85 30.13
C ASN C 513 36.94 -24.16 31.26
N THR C 514 35.68 -23.86 31.00
CA THR C 514 34.80 -23.23 32.00
C THR C 514 33.40 -23.86 31.91
N MET C 515 32.58 -23.61 32.93
CA MET C 515 31.22 -24.14 32.93
C MET C 515 30.27 -23.23 33.72
N VAL C 516 29.16 -22.87 33.09
CA VAL C 516 28.19 -22.01 33.73
C VAL C 516 27.24 -22.82 34.62
N LEU C 517 26.95 -22.29 35.81
CA LEU C 517 26.08 -22.96 36.79
C LEU C 517 24.86 -22.12 37.14
N TYR C 518 23.69 -22.47 36.59
CA TYR C 518 22.48 -21.72 36.90
C TYR C 518 21.55 -22.41 37.92
N THR C 519 20.75 -21.64 38.62
CA THR C 519 19.86 -22.20 39.64
C THR C 519 18.60 -21.39 39.88
N ASP C 520 17.47 -22.08 39.85
CA ASP C 520 16.19 -21.47 40.11
C ASP C 520 16.05 -21.69 41.61
N VAL C 521 15.75 -20.63 42.35
CA VAL C 521 15.62 -20.75 43.80
C VAL C 521 14.34 -20.14 44.33
N SER C 522 13.34 -20.07 43.48
CA SER C 522 12.04 -19.51 43.86
C SER C 522 11.40 -20.29 45.02
N GLN C 523 11.74 -21.58 45.10
CA GLN C 523 11.21 -22.45 46.14
C GLN C 523 11.95 -22.29 47.45
N TRP C 524 13.17 -21.78 47.40
CA TRP C 524 13.95 -21.60 48.61
C TRP C 524 13.49 -20.38 49.40
N ASP C 525 13.19 -19.31 48.68
CA ASP C 525 12.76 -18.07 49.30
C ASP C 525 11.43 -18.19 50.02
N SER C 526 10.64 -19.19 49.66
CA SER C 526 9.35 -19.40 50.31
C SER C 526 9.48 -20.49 51.38
N SER C 527 10.56 -21.25 51.30
CA SER C 527 10.83 -22.34 52.25
C SER C 527 10.93 -21.85 53.69
N GLN C 528 10.26 -22.56 54.60
CA GLN C 528 10.28 -22.21 56.01
C GLN C 528 11.68 -22.33 56.58
N HIS C 529 12.53 -23.11 55.93
CA HIS C 529 13.89 -23.29 56.41
C HIS C 529 14.65 -21.97 56.32
N ASN C 530 14.42 -21.23 55.25
CA ASN C 530 15.10 -19.95 55.02
C ASN C 530 14.72 -18.83 55.98
N THR C 531 13.42 -18.66 56.20
CA THR C 531 12.92 -17.59 57.05
C THR C 531 13.69 -17.26 58.33
N GLN C 532 14.40 -18.21 58.91
CA GLN C 532 15.15 -17.88 60.13
C GLN C 532 16.50 -17.25 59.81
N PRO C 533 17.39 -17.96 59.10
CA PRO C 533 18.71 -17.40 58.77
C PRO C 533 18.58 -16.09 58.01
N PHE C 534 17.44 -15.89 57.36
CA PHE C 534 17.18 -14.69 56.58
C PHE C 534 17.00 -13.49 57.51
N ARG C 535 15.88 -13.46 58.21
CA ARG C 535 15.59 -12.36 59.14
C ARG C 535 16.71 -12.21 60.14
N LYS C 536 17.36 -13.30 60.50
CA LYS C 536 18.43 -13.22 61.47
C LYS C 536 19.64 -12.46 60.95
N GLY C 537 20.09 -12.81 59.75
CA GLY C 537 21.25 -12.16 59.17
C GLY C 537 21.06 -10.67 59.01
N ILE C 538 19.83 -10.24 58.69
CA ILE C 538 19.56 -8.82 58.52
C ILE C 538 19.69 -8.15 59.88
N ILE C 539 18.94 -8.65 60.85
CA ILE C 539 18.96 -8.12 62.22
C ILE C 539 20.39 -8.08 62.75
N MET C 540 21.10 -9.19 62.62
CA MET C 540 22.48 -9.25 63.09
C MET C 540 23.25 -8.10 62.45
N GLY C 541 23.04 -7.93 61.15
CA GLY C 541 23.72 -6.87 60.42
C GLY C 541 23.31 -5.49 60.93
N LEU C 542 22.01 -5.28 61.06
CA LEU C 542 21.48 -4.02 61.56
C LEU C 542 22.11 -3.69 62.91
N ASP C 543 22.47 -4.71 63.68
CA ASP C 543 23.10 -4.50 64.98
C ASP C 543 24.46 -3.84 64.82
N ILE C 544 25.30 -4.47 64.00
CA ILE C 544 26.64 -3.94 63.72
C ILE C 544 26.53 -2.47 63.33
N LEU C 545 25.61 -2.16 62.43
CA LEU C 545 25.40 -0.78 61.99
C LEU C 545 25.07 0.10 63.18
N ALA C 546 24.11 -0.33 63.98
CA ALA C 546 23.68 0.42 65.16
C ALA C 546 24.88 0.76 66.05
N ASN C 547 25.88 -0.13 66.07
CA ASN C 547 27.07 0.11 66.87
C ASN C 547 28.04 1.04 66.18
N MET C 548 27.67 1.55 65.01
CA MET C 548 28.56 2.43 64.25
C MET C 548 28.17 3.90 64.32
N THR C 549 27.32 4.27 65.25
CA THR C 549 26.92 5.66 65.38
C THR C 549 26.26 5.93 66.71
N ASN C 550 25.88 7.18 66.93
CA ASN C 550 25.22 7.59 68.17
C ASN C 550 24.09 8.53 67.80
N ASP C 551 23.96 8.79 66.50
CA ASP C 551 22.94 9.68 65.98
C ASP C 551 21.56 9.16 66.37
N ALA C 552 20.82 9.96 67.15
CA ALA C 552 19.48 9.56 67.59
C ALA C 552 18.62 9.21 66.38
N LYS C 553 18.67 10.05 65.34
CA LYS C 553 17.90 9.80 64.13
C LYS C 553 18.22 8.45 63.52
N VAL C 554 19.48 8.24 63.17
CA VAL C 554 19.89 6.99 62.58
C VAL C 554 19.47 5.78 63.40
N LEU C 555 19.88 5.74 64.66
CA LEU C 555 19.55 4.61 65.54
C LEU C 555 18.06 4.31 65.55
N GLN C 556 17.24 5.33 65.63
CA GLN C 556 15.81 5.13 65.64
C GLN C 556 15.27 4.39 64.39
N THR C 557 15.63 4.87 63.21
CA THR C 557 15.16 4.25 61.95
C THR C 557 15.91 2.95 61.68
N LEU C 558 17.12 2.86 62.20
CA LEU C 558 17.94 1.66 62.02
C LEU C 558 17.32 0.61 62.94
N ASN C 559 16.83 1.08 64.09
CA ASN C 559 16.19 0.24 65.11
C ASN C 559 14.81 -0.24 64.66
N LEU C 560 13.95 0.70 64.29
CA LEU C 560 12.62 0.35 63.82
C LEU C 560 12.69 -0.66 62.68
N TYR C 561 13.84 -0.72 62.00
CA TYR C 561 13.98 -1.66 60.91
C TYR C 561 14.16 -3.01 61.58
N LYS C 562 15.05 -3.07 62.56
CA LYS C 562 15.29 -4.31 63.29
C LYS C 562 13.98 -4.82 63.86
N GLN C 563 13.08 -3.90 64.16
CA GLN C 563 11.81 -4.27 64.75
C GLN C 563 10.91 -5.09 63.82
N THR C 564 10.75 -4.65 62.58
CA THR C 564 9.89 -5.36 61.65
C THR C 564 10.49 -6.72 61.32
N GLN C 565 11.81 -6.83 61.45
CA GLN C 565 12.46 -8.10 61.16
C GLN C 565 12.29 -9.11 62.28
N ILE C 566 11.49 -8.73 63.28
CA ILE C 566 11.23 -9.60 64.42
C ILE C 566 9.74 -9.92 64.44
N ASN C 567 8.92 -8.88 64.40
CA ASN C 567 7.47 -9.07 64.38
C ASN C 567 7.12 -10.09 63.31
N LEU C 568 7.92 -10.12 62.24
CA LEU C 568 7.68 -11.03 61.12
C LEU C 568 8.21 -12.44 61.30
N MET C 569 9.10 -12.64 62.27
CA MET C 569 9.66 -13.97 62.55
C MET C 569 8.51 -14.92 62.87
N ASP C 570 7.65 -14.53 63.82
CA ASP C 570 6.50 -15.32 64.22
C ASP C 570 5.24 -14.59 63.76
N SER C 571 4.92 -14.74 62.48
CA SER C 571 3.77 -14.07 61.87
C SER C 571 2.52 -14.94 61.66
N TYR C 572 1.36 -14.31 61.73
CA TYR C 572 0.09 -15.01 61.54
C TYR C 572 -0.66 -14.38 60.37
N VAL C 573 -1.25 -15.24 59.57
CA VAL C 573 -1.93 -14.83 58.35
C VAL C 573 -3.43 -15.07 58.30
N GLN C 574 -4.15 -14.18 57.62
CA GLN C 574 -5.60 -14.26 57.48
C GLN C 574 -6.06 -14.88 56.17
N ILE C 575 -6.02 -16.22 56.10
CA ILE C 575 -6.43 -16.96 54.92
C ILE C 575 -7.93 -17.14 54.87
N PRO C 576 -8.58 -16.73 53.79
CA PRO C 576 -10.03 -16.94 53.78
C PRO C 576 -10.25 -18.40 53.37
N ASP C 577 -11.08 -19.13 54.12
CA ASP C 577 -11.39 -20.53 53.83
C ASP C 577 -12.91 -20.64 53.74
N GLY C 578 -13.46 -20.08 52.66
CA GLY C 578 -14.89 -20.08 52.45
C GLY C 578 -15.35 -18.64 52.53
N ASN C 579 -16.18 -18.35 53.53
CA ASN C 579 -16.68 -17.00 53.75
C ASN C 579 -16.31 -16.77 55.20
N VAL C 580 -15.30 -17.53 55.60
CA VAL C 580 -14.75 -17.53 56.94
C VAL C 580 -13.31 -17.10 56.77
N ILE C 581 -12.71 -16.53 57.81
CA ILE C 581 -11.32 -16.11 57.70
C ILE C 581 -10.47 -16.74 58.79
N LYS C 582 -10.05 -17.97 58.57
CA LYS C 582 -9.22 -18.67 59.54
C LYS C 582 -7.91 -17.95 59.75
N LYS C 583 -7.36 -18.04 60.96
CA LYS C 583 -6.10 -17.40 61.27
C LYS C 583 -5.06 -18.49 61.46
N ILE C 584 -4.19 -18.71 60.49
CA ILE C 584 -3.17 -19.75 60.68
C ILE C 584 -1.80 -19.11 60.89
N GLN C 585 -0.86 -19.89 61.40
CA GLN C 585 0.48 -19.39 61.68
C GLN C 585 1.37 -19.55 60.45
N TYR C 586 1.94 -18.44 59.99
CA TYR C 586 2.82 -18.45 58.82
C TYR C 586 4.30 -18.45 59.20
N GLY C 587 5.02 -19.46 58.74
CA GLY C 587 6.43 -19.57 59.06
C GLY C 587 7.35 -19.49 57.86
N ALA C 588 6.94 -18.72 56.87
CA ALA C 588 7.73 -18.55 55.67
C ALA C 588 7.79 -17.07 55.33
N VAL C 589 8.72 -16.70 54.45
CA VAL C 589 8.82 -15.31 54.06
C VAL C 589 7.95 -15.03 52.85
N ALA C 590 6.82 -14.38 53.08
CA ALA C 590 5.93 -14.04 51.98
C ALA C 590 6.48 -12.71 51.49
N SER C 591 5.80 -12.05 50.56
CA SER C 591 6.35 -10.82 50.11
C SER C 591 5.33 -9.69 50.11
N GLY C 592 5.72 -8.57 50.72
CA GLY C 592 4.84 -7.42 50.80
C GLY C 592 5.64 -6.26 51.34
N GLU C 593 6.78 -6.58 51.93
CA GLU C 593 7.69 -5.61 52.50
C GLU C 593 8.27 -4.73 51.41
N LYS C 594 9.07 -3.75 51.83
CA LYS C 594 9.75 -2.84 50.94
C LYS C 594 11.07 -3.53 50.60
N GLN C 595 11.61 -4.30 51.55
CA GLN C 595 12.88 -5.00 51.32
C GLN C 595 12.77 -6.29 50.51
N THR C 596 11.55 -6.67 50.11
CA THR C 596 11.31 -7.89 49.35
C THR C 596 12.34 -8.12 48.25
N LYS C 597 12.32 -7.29 47.20
CA LYS C 597 13.27 -7.45 46.12
C LYS C 597 14.72 -7.34 46.56
N ALA C 598 15.09 -6.28 47.27
CA ALA C 598 16.49 -6.15 47.69
C ALA C 598 16.97 -7.33 48.52
N ALA C 599 16.25 -7.57 49.61
CA ALA C 599 16.58 -8.65 50.55
C ALA C 599 16.67 -9.99 49.85
N ASN C 600 15.70 -10.25 48.98
CA ASN C 600 15.72 -11.50 48.26
C ASN C 600 17.00 -11.57 47.42
N SER C 601 17.36 -10.45 46.78
CA SER C 601 18.58 -10.41 45.99
C SER C 601 19.75 -10.71 46.89
N ILE C 602 19.83 -9.98 48.00
CA ILE C 602 20.91 -10.18 48.95
C ILE C 602 20.99 -11.68 49.32
N ALA C 603 19.88 -12.20 49.82
CA ALA C 603 19.78 -13.59 50.23
C ALA C 603 20.17 -14.56 49.14
N ASN C 604 19.52 -14.48 47.97
CA ASN C 604 19.83 -15.39 46.88
C ASN C 604 21.31 -15.42 46.52
N LEU C 605 21.97 -14.27 46.60
CA LEU C 605 23.40 -14.20 46.29
C LEU C 605 24.20 -14.83 47.41
N ALA C 606 23.83 -14.50 48.66
CA ALA C 606 24.50 -15.05 49.82
C ALA C 606 24.52 -16.57 49.68
N LEU C 607 23.42 -17.09 49.14
CA LEU C 607 23.24 -18.51 48.93
C LEU C 607 24.27 -19.16 47.98
N ILE C 608 24.26 -18.73 46.72
CA ILE C 608 25.19 -19.30 45.75
C ILE C 608 26.60 -19.20 46.29
N LYS C 609 26.92 -18.09 46.93
CA LYS C 609 28.25 -17.92 47.50
C LYS C 609 28.50 -19.09 48.44
N THR C 610 27.51 -19.37 49.27
CA THR C 610 27.56 -20.46 50.24
C THR C 610 27.76 -21.80 49.55
N VAL C 611 27.02 -22.02 48.47
CA VAL C 611 27.12 -23.26 47.71
C VAL C 611 28.49 -23.40 47.06
N LEU C 612 28.84 -22.45 46.20
CA LEU C 612 30.13 -22.49 45.53
C LEU C 612 31.27 -22.66 46.52
N SER C 613 31.25 -21.89 47.60
CA SER C 613 32.29 -22.00 48.61
C SER C 613 32.51 -23.45 49.08
N ARG C 614 31.40 -24.16 49.33
CA ARG C 614 31.45 -25.54 49.80
C ARG C 614 31.98 -26.56 48.78
N ILE C 615 31.56 -26.44 47.53
CA ILE C 615 32.00 -27.37 46.50
C ILE C 615 33.47 -27.23 46.12
N SER C 616 34.10 -26.15 46.52
CA SER C 616 35.51 -25.93 46.19
C SER C 616 36.41 -26.87 46.98
N ASN C 617 35.89 -27.45 48.05
CA ASN C 617 36.65 -28.37 48.88
C ASN C 617 37.09 -29.57 48.06
N LYS C 618 36.26 -29.95 47.10
CA LYS C 618 36.57 -31.08 46.27
C LYS C 618 37.22 -30.62 44.98
N HIS C 619 36.50 -29.86 44.15
CA HIS C 619 37.05 -29.40 42.88
C HIS C 619 37.60 -27.98 43.02
N SER C 620 38.63 -27.67 42.23
CA SER C 620 39.26 -26.36 42.27
C SER C 620 38.99 -25.60 40.96
N PHE C 621 38.33 -24.46 41.07
CA PHE C 621 37.97 -23.63 39.92
C PHE C 621 38.15 -22.16 40.23
N ALA C 622 37.75 -21.30 39.29
CA ALA C 622 37.86 -19.85 39.49
C ALA C 622 36.51 -19.20 39.22
N THR C 623 36.22 -18.12 39.93
CA THR C 623 34.93 -17.46 39.73
C THR C 623 35.01 -16.24 38.81
N LYS C 624 34.72 -16.49 37.53
CA LYS C 624 34.74 -15.44 36.54
C LYS C 624 33.62 -14.48 36.84
N ILE C 625 32.44 -14.99 37.15
CA ILE C 625 31.34 -14.10 37.49
C ILE C 625 30.35 -14.77 38.43
N ILE C 626 29.74 -13.96 39.30
CA ILE C 626 28.70 -14.47 40.20
C ILE C 626 27.56 -13.50 40.00
N ARG C 627 26.34 -14.02 39.92
CA ARG C 627 25.19 -13.17 39.70
C ARG C 627 23.92 -13.66 40.36
N VAL C 628 23.06 -12.71 40.71
CA VAL C 628 21.77 -12.96 41.32
C VAL C 628 20.86 -12.06 40.52
N ASP C 629 19.73 -12.56 40.04
CA ASP C 629 18.83 -11.73 39.24
C ASP C 629 17.42 -12.24 39.38
N GLY C 630 16.67 -11.67 40.32
CA GLY C 630 15.31 -12.11 40.53
C GLY C 630 15.37 -13.41 41.30
N ASP C 631 14.57 -14.39 40.88
CA ASP C 631 14.51 -15.69 41.57
C ASP C 631 15.51 -16.76 41.08
N ASP C 632 16.51 -16.32 40.32
CA ASP C 632 17.53 -17.21 39.78
C ASP C 632 18.87 -16.67 40.27
N ASN C 633 19.91 -17.48 40.21
CA ASN C 633 21.24 -17.03 40.62
C ASN C 633 22.21 -17.92 39.87
N TYR C 634 23.20 -17.33 39.23
CA TYR C 634 24.15 -18.15 38.47
C TYR C 634 25.59 -17.69 38.60
N ALA C 635 26.50 -18.53 38.14
CA ALA C 635 27.90 -18.19 38.20
C ALA C 635 28.60 -18.92 37.07
N VAL C 636 29.77 -18.41 36.69
CA VAL C 636 30.58 -19.01 35.63
C VAL C 636 31.91 -19.38 36.24
N LEU C 637 32.14 -20.68 36.40
CA LEU C 637 33.39 -21.16 36.98
C LEU C 637 34.36 -21.57 35.90
N GLN C 638 35.65 -21.51 36.22
CA GLN C 638 36.71 -21.86 35.27
C GLN C 638 37.67 -22.83 35.93
N PHE C 639 38.02 -23.88 35.20
CA PHE C 639 38.94 -24.90 35.71
C PHE C 639 40.31 -24.78 35.04
N ASN C 640 41.28 -25.50 35.59
CA ASN C 640 42.65 -25.50 35.05
C ASN C 640 42.82 -26.49 33.91
N THR C 641 41.89 -27.42 33.80
CA THR C 641 41.90 -28.44 32.76
C THR C 641 40.65 -28.37 31.89
N GLU C 642 40.73 -28.93 30.68
CA GLU C 642 39.58 -28.93 29.81
C GLU C 642 38.45 -29.67 30.51
N VAL C 643 37.23 -29.18 30.36
CA VAL C 643 36.06 -29.79 30.99
C VAL C 643 35.53 -31.00 30.22
N THR C 644 35.06 -32.00 30.97
CA THR C 644 34.51 -33.21 30.38
C THR C 644 33.17 -33.58 31.02
N LYS C 645 32.39 -34.36 30.28
CA LYS C 645 31.08 -34.82 30.75
C LYS C 645 31.14 -35.27 32.20
N GLN C 646 32.21 -35.99 32.54
CA GLN C 646 32.38 -36.49 33.90
C GLN C 646 32.61 -35.35 34.90
N MET C 647 33.40 -34.35 34.50
CA MET C 647 33.65 -33.21 35.37
C MET C 647 32.34 -32.49 35.63
N ILE C 648 31.54 -32.32 34.58
CA ILE C 648 30.26 -31.63 34.74
C ILE C 648 29.37 -32.38 35.73
N GLN C 649 29.23 -33.70 35.54
CA GLN C 649 28.40 -34.53 36.41
C GLN C 649 28.80 -34.31 37.87
N ASP C 650 30.08 -34.46 38.18
CA ASP C 650 30.57 -34.28 39.54
C ASP C 650 30.21 -32.92 40.13
N VAL C 651 30.57 -31.83 39.43
CA VAL C 651 30.26 -30.49 39.94
C VAL C 651 28.76 -30.43 40.18
N SER C 652 27.98 -30.74 39.14
CA SER C 652 26.53 -30.75 39.22
C SER C 652 25.98 -31.54 40.42
N ASN C 653 26.65 -32.63 40.78
CA ASN C 653 26.20 -33.44 41.90
C ASN C 653 26.50 -32.76 43.22
N ASP C 654 27.78 -32.48 43.45
CA ASP C 654 28.19 -31.83 44.69
C ASP C 654 27.36 -30.56 44.93
N VAL C 655 26.98 -29.88 43.86
CA VAL C 655 26.17 -28.68 43.99
C VAL C 655 24.80 -29.04 44.52
N ARG C 656 24.05 -29.80 43.73
CA ARG C 656 22.71 -30.23 44.12
C ARG C 656 22.70 -30.88 45.49
N GLU C 657 23.78 -31.59 45.80
CA GLU C 657 23.93 -32.25 47.08
C GLU C 657 24.14 -31.17 48.16
N THR C 658 24.93 -30.15 47.83
CA THR C 658 25.20 -29.05 48.78
C THR C 658 23.89 -28.34 49.09
N TYR C 659 23.05 -28.19 48.08
CA TYR C 659 21.74 -27.54 48.25
C TYR C 659 20.82 -28.42 49.06
N ALA C 660 21.00 -29.73 48.91
CA ALA C 660 20.17 -30.70 49.62
C ALA C 660 20.47 -30.66 51.11
N ARG C 661 21.74 -30.54 51.44
CA ARG C 661 22.12 -30.50 52.83
C ARG C 661 21.62 -29.24 53.51
N MET C 662 20.93 -28.39 52.76
CA MET C 662 20.37 -27.15 53.29
C MET C 662 18.85 -27.25 53.28
N ASN C 663 18.37 -28.37 52.74
CA ASN C 663 16.93 -28.61 52.63
C ASN C 663 16.28 -27.53 51.80
N ALA C 664 16.92 -27.21 50.68
CA ALA C 664 16.41 -26.22 49.76
C ALA C 664 15.99 -26.96 48.49
N LYS C 665 14.69 -26.94 48.22
CA LYS C 665 14.16 -27.59 47.02
C LYS C 665 14.41 -26.64 45.87
N VAL C 666 15.46 -26.91 45.11
CA VAL C 666 15.80 -26.05 44.01
C VAL C 666 16.30 -26.81 42.80
N LYS C 667 16.16 -26.20 41.62
CA LYS C 667 16.64 -26.83 40.40
C LYS C 667 18.01 -26.24 40.06
N ALA C 668 19.04 -27.10 40.04
CA ALA C 668 20.38 -26.63 39.74
C ALA C 668 21.00 -27.40 38.59
N LEU C 669 21.34 -26.69 37.50
CA LEU C 669 21.94 -27.30 36.32
C LEU C 669 23.35 -26.77 35.98
N VAL C 670 24.14 -27.55 35.25
CA VAL C 670 25.49 -27.15 34.89
C VAL C 670 25.83 -27.38 33.41
N SER C 671 26.08 -26.30 32.68
CA SER C 671 26.37 -26.37 31.25
C SER C 671 27.60 -25.57 30.88
N THR C 672 28.00 -25.67 29.62
CA THR C 672 29.14 -24.93 29.12
C THR C 672 28.75 -24.05 27.93
N VAL C 673 27.47 -23.74 27.78
CA VAL C 673 27.06 -22.91 26.64
C VAL C 673 25.86 -21.99 26.85
N GLY C 674 24.90 -22.45 27.64
CA GLY C 674 23.73 -21.62 27.87
C GLY C 674 23.17 -21.64 29.28
N ILE C 675 22.11 -20.86 29.50
CA ILE C 675 21.47 -20.82 30.79
C ILE C 675 20.03 -20.44 30.58
N GLU C 676 19.21 -20.77 31.55
CA GLU C 676 17.81 -20.43 31.49
C GLU C 676 17.38 -19.92 32.86
N ILE C 677 16.81 -18.72 32.90
CA ILE C 677 16.31 -18.15 34.15
C ILE C 677 14.94 -17.52 33.82
N ALA C 678 14.15 -17.20 34.84
CA ALA C 678 12.83 -16.65 34.60
C ALA C 678 12.81 -15.46 33.61
N LYS C 679 13.70 -14.50 33.81
CA LYS C 679 13.71 -13.32 32.95
C LYS C 679 14.19 -13.56 31.52
N ARG C 680 15.15 -14.46 31.33
CA ARG C 680 15.69 -14.69 29.99
C ARG C 680 16.41 -16.04 29.86
N TYR C 681 16.71 -16.45 28.64
CA TYR C 681 17.47 -17.68 28.48
C TYR C 681 18.37 -17.53 27.28
N ILE C 682 19.58 -18.07 27.42
CA ILE C 682 20.60 -17.99 26.38
C ILE C 682 20.88 -19.32 25.71
N ALA C 683 20.26 -19.56 24.56
CA ALA C 683 20.50 -20.81 23.85
C ALA C 683 21.44 -20.57 22.65
N GLY C 684 22.40 -21.47 22.46
CA GLY C 684 23.33 -21.36 21.36
C GLY C 684 23.94 -20.00 21.14
N GLY C 685 24.49 -19.39 22.19
CA GLY C 685 25.10 -18.08 22.05
C GLY C 685 24.16 -16.95 21.70
N LYS C 686 22.87 -17.23 21.50
CA LYS C 686 21.90 -16.18 21.16
C LYS C 686 21.06 -15.88 22.42
N ILE C 687 20.34 -14.76 22.39
CA ILE C 687 19.51 -14.35 23.53
C ILE C 687 18.02 -14.56 23.23
N PHE C 688 17.28 -15.05 24.24
CA PHE C 688 15.85 -15.30 24.10
C PHE C 688 15.03 -14.84 25.33
N PHE C 689 13.88 -14.23 25.08
CA PHE C 689 13.00 -13.80 26.14
C PHE C 689 11.62 -14.40 25.89
N ARG C 690 11.13 -15.20 26.83
CA ARG C 690 9.82 -15.84 26.69
C ARG C 690 8.76 -14.85 26.21
N ALA C 691 7.82 -15.29 25.38
CA ALA C 691 6.79 -14.38 24.91
C ALA C 691 5.47 -14.83 25.46
N GLY C 692 5.42 -14.95 26.78
CA GLY C 692 4.22 -15.42 27.43
C GLY C 692 3.27 -14.45 28.11
N ILE C 693 3.12 -13.24 27.60
CA ILE C 693 2.21 -12.29 28.21
C ILE C 693 0.81 -12.62 27.70
N ASN C 694 -0.12 -12.92 28.60
CA ASN C 694 -1.51 -13.22 28.21
C ASN C 694 -2.24 -11.97 27.74
N LEU C 695 -3.09 -12.13 26.72
CA LEU C 695 -3.86 -11.03 26.12
C LEU C 695 -5.33 -10.96 26.50
N LEU C 696 -6.02 -12.10 26.44
CA LEU C 696 -7.44 -12.13 26.74
C LEU C 696 -7.86 -12.53 28.16
N ASN C 697 -6.87 -12.65 29.05
CA ASN C 697 -7.12 -12.97 30.45
C ASN C 697 -6.07 -12.22 31.25
N ASN C 698 -6.47 -11.59 32.35
CA ASN C 698 -5.54 -10.85 33.21
C ASN C 698 -5.36 -11.50 34.60
N GLU C 699 -4.29 -11.12 35.32
CA GLU C 699 -4.04 -11.66 36.66
C GLU C 699 -5.12 -11.19 37.65
N LYS C 700 -5.38 -9.89 37.67
CA LYS C 700 -6.38 -9.33 38.57
C LYS C 700 -7.06 -8.12 37.95
N ARG C 701 -8.10 -7.63 38.62
CA ARG C 701 -8.83 -6.48 38.13
C ARG C 701 -8.24 -5.21 38.70
N GLY C 702 -7.77 -4.33 37.82
CA GLY C 702 -7.20 -3.09 38.27
C GLY C 702 -8.29 -2.04 38.41
N GLN C 703 -8.01 -0.84 37.91
CA GLN C 703 -8.96 0.26 37.98
C GLN C 703 -8.92 1.06 36.69
N SER C 704 -8.01 0.70 35.81
CA SER C 704 -7.89 1.39 34.53
C SER C 704 -9.21 1.29 33.79
N THR C 705 -9.38 2.12 32.75
CA THR C 705 -10.60 2.12 31.96
C THR C 705 -10.46 1.09 30.86
N GLN C 706 -11.42 1.06 29.94
CA GLN C 706 -11.36 0.12 28.82
C GLN C 706 -10.28 0.62 27.87
N TRP C 707 -10.36 1.90 27.52
CA TRP C 707 -9.36 2.45 26.64
C TRP C 707 -8.00 2.08 27.18
N ASP C 708 -7.78 2.27 28.48
CA ASP C 708 -6.49 1.92 29.05
C ASP C 708 -6.16 0.47 28.77
N GLN C 709 -7.16 -0.39 28.84
CA GLN C 709 -6.90 -1.80 28.58
C GLN C 709 -6.66 -2.03 27.09
N ALA C 710 -7.31 -1.25 26.23
CA ALA C 710 -7.10 -1.37 24.79
C ALA C 710 -5.61 -1.16 24.57
N ALA C 711 -5.11 -0.03 25.05
CA ALA C 711 -3.70 0.29 24.89
C ALA C 711 -2.77 -0.75 25.47
N ILE C 712 -3.13 -1.31 26.63
CA ILE C 712 -2.28 -2.31 27.27
C ILE C 712 -2.30 -3.61 26.45
N LEU C 713 -3.45 -3.91 25.84
CA LEU C 713 -3.56 -5.09 24.99
C LEU C 713 -2.51 -4.90 23.89
N TYR C 714 -2.67 -3.81 23.14
CA TYR C 714 -1.73 -3.48 22.08
C TYR C 714 -0.28 -3.50 22.56
N SER C 715 -0.01 -2.87 23.69
CA SER C 715 1.34 -2.89 24.21
C SER C 715 1.79 -4.34 24.32
N ASN C 716 0.94 -5.17 24.94
CA ASN C 716 1.24 -6.58 25.16
C ASN C 716 1.50 -7.31 23.87
N TYR C 717 0.77 -6.90 22.83
CA TYR C 717 0.94 -7.47 21.51
C TYR C 717 2.37 -7.15 21.05
N ILE C 718 2.75 -5.86 21.07
CA ILE C 718 4.08 -5.44 20.66
C ILE C 718 5.19 -6.20 21.41
N VAL C 719 5.18 -6.18 22.73
CA VAL C 719 6.20 -6.93 23.46
C VAL C 719 6.28 -8.40 23.02
N ASN C 720 5.12 -9.09 22.94
CA ASN C 720 5.08 -10.51 22.51
C ASN C 720 5.72 -10.61 21.14
N ARG C 721 5.19 -9.82 20.21
CA ARG C 721 5.68 -9.80 18.84
C ARG C 721 7.20 -9.67 18.81
N LEU C 722 7.74 -8.69 19.53
CA LEU C 722 9.18 -8.53 19.57
C LEU C 722 9.81 -9.79 20.18
N ARG C 723 9.13 -10.39 21.14
CA ARG C 723 9.68 -11.59 21.79
C ARG C 723 9.58 -12.89 21.00
N GLY C 724 8.72 -12.93 19.98
CA GLY C 724 8.60 -14.13 19.16
C GLY C 724 7.22 -14.80 19.07
N PHE C 725 6.17 -14.10 19.51
CA PHE C 725 4.82 -14.64 19.50
C PHE C 725 3.95 -13.55 18.92
N GLU C 726 3.45 -13.78 17.73
CA GLU C 726 2.62 -12.79 17.07
C GLU C 726 1.15 -13.15 17.02
N THR C 727 0.32 -12.28 17.55
CA THR C 727 -1.11 -12.51 17.50
C THR C 727 -1.50 -11.69 16.29
N ASP C 728 -2.30 -12.26 15.40
CA ASP C 728 -2.69 -11.55 14.19
C ASP C 728 -3.12 -10.12 14.52
N ARG C 729 -2.47 -9.15 13.87
CA ARG C 729 -2.76 -7.73 14.10
C ARG C 729 -4.18 -7.37 13.70
N GLU C 730 -4.76 -8.10 12.76
CA GLU C 730 -6.12 -7.80 12.36
C GLU C 730 -7.03 -8.10 13.53
N PHE C 731 -6.66 -9.09 14.31
CA PHE C 731 -7.41 -9.47 15.50
C PHE C 731 -7.28 -8.38 16.56
N ILE C 732 -6.04 -7.95 16.82
CA ILE C 732 -5.74 -6.91 17.80
C ILE C 732 -6.52 -5.63 17.49
N LEU C 733 -6.47 -5.20 16.24
CA LEU C 733 -7.20 -4.01 15.86
C LEU C 733 -8.69 -4.18 16.09
N THR C 734 -9.19 -5.40 15.94
CA THR C 734 -10.61 -5.65 16.14
C THR C 734 -10.95 -5.46 17.61
N LYS C 735 -10.15 -6.06 18.48
CA LYS C 735 -10.38 -5.93 19.91
C LYS C 735 -10.40 -4.45 20.27
N ILE C 736 -9.43 -3.69 19.73
CA ILE C 736 -9.37 -2.26 20.00
C ILE C 736 -10.64 -1.54 19.51
N MET C 737 -11.19 -2.00 18.40
CA MET C 737 -12.40 -1.37 17.88
C MET C 737 -13.48 -1.59 18.91
N GLN C 738 -13.51 -2.80 19.47
CA GLN C 738 -14.51 -3.17 20.48
C GLN C 738 -14.32 -2.41 21.78
N MET C 739 -13.19 -2.61 22.42
CA MET C 739 -12.89 -1.98 23.68
C MET C 739 -12.98 -0.45 23.79
N THR C 740 -12.63 0.28 22.74
CA THR C 740 -12.64 1.73 22.80
C THR C 740 -13.96 2.37 22.45
N SER C 741 -14.96 1.57 22.07
CA SER C 741 -16.24 2.14 21.71
C SER C 741 -16.97 2.77 22.90
N VAL C 742 -18.00 3.57 22.59
CA VAL C 742 -18.79 4.24 23.62
C VAL C 742 -20.26 4.21 23.24
N ALA C 743 -21.07 3.54 24.05
CA ALA C 743 -22.50 3.43 23.80
C ALA C 743 -23.23 4.70 24.19
N ILE C 744 -24.01 5.25 23.27
CA ILE C 744 -24.76 6.47 23.54
C ILE C 744 -26.12 6.06 24.08
N THR C 745 -26.71 5.03 23.48
CA THR C 745 -28.00 4.51 23.94
C THR C 745 -27.95 3.02 23.75
N GLY C 746 -29.09 2.36 23.93
CA GLY C 746 -29.13 0.92 23.76
C GLY C 746 -28.80 0.48 22.35
N SER C 747 -29.06 1.34 21.36
CA SER C 747 -28.81 0.98 19.97
C SER C 747 -27.72 1.79 19.27
N LEU C 748 -27.51 3.04 19.71
CA LEU C 748 -26.51 3.91 19.11
C LEU C 748 -25.16 3.81 19.80
N ARG C 749 -24.18 3.24 19.09
CA ARG C 749 -22.83 3.04 19.60
C ARG C 749 -21.83 3.84 18.76
N LEU C 750 -20.92 4.55 19.43
CA LEU C 750 -19.93 5.35 18.72
C LEU C 750 -18.54 4.72 18.69
N PHE C 751 -17.96 4.64 17.49
CA PHE C 751 -16.63 4.06 17.31
C PHE C 751 -15.56 5.09 16.92
N PRO C 752 -14.54 5.26 17.78
CA PRO C 752 -13.43 6.19 17.57
C PRO C 752 -12.61 5.88 16.33
N SER C 753 -12.29 6.90 15.54
CA SER C 753 -11.51 6.72 14.30
C SER C 753 -10.00 6.58 14.54
N GLU C 754 -9.31 6.07 13.52
CA GLU C 754 -7.86 5.87 13.56
C GLU C 754 -7.09 7.14 13.92
N ARG C 755 -7.55 8.28 13.43
CA ARG C 755 -6.88 9.53 13.73
C ARG C 755 -6.98 9.78 15.23
N VAL C 756 -8.17 9.57 15.77
CA VAL C 756 -8.43 9.77 17.18
C VAL C 756 -7.57 8.89 18.10
N LEU C 757 -7.48 7.62 17.76
CA LEU C 757 -6.75 6.62 18.54
C LEU C 757 -5.24 6.48 18.35
N THR C 758 -4.72 7.00 17.26
CA THR C 758 -3.29 6.85 17.03
C THR C 758 -2.48 8.13 17.14
N THR C 759 -3.12 9.28 16.96
CA THR C 759 -2.36 10.53 17.04
C THR C 759 -1.77 10.71 18.44
N ASN C 760 -0.66 11.44 18.52
CA ASN C 760 0.01 11.64 19.80
C ASN C 760 -0.77 12.56 20.71
N SER C 761 -1.92 12.09 21.18
CA SER C 761 -2.81 12.85 22.05
C SER C 761 -2.91 12.24 23.44
N THR C 762 -3.81 12.81 24.24
CA THR C 762 -4.05 12.34 25.59
C THR C 762 -4.95 11.10 25.53
N PHE C 763 -5.37 10.75 24.32
CA PHE C 763 -6.23 9.60 24.09
C PHE C 763 -5.65 8.59 23.09
N LYS C 764 -4.32 8.53 23.02
CA LYS C 764 -3.68 7.60 22.09
C LYS C 764 -3.68 6.20 22.66
N VAL C 765 -4.09 5.25 21.82
CA VAL C 765 -4.15 3.85 22.23
C VAL C 765 -3.08 3.03 21.53
N PHE C 766 -2.80 3.34 20.26
CA PHE C 766 -1.78 2.58 19.54
C PHE C 766 -1.23 3.34 18.35
N ASP C 767 -0.10 2.86 17.85
CA ASP C 767 0.61 3.44 16.72
C ASP C 767 0.05 2.92 15.38
N SER C 768 -0.40 3.84 14.52
CA SER C 768 -0.93 3.47 13.21
C SER C 768 -0.08 2.49 12.42
N GLU C 769 1.14 2.24 12.90
CA GLU C 769 2.05 1.33 12.23
C GLU C 769 3.05 0.89 13.30
N ASP C 770 3.08 -0.42 13.59
CA ASP C 770 3.96 -0.97 14.61
C ASP C 770 5.43 -0.53 14.54
N PHE C 771 5.97 -0.14 15.69
CA PHE C 771 7.36 0.28 15.82
C PHE C 771 7.70 1.66 15.21
N ILE C 772 6.68 2.42 14.89
CA ILE C 772 6.88 3.74 14.33
C ILE C 772 5.90 4.67 15.00
N ILE C 773 6.43 5.66 15.72
CA ILE C 773 5.61 6.64 16.43
C ILE C 773 5.52 7.96 15.65
N GLU C 774 4.38 8.22 15.02
CA GLU C 774 4.20 9.46 14.28
C GLU C 774 3.82 10.61 15.22
N TYR C 775 3.84 11.83 14.69
CA TYR C 775 3.46 13.04 15.43
C TYR C 775 2.75 13.91 14.39
N GLY C 776 1.71 14.62 14.82
CA GLY C 776 0.96 15.46 13.89
C GLY C 776 1.74 16.34 12.93
N THR C 777 1.76 15.98 11.65
CA THR C 777 2.47 16.75 10.64
C THR C 777 1.55 17.43 9.63
N THR C 778 0.25 17.43 9.91
CA THR C 778 -0.73 18.06 9.03
C THR C 778 -1.57 18.99 9.90
N VAL C 779 -2.30 19.91 9.30
CA VAL C 779 -3.08 20.82 10.11
C VAL C 779 -4.17 20.09 10.88
N ASP C 780 -5.06 19.38 10.19
CA ASP C 780 -6.12 18.65 10.85
C ASP C 780 -5.57 17.85 12.03
N GLU C 781 -4.42 17.21 11.83
CA GLU C 781 -3.82 16.44 12.91
C GLU C 781 -3.50 17.35 14.09
N VAL C 782 -2.93 18.52 13.82
CA VAL C 782 -2.60 19.46 14.90
C VAL C 782 -3.92 19.87 15.57
N TYR C 783 -4.88 20.24 14.74
CA TYR C 783 -6.21 20.66 15.20
C TYR C 783 -6.68 19.68 16.28
N ILE C 784 -7.01 18.46 15.84
CA ILE C 784 -7.48 17.42 16.74
C ILE C 784 -6.61 17.24 17.97
N GLN C 785 -5.29 17.19 17.79
CA GLN C 785 -4.41 17.01 18.94
C GLN C 785 -4.67 18.05 20.02
N ARG C 786 -4.71 19.32 19.62
CA ARG C 786 -4.94 20.41 20.57
C ARG C 786 -6.34 20.38 21.19
N ALA C 787 -7.29 19.79 20.47
CA ALA C 787 -8.65 19.69 20.97
C ALA C 787 -8.74 18.67 22.10
N PHE C 788 -8.19 17.49 21.89
CA PHE C 788 -8.22 16.46 22.91
C PHE C 788 -7.53 16.90 24.19
N MET C 789 -6.32 17.42 24.08
CA MET C 789 -5.57 17.86 25.25
C MET C 789 -6.43 18.77 26.13
N SER C 790 -7.22 19.63 25.50
CA SER C 790 -8.11 20.57 26.19
C SER C 790 -8.98 19.90 27.24
N LEU C 791 -9.40 18.67 26.95
CA LEU C 791 -10.22 17.89 27.86
C LEU C 791 -9.46 16.64 28.31
N SER C 792 -8.32 16.87 28.96
CA SER C 792 -7.47 15.79 29.44
C SER C 792 -7.73 15.43 30.91
N SER C 793 -7.85 16.45 31.76
CA SER C 793 -8.09 16.23 33.18
C SER C 793 -9.53 16.55 33.59
N GLN C 794 -10.17 15.62 34.31
CA GLN C 794 -11.55 15.78 34.74
C GLN C 794 -11.75 16.05 36.23
N LYS C 795 -12.83 16.75 36.53
CA LYS C 795 -13.20 17.12 37.89
C LYS C 795 -13.80 15.96 38.68
N SER C 796 -13.56 15.98 39.98
CA SER C 796 -14.07 14.95 40.88
C SER C 796 -14.60 15.59 42.17
N GLY C 797 -15.91 15.76 42.25
CA GLY C 797 -16.52 16.35 43.43
C GLY C 797 -15.93 15.74 44.69
N ILE C 798 -16.02 14.41 44.78
CA ILE C 798 -15.50 13.70 45.93
C ILE C 798 -14.04 14.03 46.21
N ALA C 799 -13.25 14.15 45.13
CA ALA C 799 -11.83 14.46 45.25
C ALA C 799 -11.57 15.85 45.78
N ASP C 800 -12.39 16.81 45.37
CA ASP C 800 -12.22 18.20 45.82
C ASP C 800 -12.67 18.35 47.25
N GLU C 801 -13.73 17.62 47.61
CA GLU C 801 -14.27 17.67 48.95
C GLU C 801 -13.15 17.42 49.97
N ILE C 802 -12.45 16.30 49.79
CA ILE C 802 -11.35 15.91 50.67
C ILE C 802 -10.10 16.75 50.44
N ALA C 803 -9.92 17.22 49.20
CA ALA C 803 -8.76 18.05 48.87
C ALA C 803 -8.85 19.31 49.70
N ALA C 804 -10.05 19.59 50.20
CA ALA C 804 -10.32 20.78 51.02
C ALA C 804 -10.45 20.45 52.51
N SER C 805 -10.75 19.20 52.84
CA SER C 805 -10.91 18.78 54.23
C SER C 805 -9.70 19.21 55.06
N SER C 806 -9.88 19.25 56.37
CA SER C 806 -8.81 19.66 57.26
C SER C 806 -7.66 18.67 57.30
N THR C 807 -7.96 17.44 57.70
CA THR C 807 -6.92 16.43 57.81
C THR C 807 -6.01 16.40 56.57
N PHE C 808 -6.57 16.75 55.42
CA PHE C 808 -5.78 16.77 54.19
C PHE C 808 -4.81 17.96 54.19
N LYS C 809 -5.36 19.18 54.15
CA LYS C 809 -4.53 20.38 54.14
C LYS C 809 -3.49 20.31 55.24
N ASN C 810 -3.90 19.79 56.40
CA ASN C 810 -2.98 19.66 57.52
C ASN C 810 -1.90 18.64 57.16
N TYR C 811 -2.30 17.57 56.47
CA TYR C 811 -1.35 16.55 56.04
C TYR C 811 -0.34 17.18 55.12
N VAL C 812 -0.84 17.76 54.03
CA VAL C 812 0.03 18.42 53.05
C VAL C 812 0.94 19.43 53.75
N THR C 813 0.35 20.17 54.68
CA THR C 813 1.08 21.18 55.44
C THR C 813 2.18 20.55 56.29
N ARG C 814 1.82 19.57 57.11
CA ARG C 814 2.81 18.96 57.96
C ARG C 814 3.99 18.39 57.19
N LEU C 815 3.73 17.84 56.01
CA LEU C 815 4.82 17.29 55.20
C LEU C 815 5.76 18.40 54.75
N SER C 816 5.18 19.52 54.33
CA SER C 816 5.95 20.69 53.87
C SER C 816 6.85 21.30 54.94
N GLU C 817 6.24 21.77 56.02
CA GLU C 817 6.99 22.38 57.10
C GLU C 817 8.16 21.49 57.54
N GLN C 818 8.01 20.19 57.31
CA GLN C 818 9.03 19.20 57.68
C GLN C 818 10.17 19.05 56.67
N LEU C 819 9.85 19.26 55.40
CA LEU C 819 10.84 19.13 54.34
C LEU C 819 11.58 20.44 54.08
N LEU C 820 10.82 21.49 53.79
CA LEU C 820 11.36 22.81 53.50
C LEU C 820 11.88 23.56 54.73
N PHE C 821 12.86 24.43 54.51
CA PHE C 821 13.40 25.26 55.59
C PHE C 821 12.75 26.62 55.40
N SER C 822 13.10 27.31 54.32
CA SER C 822 12.49 28.61 54.04
C SER C 822 11.26 28.31 53.21
N LYS C 823 10.75 29.31 52.49
CA LYS C 823 9.58 29.08 51.67
C LYS C 823 9.97 28.55 50.31
N ASN C 824 9.06 27.80 49.71
CA ASN C 824 9.25 27.22 48.39
C ASN C 824 7.83 26.90 47.94
N ASN C 825 7.35 27.57 46.90
CA ASN C 825 6.00 27.32 46.45
C ASN C 825 5.88 26.26 45.36
N ILE C 826 6.97 25.95 44.67
CA ILE C 826 6.94 24.92 43.63
C ILE C 826 6.77 23.58 44.33
N VAL C 827 7.68 23.29 45.26
CA VAL C 827 7.62 22.05 46.01
C VAL C 827 6.22 21.95 46.60
N SER C 828 5.90 22.88 47.48
CA SER C 828 4.60 22.95 48.15
C SER C 828 3.41 22.71 47.25
N ARG C 829 3.33 23.47 46.16
CA ARG C 829 2.22 23.33 45.21
C ARG C 829 2.23 21.91 44.65
N GLY C 830 3.43 21.30 44.66
CA GLY C 830 3.60 19.96 44.15
C GLY C 830 3.06 18.93 45.12
N ILE C 831 3.61 18.95 46.34
CA ILE C 831 3.21 18.03 47.39
C ILE C 831 1.69 17.99 47.48
N ALA C 832 1.04 19.13 47.25
CA ALA C 832 -0.41 19.20 47.28
C ALA C 832 -0.99 18.27 46.22
N LEU C 833 -0.75 18.59 44.95
CA LEU C 833 -1.26 17.78 43.85
C LEU C 833 -0.80 16.32 43.98
N THR C 834 0.49 16.13 44.23
CA THR C 834 1.05 14.78 44.38
C THR C 834 0.18 13.98 45.34
N GLU C 835 -0.43 14.66 46.31
CA GLU C 835 -1.28 13.98 47.26
C GLU C 835 -2.73 13.97 46.81
N LYS C 836 -3.13 14.93 45.98
CA LYS C 836 -4.50 14.97 45.49
C LYS C 836 -4.74 13.80 44.55
N ALA C 837 -3.70 13.47 43.79
CA ALA C 837 -3.76 12.38 42.81
C ALA C 837 -3.95 11.03 43.47
N LYS C 838 -3.16 10.78 44.50
CA LYS C 838 -3.24 9.50 45.20
C LYS C 838 -4.69 9.13 45.51
N LEU C 839 -5.56 10.12 45.67
CA LEU C 839 -6.95 9.84 45.99
C LEU C 839 -7.60 9.06 44.86
N ASN C 840 -6.96 9.05 43.70
CA ASN C 840 -7.50 8.34 42.55
C ASN C 840 -7.64 6.83 42.77
N SER C 841 -6.96 6.30 43.79
CA SER C 841 -7.04 4.88 44.10
C SER C 841 -8.40 4.61 44.74
N TYR C 842 -9.01 5.66 45.27
CA TYR C 842 -10.32 5.56 45.88
C TYR C 842 -11.32 5.39 44.74
N ALA C 843 -12.01 4.25 44.71
CA ALA C 843 -12.95 3.95 43.63
C ALA C 843 -13.98 5.02 43.33
N PRO C 844 -14.71 5.50 44.34
CA PRO C 844 -15.72 6.53 44.08
C PRO C 844 -15.21 7.68 43.22
N ILE C 845 -14.03 8.20 43.54
CA ILE C 845 -13.43 9.30 42.78
C ILE C 845 -13.12 8.83 41.36
N SER C 846 -12.37 7.73 41.28
CA SER C 846 -11.99 7.12 40.02
C SER C 846 -13.21 7.07 39.10
N LEU C 847 -14.32 6.55 39.63
CA LEU C 847 -15.56 6.43 38.88
C LEU C 847 -16.11 7.76 38.37
N GLU C 848 -16.02 8.81 39.19
CA GLU C 848 -16.49 10.13 38.78
C GLU C 848 -15.67 10.55 37.55
N LYS C 849 -14.35 10.42 37.68
CA LYS C 849 -13.43 10.77 36.60
C LYS C 849 -13.87 10.17 35.27
N ARG C 850 -13.87 8.83 35.19
CA ARG C 850 -14.25 8.12 33.97
C ARG C 850 -15.60 8.58 33.39
N ARG C 851 -16.60 8.75 34.25
CA ARG C 851 -17.90 9.19 33.79
C ARG C 851 -17.77 10.50 33.04
N ALA C 852 -17.01 11.42 33.62
CA ALA C 852 -16.78 12.72 33.01
C ALA C 852 -16.04 12.55 31.70
N GLN C 853 -14.92 11.82 31.74
CA GLN C 853 -14.13 11.60 30.55
C GLN C 853 -15.00 11.08 29.42
N ILE C 854 -15.90 10.16 29.70
CA ILE C 854 -16.76 9.63 28.65
C ILE C 854 -17.66 10.67 28.02
N SER C 855 -18.45 11.37 28.82
CA SER C 855 -19.33 12.40 28.30
C SER C 855 -18.55 13.45 27.51
N ALA C 856 -17.39 13.84 28.04
CA ALA C 856 -16.52 14.82 27.40
C ALA C 856 -16.08 14.29 26.04
N LEU C 857 -15.34 13.19 26.07
CA LEU C 857 -14.85 12.54 24.86
C LEU C 857 -16.00 12.07 23.99
N LEU C 858 -17.23 12.16 24.51
CA LEU C 858 -18.42 11.76 23.77
C LEU C 858 -18.80 12.90 22.82
N THR C 859 -19.00 14.09 23.38
CA THR C 859 -19.34 15.25 22.57
C THR C 859 -18.12 15.65 21.74
N MET C 860 -16.94 15.31 22.25
CA MET C 860 -15.70 15.62 21.55
C MET C 860 -15.73 15.05 20.17
N LEU C 861 -16.04 13.76 20.06
CA LEU C 861 -16.10 13.11 18.76
C LEU C 861 -17.31 13.64 17.98
N GLN C 862 -17.41 14.97 17.93
CA GLN C 862 -18.48 15.67 17.22
C GLN C 862 -18.16 17.12 16.79
N LYS C 863 -17.30 17.82 17.51
CA LYS C 863 -16.98 19.19 17.10
C LYS C 863 -15.97 19.95 17.95
N PRO C 864 -14.67 19.78 17.65
CA PRO C 864 -13.61 20.46 18.39
C PRO C 864 -13.68 22.01 18.41
N VAL C 865 -13.08 22.61 17.39
CA VAL C 865 -12.99 24.06 17.16
C VAL C 865 -12.58 24.96 18.33
N THR C 866 -13.58 25.47 19.07
CA THR C 866 -13.35 26.37 20.20
C THR C 866 -12.34 25.82 21.21
N PHE C 867 -11.07 26.12 20.99
CA PHE C 867 -10.00 25.67 21.88
C PHE C 867 -8.81 26.59 21.65
N LYS C 868 -8.70 27.62 22.49
CA LYS C 868 -7.61 28.60 22.40
C LYS C 868 -6.25 28.01 22.76
N SER C 869 -5.66 27.26 21.83
CA SER C 869 -4.37 26.63 22.05
C SER C 869 -3.32 27.68 22.40
N SER C 870 -2.43 27.31 23.32
CA SER C 870 -1.34 28.18 23.74
C SER C 870 -0.23 27.35 24.36
N LYS C 871 -0.51 26.06 24.55
CA LYS C 871 0.46 25.13 25.10
C LYS C 871 1.23 24.45 23.99
N ILE C 872 2.54 24.28 24.19
CA ILE C 872 3.38 23.64 23.21
C ILE C 872 3.76 22.23 23.62
N THR C 873 3.96 21.37 22.64
CA THR C 873 4.33 19.97 22.89
C THR C 873 5.36 19.49 21.90
N ILE C 874 5.98 18.36 22.25
CA ILE C 874 7.02 17.75 21.42
C ILE C 874 6.61 17.69 19.95
N ASN C 875 5.31 17.57 19.72
CA ASN C 875 4.79 17.52 18.36
C ASN C 875 5.19 18.82 17.65
N ASP C 876 4.69 19.95 18.16
CA ASP C 876 4.99 21.27 17.60
C ASP C 876 6.48 21.45 17.33
N ILE C 877 7.30 21.16 18.33
CA ILE C 877 8.73 21.29 18.16
C ILE C 877 9.14 20.58 16.89
N LEU C 878 8.81 19.29 16.80
CA LEU C 878 9.17 18.50 15.62
C LEU C 878 8.54 19.04 14.34
N ARG C 879 7.28 19.42 14.43
CA ARG C 879 6.59 19.93 13.27
C ARG C 879 7.25 21.21 12.72
N ASP C 880 8.02 21.91 13.57
CA ASP C 880 8.71 23.12 13.16
C ASP C 880 9.92 22.73 12.34
N ILE C 881 10.67 21.79 12.90
CA ILE C 881 11.89 21.30 12.29
C ILE C 881 11.69 20.55 10.98
N LYS C 882 10.62 19.78 10.91
CA LYS C 882 10.36 18.95 9.74
C LYS C 882 10.73 19.49 8.35
N PRO C 883 10.23 20.70 8.00
CA PRO C 883 10.48 21.34 6.70
C PRO C 883 11.93 21.74 6.34
N PHE C 884 12.85 21.67 7.30
CA PHE C 884 14.21 22.08 7.03
C PHE C 884 15.15 20.93 6.81
N PHE C 885 14.64 19.90 6.15
CA PHE C 885 15.42 18.71 5.87
C PHE C 885 15.25 18.25 4.43
N THR C 886 16.27 17.61 3.89
CA THR C 886 16.19 17.09 2.54
C THR C 886 16.63 15.62 2.55
N VAL C 887 15.69 14.74 2.23
CA VAL C 887 15.94 13.33 2.19
C VAL C 887 16.51 12.95 0.84
N SER C 888 17.28 11.88 0.84
CA SER C 888 17.87 11.34 -0.37
C SER C 888 18.30 9.91 -0.08
N ASP C 889 18.01 9.01 -1.01
CA ASP C 889 18.35 7.61 -0.85
C ASP C 889 19.79 7.44 -0.40
N ALA C 890 19.98 6.61 0.61
CA ALA C 890 21.30 6.35 1.15
C ALA C 890 21.46 4.86 1.22
N HIS C 891 22.44 4.39 1.97
CA HIS C 891 22.62 2.96 2.08
C HIS C 891 23.54 2.50 3.20
N LEU C 892 23.12 1.42 3.85
CA LEU C 892 23.86 0.81 4.95
C LEU C 892 23.87 -0.70 4.76
N PRO C 893 25.06 -1.31 4.82
CA PRO C 893 25.16 -2.76 4.67
C PRO C 893 24.87 -3.44 5.99
N ILE C 894 24.45 -4.70 5.95
CA ILE C 894 24.20 -5.43 7.18
C ILE C 894 25.60 -5.80 7.66
N GLN C 895 25.93 -5.43 8.88
CA GLN C 895 27.25 -5.74 9.37
C GLN C 895 27.28 -6.30 10.78
N TYR C 896 26.10 -6.58 11.33
CA TYR C 896 25.99 -7.14 12.68
C TYR C 896 25.19 -8.44 12.66
N GLN C 897 25.78 -9.52 13.15
CA GLN C 897 25.08 -10.81 13.17
C GLN C 897 23.98 -10.74 14.21
N LYS C 898 22.92 -11.50 13.99
CA LYS C 898 21.80 -11.47 14.91
C LYS C 898 22.08 -12.24 16.21
N PHE C 899 21.70 -11.61 17.33
CA PHE C 899 21.89 -12.22 18.64
C PHE C 899 20.50 -12.45 19.26
N MET C 900 19.50 -11.73 18.75
CA MET C 900 18.13 -11.89 19.22
C MET C 900 17.25 -12.42 18.07
N PRO C 901 17.34 -13.74 17.80
CA PRO C 901 16.63 -14.47 16.77
C PRO C 901 15.15 -14.18 16.58
N THR C 902 14.43 -14.01 17.69
CA THR C 902 12.99 -13.82 17.63
C THR C 902 12.46 -12.54 17.04
N LEU C 903 13.26 -11.48 17.10
CA LEU C 903 12.83 -10.17 16.59
C LEU C 903 12.21 -10.22 15.18
N PRO C 904 11.13 -9.45 14.96
CA PRO C 904 10.54 -9.46 13.61
C PRO C 904 11.68 -9.14 12.64
N ASP C 905 11.43 -9.11 11.32
CA ASP C 905 12.53 -8.83 10.39
C ASP C 905 12.83 -7.37 10.24
N ASN C 906 11.79 -6.54 10.20
CA ASN C 906 12.03 -5.12 10.05
C ASN C 906 12.74 -4.44 11.23
N VAL C 907 12.66 -5.03 12.42
CA VAL C 907 13.32 -4.44 13.59
C VAL C 907 14.74 -4.97 13.68
N GLN C 908 14.90 -6.22 13.32
CA GLN C 908 16.21 -6.84 13.36
C GLN C 908 17.14 -6.11 12.39
N TYR C 909 16.61 -5.84 11.20
CA TYR C 909 17.35 -5.13 10.15
C TYR C 909 18.02 -3.87 10.71
N ILE C 910 17.23 -2.99 11.32
CA ILE C 910 17.78 -1.77 11.89
C ILE C 910 19.01 -2.14 12.71
N ILE C 911 18.91 -3.17 13.54
CA ILE C 911 20.07 -3.55 14.36
C ILE C 911 21.25 -4.11 13.54
N GLN C 912 20.98 -4.86 12.48
CA GLN C 912 22.08 -5.41 11.69
C GLN C 912 22.86 -4.29 10.99
N CYS C 913 22.22 -3.14 10.83
CA CYS C 913 22.84 -1.99 10.17
C CYS C 913 23.49 -0.99 11.14
N ILE C 914 22.71 -0.44 12.07
CA ILE C 914 23.27 0.53 13.02
C ILE C 914 23.77 -0.05 14.35
N GLY C 915 23.33 -1.26 14.71
CA GLY C 915 23.80 -1.83 15.97
C GLY C 915 22.80 -1.69 17.13
N SER C 916 23.16 -2.24 18.29
CA SER C 916 22.25 -2.18 19.42
C SER C 916 22.92 -1.55 20.64
N ARG C 917 22.19 -1.41 21.73
CA ARG C 917 22.79 -0.87 22.94
C ARG C 917 22.56 -1.78 24.13
N THR C 918 23.23 -1.50 25.23
CA THR C 918 23.07 -2.32 26.42
C THR C 918 22.78 -1.45 27.63
N TYR C 919 22.26 -0.25 27.38
CA TYR C 919 21.97 0.67 28.47
C TYR C 919 20.69 1.42 28.23
N GLN C 920 20.21 2.06 29.29
CA GLN C 920 18.99 2.84 29.22
C GLN C 920 19.39 4.31 29.20
N ILE C 921 18.89 5.03 28.21
CA ILE C 921 19.18 6.44 28.08
C ILE C 921 18.60 7.13 29.30
N GLU C 922 19.42 7.98 29.94
CA GLU C 922 19.00 8.70 31.16
C GLU C 922 17.85 9.65 30.85
N ASP C 923 16.67 9.37 31.37
CA ASP C 923 15.51 10.21 31.06
C ASP C 923 14.71 10.72 32.25
N ASP C 924 15.38 10.90 33.38
CA ASP C 924 14.73 11.42 34.58
C ASP C 924 15.50 12.64 35.11
N GLY C 925 16.70 12.86 34.54
CA GLY C 925 17.53 13.97 34.94
C GLY C 925 18.24 13.65 36.24
N SER C 926 18.42 12.37 36.48
CA SER C 926 19.07 11.91 37.70
C SER C 926 20.58 12.17 37.72
N LYS C 927 21.18 12.25 36.54
CA LYS C 927 22.62 12.48 36.50
C LYS C 927 22.96 13.97 36.50
N SER C 928 21.94 14.82 36.50
CA SER C 928 22.21 16.26 36.50
C SER C 928 22.88 16.62 37.82
N ALA C 929 23.74 17.63 37.79
CA ALA C 929 24.44 18.05 39.00
C ALA C 929 23.47 18.59 40.04
N ILE C 930 22.53 19.43 39.63
CA ILE C 930 21.58 19.98 40.57
C ILE C 930 20.76 18.91 41.27
N SER C 931 20.35 17.88 40.53
CA SER C 931 19.56 16.81 41.12
C SER C 931 20.44 16.06 42.11
N ARG C 932 21.71 15.90 41.77
CA ARG C 932 22.64 15.22 42.65
C ARG C 932 22.77 16.06 43.92
N LEU C 933 22.83 17.37 43.74
CA LEU C 933 22.94 18.30 44.86
C LEU C 933 21.81 18.10 45.84
N ILE C 934 20.59 18.27 45.37
CA ILE C 934 19.41 18.13 46.20
C ILE C 934 19.35 16.82 47.00
N SER C 935 19.89 15.75 46.45
CA SER C 935 19.85 14.47 47.12
C SER C 935 20.92 14.34 48.20
N LYS C 936 21.79 15.34 48.29
CA LYS C 936 22.86 15.31 49.29
C LYS C 936 22.39 16.04 50.54
N TYR C 937 21.42 16.93 50.37
CA TYR C 937 20.88 17.71 51.48
C TYR C 937 19.37 17.60 51.64
N SER C 938 18.72 16.85 50.75
CA SER C 938 17.28 16.70 50.83
C SER C 938 16.76 15.30 50.57
N VAL C 939 15.59 15.02 51.13
CA VAL C 939 14.92 13.73 51.02
C VAL C 939 13.94 13.85 49.86
N TYR C 940 13.72 15.09 49.46
CA TYR C 940 12.83 15.40 48.37
C TYR C 940 13.38 14.87 47.07
N LYS C 941 12.48 14.37 46.24
CA LYS C 941 12.83 13.84 44.93
C LYS C 941 12.01 14.62 43.92
N PRO C 942 12.67 15.41 43.09
CA PRO C 942 11.89 16.16 42.10
C PRO C 942 11.84 15.36 40.78
N SER C 943 10.70 15.44 40.11
CA SER C 943 10.53 14.73 38.85
C SER C 943 11.41 15.39 37.80
N ILE C 944 11.52 14.76 36.64
CA ILE C 944 12.33 15.29 35.55
C ILE C 944 11.59 16.52 35.04
N GLU C 945 10.29 16.53 35.20
CA GLU C 945 9.49 17.67 34.74
C GLU C 945 9.59 18.87 35.66
N GLU C 946 9.99 18.64 36.91
CA GLU C 946 10.12 19.77 37.83
C GLU C 946 11.48 20.36 37.55
N LEU C 947 12.50 19.52 37.59
CA LEU C 947 13.86 19.97 37.32
C LEU C 947 13.87 20.76 36.00
N TYR C 948 13.04 20.32 35.07
CA TYR C 948 12.92 20.94 33.75
C TYR C 948 12.52 22.40 33.87
N LYS C 949 11.71 22.72 34.88
CA LYS C 949 11.29 24.11 35.05
C LYS C 949 12.21 24.86 36.02
N VAL C 950 12.68 24.16 37.03
CA VAL C 950 13.59 24.75 38.01
C VAL C 950 14.92 25.16 37.38
N ILE C 951 15.32 24.49 36.32
CA ILE C 951 16.57 24.81 35.66
C ILE C 951 16.41 25.99 34.71
N SER C 952 15.18 26.26 34.27
CA SER C 952 14.92 27.37 33.33
C SER C 952 14.59 28.67 34.07
N LEU C 953 14.68 28.64 35.40
CA LEU C 953 14.36 29.81 36.21
C LEU C 953 15.55 30.77 36.32
N HIS C 954 15.22 32.04 36.58
CA HIS C 954 16.23 33.07 36.73
C HIS C 954 17.22 32.65 37.82
N GLU C 955 18.51 32.90 37.58
CA GLU C 955 19.54 32.52 38.53
C GLU C 955 19.15 32.68 40.00
N ASN C 956 18.54 33.82 40.33
CA ASN C 956 18.16 34.09 41.72
C ASN C 956 17.03 33.19 42.24
N GLU C 957 16.17 32.70 41.35
CA GLU C 957 15.07 31.84 41.76
C GLU C 957 15.60 30.44 42.08
N ILE C 958 16.52 29.96 41.26
CA ILE C 958 17.10 28.64 41.45
C ILE C 958 17.84 28.58 42.78
N GLN C 959 18.36 29.72 43.21
CA GLN C 959 19.11 29.77 44.47
C GLN C 959 18.18 29.68 45.68
N LEU C 960 16.99 30.23 45.56
CA LEU C 960 16.05 30.17 46.67
C LEU C 960 15.46 28.75 46.78
N TYR C 961 15.24 28.12 45.63
CA TYR C 961 14.71 26.75 45.56
C TYR C 961 15.68 25.88 46.35
N LEU C 962 16.94 25.89 45.93
CA LEU C 962 17.98 25.12 46.57
C LEU C 962 18.04 25.31 48.08
N ILE C 963 18.15 26.55 48.52
CA ILE C 963 18.21 26.84 49.95
C ILE C 963 16.96 26.33 50.67
N SER C 964 15.79 26.56 50.07
CA SER C 964 14.52 26.14 50.67
C SER C 964 14.32 24.63 50.71
N LEU C 965 15.38 23.87 50.52
CA LEU C 965 15.32 22.41 50.57
C LEU C 965 16.46 21.92 51.42
N GLY C 966 17.06 22.85 52.17
CA GLY C 966 18.16 22.50 53.04
C GLY C 966 19.52 22.59 52.39
N ILE C 967 19.57 23.09 51.17
CA ILE C 967 20.83 23.22 50.47
C ILE C 967 21.51 24.50 50.98
N PRO C 968 22.66 24.35 51.66
CA PRO C 968 23.46 25.46 52.21
C PRO C 968 23.91 26.46 51.16
N LYS C 969 23.98 27.73 51.54
CA LYS C 969 24.37 28.78 50.61
C LYS C 969 25.73 28.65 49.93
N ILE C 970 26.78 28.34 50.70
CA ILE C 970 28.09 28.21 50.08
C ILE C 970 27.99 27.23 48.91
N ASP C 971 27.02 26.34 48.97
CA ASP C 971 26.79 25.35 47.90
C ASP C 971 25.86 25.94 46.86
N ALA C 972 24.68 26.35 47.28
CA ALA C 972 23.68 26.93 46.39
C ALA C 972 24.28 28.08 45.59
N ASP C 973 24.99 28.98 46.28
CA ASP C 973 25.60 30.10 45.60
C ASP C 973 26.70 29.60 44.65
N THR C 974 27.46 28.59 45.06
CA THR C 974 28.52 28.08 44.18
C THR C 974 27.96 27.46 42.91
N TYR C 975 27.05 26.51 43.05
CA TYR C 975 26.44 25.86 41.90
C TYR C 975 25.77 26.89 40.99
N VAL C 976 24.66 27.45 41.48
CA VAL C 976 23.84 28.42 40.75
C VAL C 976 24.59 29.31 39.74
N GLY C 977 25.89 29.42 39.91
CA GLY C 977 26.68 30.23 38.99
C GLY C 977 27.47 29.36 38.04
N SER C 978 28.23 28.42 38.62
CA SER C 978 29.09 27.48 37.91
C SER C 978 28.72 27.10 36.48
N LYS C 979 29.73 26.57 35.78
CA LYS C 979 29.56 26.12 34.41
C LYS C 979 28.58 24.95 34.40
N ILE C 980 28.62 24.15 35.46
CA ILE C 980 27.75 22.99 35.57
C ILE C 980 26.29 23.39 35.47
N TYR C 981 25.92 24.52 36.07
CA TYR C 981 24.55 24.99 36.01
C TYR C 981 24.14 25.07 34.55
N SER C 982 25.07 25.51 33.70
CA SER C 982 24.80 25.62 32.27
C SER C 982 24.72 24.25 31.63
N ARG C 983 25.70 23.39 31.91
CA ARG C 983 25.70 22.05 31.35
C ARG C 983 24.46 21.30 31.86
N ASP C 984 24.04 21.61 33.08
CA ASP C 984 22.86 20.98 33.66
C ASP C 984 21.67 21.44 32.86
N LYS C 985 21.61 22.74 32.60
CA LYS C 985 20.53 23.35 31.83
C LYS C 985 20.28 22.51 30.57
N TYR C 986 21.34 22.13 29.87
CA TYR C 986 21.24 21.32 28.66
C TYR C 986 20.87 19.86 28.97
N ARG C 987 21.54 19.30 29.98
CA ARG C 987 21.33 17.92 30.41
C ARG C 987 19.88 17.64 30.84
N ILE C 988 19.27 18.56 31.58
CA ILE C 988 17.90 18.41 32.00
C ILE C 988 17.02 18.32 30.76
N LEU C 989 17.14 19.29 29.85
CA LEU C 989 16.36 19.28 28.61
C LEU C 989 16.61 18.02 27.78
N GLU C 990 17.88 17.66 27.60
CA GLU C 990 18.26 16.49 26.84
C GLU C 990 17.61 15.24 27.42
N SER C 991 17.49 15.21 28.73
CA SER C 991 16.91 14.07 29.44
C SER C 991 15.38 14.05 29.32
N TYR C 992 14.77 15.20 29.51
CA TYR C 992 13.32 15.36 29.44
C TYR C 992 12.71 15.07 28.06
N VAL C 993 13.45 15.44 27.02
CA VAL C 993 13.03 15.23 25.64
C VAL C 993 13.02 13.73 25.30
N TYR C 994 14.04 13.01 25.74
CA TYR C 994 14.12 11.57 25.52
C TYR C 994 12.90 10.94 26.18
N ASN C 995 12.59 11.40 27.38
CA ASN C 995 11.44 10.92 28.12
C ASN C 995 10.15 11.05 27.29
N LEU C 996 9.99 12.18 26.61
CA LEU C 996 8.80 12.44 25.79
C LEU C 996 8.78 11.69 24.45
N LEU C 997 9.95 11.26 23.98
CA LEU C 997 10.02 10.56 22.71
C LEU C 997 10.07 9.05 22.91
N SER C 998 9.99 8.61 24.16
CA SER C 998 9.98 7.19 24.49
C SER C 998 11.20 6.51 23.85
N ILE C 999 12.38 7.01 24.18
CA ILE C 999 13.58 6.44 23.63
C ILE C 999 13.98 5.14 24.33
N ASN C 1000 13.29 4.80 25.41
CA ASN C 1000 13.59 3.58 26.16
C ASN C 1000 12.52 2.50 26.03
N TYR C 1001 11.54 2.73 25.17
CA TYR C 1001 10.45 1.77 25.00
C TYR C 1001 10.33 1.03 23.68
N GLY C 1002 9.54 -0.02 23.75
CA GLY C 1002 9.28 -0.86 22.61
C GLY C 1002 10.45 -1.25 21.73
N CYS C 1003 10.44 -0.64 20.56
CA CYS C 1003 11.42 -0.88 19.50
C CYS C 1003 12.75 -0.16 19.73
N TYR C 1004 12.64 1.13 20.00
CA TYR C 1004 13.80 2.02 20.19
C TYR C 1004 14.80 1.67 21.29
N GLN C 1005 14.32 1.29 22.47
CA GLN C 1005 15.24 0.92 23.54
C GLN C 1005 16.33 -0.03 23.07
N LEU C 1006 16.06 -0.75 21.99
CA LEU C 1006 17.00 -1.73 21.42
C LEU C 1006 18.15 -1.13 20.62
N PHE C 1007 17.82 -0.09 19.84
CA PHE C 1007 18.75 0.62 18.95
C PHE C 1007 19.84 1.52 19.56
N ASP C 1008 20.99 1.55 18.88
CA ASP C 1008 22.11 2.38 19.28
C ASP C 1008 21.97 3.74 18.62
N PHE C 1009 21.26 4.66 19.27
CA PHE C 1009 21.07 5.99 18.73
C PHE C 1009 22.35 6.80 18.57
N ASN C 1010 23.48 6.22 18.98
CA ASN C 1010 24.77 6.87 18.82
C ASN C 1010 25.67 6.01 17.95
N SER C 1011 25.06 5.26 17.04
CA SER C 1011 25.81 4.42 16.14
C SER C 1011 26.51 5.23 15.07
N PRO C 1012 27.81 4.97 14.83
CA PRO C 1012 28.52 5.72 13.80
C PRO C 1012 27.80 5.52 12.45
N ASP C 1013 27.47 4.26 12.17
CA ASP C 1013 26.77 3.89 10.94
C ASP C 1013 25.55 4.79 10.75
N LEU C 1014 24.88 5.10 11.85
CA LEU C 1014 23.70 5.95 11.80
C LEU C 1014 24.09 7.40 11.57
N GLU C 1015 25.07 7.85 12.35
CA GLU C 1015 25.58 9.22 12.32
C GLU C 1015 25.93 9.67 10.90
N LYS C 1016 26.33 8.71 10.07
CA LYS C 1016 26.66 9.02 8.68
C LYS C 1016 25.42 9.63 8.06
N LEU C 1017 24.40 8.80 7.83
CA LEU C 1017 23.16 9.26 7.23
C LEU C 1017 22.64 10.61 7.74
N ILE C 1018 23.21 11.16 8.80
CA ILE C 1018 22.75 12.44 9.33
C ILE C 1018 23.79 13.55 9.08
N ARG C 1019 23.49 14.42 8.12
CA ARG C 1019 24.39 15.51 7.76
C ARG C 1019 23.84 16.83 8.29
N ILE C 1020 24.33 17.26 9.44
CA ILE C 1020 23.83 18.48 10.03
C ILE C 1020 24.85 19.60 10.25
N PRO C 1021 24.90 20.56 9.31
CA PRO C 1021 25.80 21.73 9.34
C PRO C 1021 25.44 22.61 10.51
N PHE C 1022 26.35 22.71 11.47
CA PHE C 1022 26.12 23.51 12.67
C PHE C 1022 26.35 25.00 12.41
N LYS C 1023 25.32 25.64 11.86
CA LYS C 1023 25.36 27.07 11.54
C LYS C 1023 25.20 27.91 12.79
N GLY C 1024 25.20 27.25 13.94
CA GLY C 1024 25.06 27.95 15.20
C GLY C 1024 25.48 27.09 16.37
N LYS C 1025 26.21 27.66 17.32
CA LYS C 1025 26.67 26.93 18.48
C LYS C 1025 25.66 27.15 19.61
N ILE C 1026 24.52 26.49 19.50
CA ILE C 1026 23.45 26.57 20.49
C ILE C 1026 22.90 25.15 20.79
N PRO C 1027 23.64 24.38 21.61
CA PRO C 1027 23.44 23.00 22.09
C PRO C 1027 22.05 22.36 21.99
N ALA C 1028 21.05 23.01 22.58
CA ALA C 1028 19.67 22.50 22.57
C ALA C 1028 19.17 22.22 21.15
N VAL C 1029 19.23 23.24 20.31
CA VAL C 1029 18.80 23.10 18.95
C VAL C 1029 19.62 22.02 18.24
N THR C 1030 20.94 22.09 18.37
CA THR C 1030 21.77 21.09 17.74
C THR C 1030 21.24 19.73 18.13
N PHE C 1031 21.03 19.54 19.43
CA PHE C 1031 20.52 18.29 20.00
C PHE C 1031 19.26 17.74 19.31
N ILE C 1032 18.13 18.39 19.53
CA ILE C 1032 16.88 17.95 18.93
C ILE C 1032 16.97 17.68 17.41
N LEU C 1033 17.65 18.54 16.66
CA LEU C 1033 17.79 18.38 15.21
C LEU C 1033 18.38 17.02 14.85
N HIS C 1034 19.43 16.62 15.55
CA HIS C 1034 20.07 15.33 15.31
C HIS C 1034 19.18 14.15 15.68
N LEU C 1035 18.50 14.25 16.83
CA LEU C 1035 17.63 13.19 17.32
C LEU C 1035 16.41 13.03 16.41
N TYR C 1036 15.78 14.16 16.08
CA TYR C 1036 14.62 14.11 15.20
C TYR C 1036 15.03 13.41 13.90
N ALA C 1037 16.23 13.73 13.42
CA ALA C 1037 16.76 13.14 12.20
C ALA C 1037 17.08 11.66 12.36
N LYS C 1038 17.71 11.30 13.47
CA LYS C 1038 18.02 9.90 13.71
C LYS C 1038 16.71 9.11 13.71
N LEU C 1039 15.66 9.67 14.33
CA LEU C 1039 14.35 9.01 14.38
C LEU C 1039 13.73 8.82 12.99
N GLU C 1040 13.69 9.89 12.19
CA GLU C 1040 13.13 9.86 10.84
C GLU C 1040 13.84 8.85 9.96
N VAL C 1041 15.15 8.76 10.12
CA VAL C 1041 15.94 7.81 9.35
C VAL C 1041 15.57 6.39 9.75
N ILE C 1042 15.59 6.12 11.05
CA ILE C 1042 15.26 4.79 11.56
C ILE C 1042 13.80 4.39 11.27
N ASN C 1043 12.88 5.35 11.30
CA ASN C 1043 11.51 4.99 11.01
C ASN C 1043 11.44 4.53 9.58
N TYR C 1044 12.02 5.31 8.68
CA TYR C 1044 12.00 4.95 7.27
C TYR C 1044 12.54 3.54 7.06
N ALA C 1045 13.62 3.20 7.78
CA ALA C 1045 14.24 1.88 7.67
C ALA C 1045 13.36 0.79 8.25
N ILE C 1046 12.55 1.16 9.24
CA ILE C 1046 11.64 0.22 9.89
C ILE C 1046 10.43 -0.10 9.04
N LYS C 1047 10.14 0.78 8.07
CA LYS C 1047 9.00 0.58 7.18
C LYS C 1047 9.36 0.06 5.80
N ASN C 1048 10.34 0.70 5.16
CA ASN C 1048 10.77 0.36 3.80
C ASN C 1048 11.89 -0.66 3.64
N GLY C 1049 12.73 -0.83 4.64
CA GLY C 1049 13.78 -1.82 4.52
C GLY C 1049 15.05 -1.28 3.92
N SER C 1050 15.02 -0.01 3.50
CA SER C 1050 16.19 0.64 2.94
C SER C 1050 16.48 1.92 3.74
N TRP C 1051 17.67 2.48 3.56
CA TRP C 1051 18.04 3.69 4.29
C TRP C 1051 17.99 4.99 3.51
N ILE C 1052 17.97 6.11 4.24
CA ILE C 1052 17.96 7.44 3.62
C ILE C 1052 18.88 8.37 4.41
N SER C 1053 19.38 9.41 3.74
CA SER C 1053 20.27 10.38 4.37
C SER C 1053 19.51 11.66 4.62
N LEU C 1054 19.91 12.39 5.64
CA LEU C 1054 19.24 13.63 5.95
C LEU C 1054 20.19 14.82 5.99
N PHE C 1055 19.79 15.88 5.29
CA PHE C 1055 20.58 17.11 5.25
C PHE C 1055 19.74 18.18 5.93
N CYS C 1056 20.38 18.99 6.77
CA CYS C 1056 19.66 20.03 7.47
C CYS C 1056 20.12 21.42 7.09
N ASN C 1057 19.15 22.26 6.73
CA ASN C 1057 19.39 23.65 6.34
C ASN C 1057 18.51 24.51 7.23
N TYR C 1058 18.61 24.28 8.53
CA TYR C 1058 17.83 25.02 9.50
C TYR C 1058 18.49 26.39 9.62
N PRO C 1059 17.69 27.46 9.48
CA PRO C 1059 18.09 28.87 9.56
C PRO C 1059 18.64 29.28 10.92
N LYS C 1060 19.54 30.27 10.92
CA LYS C 1060 20.10 30.74 12.18
C LYS C 1060 19.04 31.49 12.97
N SER C 1061 18.31 32.38 12.30
CA SER C 1061 17.28 33.16 12.96
C SER C 1061 16.29 32.23 13.63
N GLU C 1062 15.82 31.23 12.88
CA GLU C 1062 14.86 30.27 13.41
C GLU C 1062 15.36 29.53 14.65
N MET C 1063 16.64 29.20 14.68
CA MET C 1063 17.21 28.48 15.80
C MET C 1063 16.86 29.11 17.14
N ILE C 1064 16.99 30.43 17.26
CA ILE C 1064 16.68 31.09 18.51
C ILE C 1064 15.17 31.10 18.78
N LYS C 1065 14.37 31.07 17.71
CA LYS C 1065 12.91 31.04 17.83
C LYS C 1065 12.51 29.69 18.43
N LEU C 1066 13.18 28.63 17.97
CA LEU C 1066 12.94 27.27 18.42
C LEU C 1066 13.40 27.10 19.87
N TRP C 1067 14.68 27.36 20.13
CA TRP C 1067 15.24 27.25 21.47
C TRP C 1067 14.26 27.75 22.53
N LYS C 1068 13.54 28.83 22.21
CA LYS C 1068 12.58 29.36 23.15
C LYS C 1068 11.43 28.37 23.30
N LYS C 1069 10.91 27.89 22.17
CA LYS C 1069 9.83 26.91 22.21
C LYS C 1069 10.25 25.76 23.11
N MET C 1070 11.48 25.30 22.95
CA MET C 1070 12.05 24.21 23.72
C MET C 1070 11.77 24.18 25.22
N TRP C 1071 11.82 25.33 25.88
CA TRP C 1071 11.58 25.38 27.33
C TRP C 1071 10.16 25.63 27.78
N ASN C 1072 9.19 25.34 26.92
CA ASN C 1072 7.79 25.54 27.27
C ASN C 1072 7.00 24.37 26.73
N ILE C 1073 7.63 23.20 26.80
CA ILE C 1073 7.02 21.97 26.33
C ILE C 1073 6.19 21.32 27.43
N THR C 1074 5.02 20.81 27.05
CA THR C 1074 4.15 20.14 27.99
C THR C 1074 4.22 18.63 27.77
N SER C 1075 4.11 17.87 28.86
CA SER C 1075 4.15 16.42 28.78
C SER C 1075 2.75 15.93 28.47
N LEU C 1076 2.63 15.02 27.50
CA LEU C 1076 1.33 14.48 27.16
C LEU C 1076 1.06 13.24 28.01
N ARG C 1077 -0.20 13.10 28.41
CA ARG C 1077 -0.63 11.98 29.22
C ARG C 1077 -1.63 11.17 28.41
N SER C 1078 -1.36 9.88 28.20
CA SER C 1078 -2.28 9.04 27.44
C SER C 1078 -2.20 7.56 27.79
N PRO C 1079 -3.21 6.78 27.36
CA PRO C 1079 -3.25 5.33 27.61
C PRO C 1079 -2.05 4.65 26.96
N TYR C 1080 -1.67 5.14 25.78
CA TYR C 1080 -0.50 4.62 25.09
C TYR C 1080 0.69 4.79 26.05
N THR C 1081 0.88 6.03 26.52
CA THR C 1081 1.94 6.41 27.46
C THR C 1081 1.94 5.55 28.73
N ASN C 1082 0.80 5.50 29.40
CA ASN C 1082 0.67 4.70 30.61
C ASN C 1082 0.92 3.24 30.30
N ALA C 1083 0.44 2.80 29.15
CA ALA C 1083 0.64 1.42 28.73
C ALA C 1083 2.13 1.08 28.84
N ASN C 1084 2.98 1.95 28.31
CA ASN C 1084 4.41 1.74 28.37
C ASN C 1084 4.91 1.73 29.82
N PHE C 1085 4.35 2.60 30.65
CA PHE C 1085 4.75 2.66 32.05
C PHE C 1085 4.36 1.36 32.75
N PHE C 1086 3.29 0.74 32.26
CA PHE C 1086 2.81 -0.52 32.82
C PHE C 1086 3.83 -1.66 32.57
N GLN C 1087 4.65 -1.51 31.54
CA GLN C 1087 5.67 -2.52 31.23
C GLN C 1087 6.86 -2.30 32.14
N GLU C 1088 6.58 -2.14 33.43
CA GLU C 1088 7.62 -1.92 34.43
C GLU C 1088 7.42 -2.87 35.62
N GLY D 2 -30.35 0.15 -24.56
CA GLY D 2 -31.56 -0.15 -25.36
C GLY D 2 -32.20 1.08 -25.98
N LYS D 3 -31.68 2.26 -25.63
CA LYS D 3 -32.22 3.52 -26.14
C LYS D 3 -31.89 3.82 -27.60
N TYR D 4 -30.86 3.17 -28.13
CA TYR D 4 -30.48 3.39 -29.51
C TYR D 4 -31.68 3.20 -30.43
N ASN D 5 -32.22 1.99 -30.46
CA ASN D 5 -33.37 1.67 -31.30
C ASN D 5 -34.51 2.68 -31.28
N LEU D 6 -34.60 3.44 -30.20
CA LEU D 6 -35.66 4.43 -30.08
C LEU D 6 -35.16 5.80 -30.55
N ILE D 7 -33.99 6.20 -30.06
CA ILE D 7 -33.42 7.48 -30.48
C ILE D 7 -33.21 7.38 -31.98
N LEU D 8 -33.28 6.17 -32.52
CA LEU D 8 -33.07 5.94 -33.96
C LEU D 8 -34.29 6.35 -34.77
N SER D 9 -35.46 6.25 -34.15
CA SER D 9 -36.69 6.60 -34.84
C SER D 9 -36.90 8.09 -34.80
N GLU D 10 -36.73 8.70 -33.62
CA GLU D 10 -36.89 10.14 -33.48
C GLU D 10 -36.05 10.82 -34.55
N TYR D 11 -34.96 10.16 -34.91
CA TYR D 11 -34.04 10.68 -35.93
C TYR D 11 -34.64 10.57 -37.31
N LEU D 12 -34.99 9.35 -37.72
CA LEU D 12 -35.58 9.15 -39.02
C LEU D 12 -36.81 10.03 -39.20
N SER D 13 -37.72 9.98 -38.24
CA SER D 13 -38.93 10.78 -38.30
C SER D 13 -38.62 12.28 -38.29
N PHE D 14 -37.35 12.61 -38.06
CA PHE D 14 -36.88 13.99 -38.03
C PHE D 14 -36.34 14.36 -39.39
N ILE D 15 -35.51 13.48 -39.93
CA ILE D 15 -34.88 13.66 -41.24
C ILE D 15 -35.89 13.58 -42.37
N TYR D 16 -36.82 12.63 -42.26
CA TYR D 16 -37.83 12.42 -43.29
C TYR D 16 -39.26 12.72 -42.84
N ASN D 17 -39.97 13.57 -43.60
CA ASN D 17 -41.36 13.94 -43.31
C ASN D 17 -42.15 13.86 -44.62
N SER D 18 -43.14 12.97 -44.68
CA SER D 18 -43.95 12.80 -45.89
C SER D 18 -45.26 12.07 -45.62
N VAL D 22 -41.64 6.91 -44.50
CA VAL D 22 -42.24 5.94 -43.61
C VAL D 22 -41.24 4.86 -43.12
N GLN D 23 -41.43 4.40 -41.89
CA GLN D 23 -40.53 3.39 -41.31
C GLN D 23 -41.22 2.04 -41.15
N ILE D 24 -40.52 0.98 -41.52
CA ILE D 24 -41.05 -0.38 -41.43
C ILE D 24 -40.22 -1.30 -40.54
N PRO D 25 -40.44 -1.26 -39.21
CA PRO D 25 -39.70 -2.09 -38.25
C PRO D 25 -39.57 -3.54 -38.69
N ILE D 26 -38.35 -4.05 -38.72
CA ILE D 26 -38.13 -5.44 -39.11
C ILE D 26 -37.63 -6.26 -37.90
N TYR D 27 -38.42 -7.24 -37.48
CA TYR D 27 -38.05 -8.07 -36.34
C TYR D 27 -37.66 -9.48 -36.73
N TYR D 28 -37.21 -10.25 -35.73
CA TYR D 28 -36.80 -11.63 -35.92
C TYR D 28 -36.82 -12.32 -34.55
N SER D 29 -36.92 -13.65 -34.57
CA SER D 29 -36.92 -14.42 -33.33
C SER D 29 -36.33 -15.82 -33.52
N SER D 30 -35.60 -16.26 -32.51
CA SER D 30 -35.00 -17.59 -32.52
C SER D 30 -36.11 -18.62 -32.51
N ASN D 31 -37.28 -18.20 -32.02
CA ASN D 31 -38.45 -19.07 -31.95
C ASN D 31 -39.15 -19.14 -33.31
N SER D 32 -39.32 -20.35 -33.83
CA SER D 32 -39.92 -20.54 -35.15
C SER D 32 -41.29 -19.91 -35.39
N GLU D 33 -42.23 -20.16 -34.50
CA GLU D 33 -43.56 -19.60 -34.67
C GLU D 33 -43.59 -18.08 -34.54
N LEU D 34 -42.75 -17.54 -33.65
CA LEU D 34 -42.70 -16.10 -33.45
C LEU D 34 -42.09 -15.38 -34.64
N GLU D 35 -41.12 -16.03 -35.28
CA GLU D 35 -40.43 -15.49 -36.45
C GLU D 35 -41.41 -15.36 -37.62
N ASN D 36 -42.26 -16.39 -37.78
CA ASN D 36 -43.27 -16.41 -38.83
C ASN D 36 -44.25 -15.26 -38.61
N ARG D 37 -44.36 -14.84 -37.36
CA ARG D 37 -45.19 -13.72 -37.02
C ARG D 37 -44.37 -12.52 -37.47
N CYS D 38 -43.07 -12.58 -37.19
CA CYS D 38 -42.15 -11.52 -37.58
C CYS D 38 -42.17 -11.32 -39.10
N ILE D 39 -42.41 -12.39 -39.83
CA ILE D 39 -42.47 -12.33 -41.29
C ILE D 39 -43.78 -11.72 -41.73
N GLU D 40 -44.88 -12.24 -41.16
CA GLU D 40 -46.21 -11.75 -41.49
C GLU D 40 -46.26 -10.25 -41.26
N PHE D 41 -45.96 -9.84 -40.04
CA PHE D 41 -46.01 -8.43 -39.66
C PHE D 41 -45.26 -7.55 -40.66
N HIS D 42 -44.11 -8.04 -41.13
CA HIS D 42 -43.28 -7.35 -42.09
C HIS D 42 -44.16 -7.05 -43.32
N SER D 43 -44.41 -8.08 -44.12
CA SER D 43 -45.23 -7.93 -45.33
C SER D 43 -46.49 -7.11 -45.09
N LYS D 44 -47.25 -7.41 -44.04
CA LYS D 44 -48.45 -6.64 -43.78
C LYS D 44 -48.12 -5.15 -43.63
N CYS D 45 -46.94 -4.86 -43.07
CA CYS D 45 -46.55 -3.47 -42.90
C CYS D 45 -46.21 -2.83 -44.26
N LEU D 46 -45.43 -3.54 -45.08
CA LEU D 46 -45.07 -3.04 -46.40
C LEU D 46 -46.34 -2.69 -47.17
N GLU D 47 -47.27 -3.63 -47.14
CA GLU D 47 -48.55 -3.51 -47.83
C GLU D 47 -49.25 -2.21 -47.51
N ASN D 48 -49.58 -2.00 -46.24
CA ASN D 48 -50.28 -0.79 -45.83
C ASN D 48 -49.55 0.50 -46.22
N SER D 49 -48.23 0.48 -46.17
CA SER D 49 -47.46 1.65 -46.57
C SER D 49 -47.61 1.84 -48.07
N LYS D 50 -47.70 0.72 -48.81
CA LYS D 50 -47.89 0.77 -50.26
C LYS D 50 -49.35 1.10 -50.57
N ASN D 51 -50.02 1.76 -49.62
CA ASN D 51 -51.41 2.14 -49.78
C ASN D 51 -51.77 3.28 -48.84
N GLY D 52 -50.74 3.89 -48.25
CA GLY D 52 -50.97 5.00 -47.34
C GLY D 52 -51.96 4.70 -46.25
N LEU D 53 -51.93 3.45 -45.76
CA LEU D 53 -52.83 2.98 -44.70
C LEU D 53 -52.10 2.94 -43.37
N SER D 54 -52.63 3.66 -42.37
CA SER D 54 -52.04 3.72 -41.04
C SER D 54 -51.65 2.30 -40.60
N LEU D 55 -50.46 2.17 -40.03
CA LEU D 55 -50.00 0.87 -39.56
C LEU D 55 -50.47 0.62 -38.13
N ARG D 56 -51.03 1.66 -37.52
CA ARG D 56 -51.52 1.59 -36.16
C ARG D 56 -52.22 0.28 -35.83
N LYS D 57 -53.06 -0.20 -36.75
CA LYS D 57 -53.77 -1.45 -36.54
C LYS D 57 -52.79 -2.61 -36.41
N LEU D 58 -51.95 -2.79 -37.42
CA LEU D 58 -50.99 -3.87 -37.41
C LEU D 58 -50.05 -3.87 -36.21
N PHE D 59 -49.66 -2.69 -35.74
CA PHE D 59 -48.77 -2.61 -34.58
C PHE D 59 -49.47 -3.19 -33.34
N VAL D 60 -50.79 -3.14 -33.35
CA VAL D 60 -51.55 -3.69 -32.24
C VAL D 60 -51.73 -5.18 -32.56
N GLU D 61 -52.19 -5.47 -33.78
CA GLU D 61 -52.42 -6.85 -34.22
C GLU D 61 -51.21 -7.72 -33.89
N TYR D 62 -50.03 -7.22 -34.21
CA TYR D 62 -48.79 -7.95 -33.96
C TYR D 62 -48.02 -7.35 -32.79
N ASN D 63 -48.74 -7.05 -31.72
CA ASN D 63 -48.11 -6.49 -30.53
C ASN D 63 -47.17 -7.54 -29.94
N ASP D 64 -47.47 -8.82 -30.21
CA ASP D 64 -46.62 -9.89 -29.71
C ASP D 64 -45.20 -9.73 -30.24
N VAL D 65 -45.08 -9.47 -31.55
CA VAL D 65 -43.77 -9.28 -32.16
C VAL D 65 -43.05 -8.09 -31.56
N ILE D 66 -43.77 -6.99 -31.41
CA ILE D 66 -43.17 -5.79 -30.84
C ILE D 66 -42.54 -6.11 -29.48
N GLU D 67 -43.32 -6.82 -28.67
CA GLU D 67 -42.93 -7.19 -27.30
C GLU D 67 -41.86 -8.26 -27.10
N ASN D 68 -42.05 -9.42 -27.73
CA ASN D 68 -41.13 -10.53 -27.54
C ASN D 68 -40.15 -10.91 -28.65
N ALA D 69 -40.06 -10.11 -29.70
CA ALA D 69 -39.10 -10.42 -30.78
C ALA D 69 -37.94 -9.44 -30.70
N THR D 70 -36.85 -9.73 -31.39
CA THR D 70 -35.70 -8.84 -31.37
C THR D 70 -35.67 -7.93 -32.60
N LEU D 71 -35.61 -6.62 -32.40
CA LEU D 71 -35.56 -5.71 -33.54
C LEU D 71 -34.28 -5.98 -34.31
N LEU D 72 -34.43 -6.34 -35.58
CA LEU D 72 -33.29 -6.65 -36.43
C LEU D 72 -32.79 -5.42 -37.18
N SER D 73 -33.71 -4.54 -37.52
CA SER D 73 -33.38 -3.32 -38.26
C SER D 73 -34.63 -2.48 -38.48
N ILE D 74 -34.44 -1.22 -38.84
CA ILE D 74 -35.55 -0.32 -39.13
C ILE D 74 -35.42 0.11 -40.58
N LEU D 75 -36.40 -0.25 -41.39
CA LEU D 75 -36.37 0.13 -42.79
C LEU D 75 -36.96 1.52 -42.95
N SER D 76 -36.26 2.37 -43.71
CA SER D 76 -36.70 3.74 -43.95
C SER D 76 -36.95 3.98 -45.43
N TYR D 77 -38.22 4.20 -45.76
CA TYR D 77 -38.60 4.49 -47.13
C TYR D 77 -38.99 5.96 -47.20
N SER D 78 -38.15 6.75 -47.87
CA SER D 78 -38.42 8.17 -48.00
C SER D 78 -38.27 8.60 -49.44
N TYR D 79 -39.20 9.43 -49.90
CA TYR D 79 -39.15 9.91 -51.27
C TYR D 79 -39.04 11.45 -51.35
N ASP D 80 -37.92 11.96 -50.85
CA ASP D 80 -37.64 13.39 -50.86
C ASP D 80 -36.43 13.53 -51.79
N LYS D 81 -36.09 14.75 -52.18
CA LYS D 81 -34.95 14.95 -53.07
C LYS D 81 -33.64 15.17 -52.32
N TYR D 82 -33.62 14.75 -51.05
CA TYR D 82 -32.47 14.84 -50.16
C TYR D 82 -31.70 16.16 -50.17
N ASN D 83 -32.45 17.25 -50.16
CA ASN D 83 -31.90 18.60 -50.12
C ASN D 83 -32.56 19.23 -48.88
N ALA D 84 -33.16 18.36 -48.08
CA ALA D 84 -33.85 18.75 -46.85
C ALA D 84 -32.87 19.39 -45.88
N VAL D 85 -31.58 19.10 -46.08
CA VAL D 85 -30.52 19.65 -45.24
C VAL D 85 -30.44 21.15 -45.46
N GLU D 86 -30.36 21.53 -46.73
CA GLU D 86 -30.30 22.93 -47.12
C GLU D 86 -31.48 23.63 -46.46
N ARG D 87 -32.68 23.19 -46.83
CA ARG D 87 -33.92 23.75 -46.31
C ARG D 87 -33.93 23.87 -44.78
N LYS D 88 -33.65 22.76 -44.08
CA LYS D 88 -33.64 22.72 -42.61
C LYS D 88 -32.66 23.66 -41.91
N LEU D 89 -31.56 23.97 -42.58
CA LEU D 89 -30.53 24.83 -42.02
C LEU D 89 -30.88 26.30 -41.83
N VAL D 90 -31.81 26.82 -42.62
CA VAL D 90 -32.18 28.24 -42.50
C VAL D 90 -32.48 28.69 -41.08
N LYS D 91 -33.50 28.10 -40.46
CA LYS D 91 -33.90 28.45 -39.10
C LYS D 91 -32.77 28.87 -38.17
N TYR D 92 -31.59 28.27 -38.35
CA TYR D 92 -30.43 28.56 -37.51
C TYR D 92 -29.42 29.56 -38.07
N ALA D 93 -29.67 30.04 -39.28
CA ALA D 93 -28.80 31.01 -39.92
C ALA D 93 -29.44 32.40 -39.90
N LYS D 94 -29.36 33.07 -38.76
CA LYS D 94 -29.93 34.40 -38.62
C LYS D 94 -28.86 35.30 -37.99
N GLY D 95 -27.65 34.75 -37.86
CA GLY D 95 -26.55 35.51 -37.28
C GLY D 95 -25.66 36.02 -38.39
N LYS D 96 -24.73 36.89 -38.05
CA LYS D 96 -23.82 37.46 -39.04
C LYS D 96 -22.74 36.46 -39.47
N PRO D 97 -22.74 36.06 -40.77
CA PRO D 97 -21.75 35.11 -41.28
C PRO D 97 -20.35 35.57 -40.91
N LEU D 98 -19.42 34.64 -40.77
CA LEU D 98 -18.06 35.04 -40.41
C LEU D 98 -17.33 35.49 -41.66
N GLU D 99 -16.41 36.43 -41.50
CA GLU D 99 -15.64 36.93 -42.63
C GLU D 99 -14.18 36.62 -42.35
N ALA D 100 -13.63 35.75 -43.17
CA ALA D 100 -12.25 35.34 -42.99
C ALA D 100 -11.22 36.44 -43.13
N ASP D 101 -10.36 36.56 -42.12
CA ASP D 101 -9.27 37.54 -42.11
C ASP D 101 -8.06 36.90 -42.81
N LEU D 102 -7.92 37.14 -44.11
CA LEU D 102 -6.82 36.57 -44.89
C LEU D 102 -5.45 37.15 -44.58
N THR D 103 -5.24 37.54 -43.32
CA THR D 103 -3.97 38.12 -42.92
C THR D 103 -3.20 37.33 -41.87
N VAL D 104 -3.94 36.48 -41.16
CA VAL D 104 -3.37 35.70 -40.07
C VAL D 104 -2.34 34.62 -40.40
N ASN D 105 -2.45 34.02 -41.59
CA ASN D 105 -1.53 32.95 -41.96
C ASN D 105 -0.37 33.36 -42.85
N GLU D 106 0.81 32.79 -42.56
CA GLU D 106 2.02 33.04 -43.35
C GLU D 106 1.75 32.59 -44.77
N LEU D 107 1.93 31.30 -45.03
CA LEU D 107 1.68 30.79 -46.36
C LEU D 107 0.30 31.27 -46.79
N ASP D 108 0.21 31.74 -48.03
CA ASP D 108 -1.04 32.28 -48.56
C ASP D 108 -2.19 31.31 -48.60
N TYR D 109 -1.91 30.06 -49.01
CA TYR D 109 -2.95 29.05 -49.11
C TYR D 109 -3.52 28.58 -47.77
N GLU D 110 -2.88 28.99 -46.67
CA GLU D 110 -3.37 28.65 -45.35
C GLU D 110 -4.51 29.57 -44.95
N ASN D 111 -4.58 30.76 -45.57
CA ASN D 111 -5.65 31.71 -45.29
C ASN D 111 -6.92 31.21 -45.97
N ASN D 112 -8.06 31.44 -45.33
CA ASN D 112 -9.36 30.98 -45.81
C ASN D 112 -9.94 31.75 -47.03
N LYS D 113 -9.18 31.87 -48.11
CA LYS D 113 -9.63 32.57 -49.31
C LYS D 113 -10.70 31.76 -50.03
N MET D 114 -11.29 32.32 -51.10
CA MET D 114 -12.30 31.55 -51.85
C MET D 114 -11.49 30.48 -52.53
N THR D 115 -12.11 29.35 -52.81
CA THR D 115 -11.39 28.27 -53.47
C THR D 115 -10.69 28.75 -54.74
N SER D 116 -11.46 29.37 -55.63
CA SER D 116 -10.95 29.88 -56.90
C SER D 116 -9.72 30.78 -56.76
N GLU D 117 -9.68 31.61 -55.72
CA GLU D 117 -8.53 32.49 -55.52
C GLU D 117 -7.26 31.66 -55.30
N LEU D 118 -7.41 30.45 -54.79
CA LEU D 118 -6.27 29.58 -54.56
C LEU D 118 -6.11 28.67 -55.78
N PHE D 119 -7.24 28.35 -56.41
CA PHE D 119 -7.27 27.48 -57.58
C PHE D 119 -8.23 28.04 -58.63
N PRO D 120 -7.68 28.76 -59.62
CA PRO D 120 -8.40 29.39 -60.72
C PRO D 120 -9.03 28.43 -61.71
N THR D 121 -8.45 27.25 -61.87
CA THR D 121 -9.00 26.26 -62.79
C THR D 121 -9.25 24.92 -62.16
N ALA D 122 -10.09 24.11 -62.81
CA ALA D 122 -10.41 22.78 -62.30
C ALA D 122 -9.22 21.82 -62.34
N GLU D 123 -8.19 22.18 -63.10
CA GLU D 123 -7.01 21.33 -63.22
C GLU D 123 -5.97 21.68 -62.16
N GLU D 124 -6.15 22.85 -61.55
CA GLU D 124 -5.23 23.31 -60.53
C GLU D 124 -5.76 23.01 -59.14
N TYR D 125 -7.05 22.70 -59.07
CA TYR D 125 -7.70 22.41 -57.79
C TYR D 125 -7.21 21.12 -57.15
N THR D 126 -7.36 21.08 -55.83
CA THR D 126 -6.96 19.93 -55.03
C THR D 126 -7.51 20.04 -53.62
N ASP D 127 -8.26 19.03 -53.17
CA ASP D 127 -8.81 19.03 -51.82
C ASP D 127 -7.69 18.65 -50.86
N SER D 128 -6.57 18.20 -51.43
CA SER D 128 -5.40 17.81 -50.67
C SER D 128 -5.12 18.59 -49.40
N LEU D 129 -5.52 19.85 -49.35
CA LEU D 129 -5.24 20.66 -48.17
C LEU D 129 -6.39 20.87 -47.18
N MET D 130 -7.56 20.30 -47.46
CA MET D 130 -8.73 20.44 -46.59
C MET D 130 -9.55 19.15 -46.44
N ASP D 131 -9.34 18.23 -47.38
CA ASP D 131 -10.04 16.96 -47.41
C ASP D 131 -10.33 16.39 -46.01
N PRO D 132 -11.60 16.33 -45.64
CA PRO D 132 -11.94 15.79 -44.31
C PRO D 132 -11.51 14.33 -44.26
N ALA D 133 -11.30 13.75 -45.44
CA ALA D 133 -10.86 12.38 -45.59
C ALA D 133 -11.52 11.41 -44.61
N ILE D 134 -12.84 11.42 -44.55
CA ILE D 134 -13.57 10.53 -43.66
C ILE D 134 -14.82 10.13 -44.44
N LEU D 135 -15.46 9.02 -44.07
CA LEU D 135 -16.60 8.59 -44.84
C LEU D 135 -17.99 9.03 -44.41
N THR D 136 -18.10 10.25 -43.91
CA THR D 136 -19.39 10.81 -43.52
C THR D 136 -19.43 12.23 -44.06
N SER D 137 -20.59 12.66 -44.54
CA SER D 137 -20.75 14.00 -45.14
C SER D 137 -20.88 15.17 -44.18
N LEU D 138 -20.68 16.38 -44.71
CA LEU D 138 -20.82 17.59 -43.91
C LEU D 138 -22.30 17.84 -43.74
N SER D 139 -23.10 17.30 -44.65
CA SER D 139 -24.53 17.47 -44.59
C SER D 139 -25.02 16.75 -43.35
N SER D 140 -24.44 15.56 -43.13
CA SER D 140 -24.79 14.72 -41.99
C SER D 140 -24.42 15.40 -40.68
N ASN D 141 -23.16 15.80 -40.55
CA ASN D 141 -22.76 16.47 -39.33
C ASN D 141 -23.70 17.63 -39.03
N LEU D 142 -24.29 18.17 -40.09
CA LEU D 142 -25.23 19.27 -39.94
C LEU D 142 -26.55 18.72 -39.44
N ASN D 143 -27.09 17.73 -40.17
CA ASN D 143 -28.34 17.12 -39.77
C ASN D 143 -28.27 16.68 -38.31
N ALA D 144 -27.21 15.96 -37.97
CA ALA D 144 -27.03 15.47 -36.61
C ALA D 144 -27.26 16.58 -35.58
N VAL D 145 -26.50 17.68 -35.69
CA VAL D 145 -26.61 18.81 -34.77
C VAL D 145 -28.05 19.31 -34.61
N MET D 146 -28.68 19.63 -35.73
CA MET D 146 -30.04 20.14 -35.67
C MET D 146 -30.98 19.14 -35.01
N PHE D 147 -30.83 17.88 -35.39
CA PHE D 147 -31.64 16.82 -34.80
C PHE D 147 -31.59 16.93 -33.27
N TRP D 148 -30.37 17.13 -32.77
CA TRP D 148 -30.15 17.24 -31.35
C TRP D 148 -30.67 18.54 -30.79
N LEU D 149 -30.56 19.60 -31.58
CA LEU D 149 -31.04 20.90 -31.13
C LEU D 149 -32.55 20.87 -30.92
N GLU D 150 -33.23 20.16 -31.80
CA GLU D 150 -34.68 20.05 -31.72
C GLU D 150 -35.08 19.26 -30.49
N LYS D 151 -34.41 18.13 -30.28
CA LYS D 151 -34.74 17.28 -29.15
C LYS D 151 -34.49 17.90 -27.79
N HIS D 152 -33.60 18.88 -27.71
CA HIS D 152 -33.34 19.53 -26.44
C HIS D 152 -33.76 20.96 -26.51
N GLU D 153 -34.83 21.21 -27.27
CA GLU D 153 -35.37 22.55 -27.42
C GLU D 153 -36.09 22.93 -26.12
N ASN D 154 -37.00 22.07 -25.67
CA ASN D 154 -37.78 22.31 -24.46
C ASN D 154 -37.19 21.74 -23.16
N ASP D 155 -35.92 21.40 -23.18
CA ASP D 155 -35.29 20.89 -21.97
C ASP D 155 -35.23 22.06 -20.97
N VAL D 156 -35.09 21.75 -19.69
CA VAL D 156 -35.09 22.79 -18.67
C VAL D 156 -33.85 22.78 -17.78
N ALA D 157 -33.88 23.67 -16.78
CA ALA D 157 -32.83 23.84 -15.79
C ALA D 157 -31.44 24.00 -16.39
N GLU D 158 -30.60 22.99 -16.23
CA GLU D 158 -29.23 23.02 -16.74
C GLU D 158 -29.13 22.54 -18.17
N LYS D 159 -29.88 21.51 -18.51
CA LYS D 159 -29.87 20.98 -19.87
C LYS D 159 -30.05 22.13 -20.85
N LEU D 160 -30.90 23.08 -20.48
CA LEU D 160 -31.17 24.24 -21.31
C LEU D 160 -29.88 25.02 -21.52
N LYS D 161 -29.21 25.40 -20.45
CA LYS D 161 -27.95 26.15 -20.55
C LYS D 161 -26.95 25.46 -21.45
N VAL D 162 -27.16 24.15 -21.65
CA VAL D 162 -26.30 23.34 -22.50
C VAL D 162 -26.86 23.45 -23.90
N TYR D 163 -28.18 23.40 -24.00
CA TYR D 163 -28.83 23.51 -25.30
C TYR D 163 -28.52 24.89 -25.85
N LYS D 164 -28.78 25.89 -25.01
CA LYS D 164 -28.55 27.27 -25.38
C LYS D 164 -27.11 27.40 -25.86
N ARG D 165 -26.16 27.37 -24.93
CA ARG D 165 -24.75 27.49 -25.29
C ARG D 165 -24.47 26.87 -26.68
N ARG D 166 -25.08 25.72 -26.92
CA ARG D 166 -24.90 24.99 -28.16
C ARG D 166 -25.60 25.64 -29.34
N LEU D 167 -26.88 25.95 -29.16
CA LEU D 167 -27.67 26.59 -30.20
C LEU D 167 -26.96 27.83 -30.73
N ASP D 168 -26.40 28.60 -29.82
CA ASP D 168 -25.67 29.79 -30.19
C ASP D 168 -24.56 29.45 -31.18
N LEU D 169 -23.57 28.71 -30.70
CA LEU D 169 -22.46 28.29 -31.52
C LEU D 169 -22.90 27.72 -32.87
N PHE D 170 -23.86 26.80 -32.87
CA PHE D 170 -24.28 26.26 -34.15
C PHE D 170 -24.62 27.37 -35.13
N THR D 171 -25.29 28.41 -34.65
CA THR D 171 -25.65 29.52 -35.51
C THR D 171 -24.43 29.96 -36.32
N ILE D 172 -23.36 30.32 -35.62
CA ILE D 172 -22.14 30.75 -36.29
C ILE D 172 -21.89 29.86 -37.50
N VAL D 173 -21.94 28.55 -37.30
CA VAL D 173 -21.73 27.62 -38.40
C VAL D 173 -22.84 27.80 -39.42
N ALA D 174 -24.07 27.50 -39.00
CA ALA D 174 -25.25 27.59 -39.86
C ALA D 174 -25.28 28.84 -40.75
N SER D 175 -25.15 30.00 -40.12
CA SER D 175 -25.18 31.27 -40.84
C SER D 175 -24.07 31.30 -41.89
N THR D 176 -22.83 31.17 -41.42
CA THR D 176 -21.69 31.16 -42.32
C THR D 176 -21.83 30.18 -43.48
N ILE D 177 -22.38 29.00 -43.23
CA ILE D 177 -22.54 27.99 -44.27
C ILE D 177 -23.61 28.41 -45.30
N ASN D 178 -24.69 28.99 -44.79
CA ASN D 178 -25.80 29.44 -45.62
C ASN D 178 -25.42 30.51 -46.64
N LYS D 179 -24.44 31.33 -46.30
CA LYS D 179 -23.98 32.40 -47.17
C LYS D 179 -23.48 31.88 -48.51
N TYR D 180 -22.87 30.71 -48.52
CA TYR D 180 -22.35 30.14 -49.76
C TYR D 180 -23.06 28.84 -50.10
N GLY D 181 -24.12 28.54 -49.36
CA GLY D 181 -24.85 27.30 -49.59
C GLY D 181 -24.14 26.13 -48.94
N VAL D 182 -24.69 24.93 -49.06
CA VAL D 182 -24.05 23.78 -48.43
C VAL D 182 -23.30 22.97 -49.47
N PRO D 183 -22.00 22.75 -49.25
CA PRO D 183 -21.10 22.00 -50.14
C PRO D 183 -21.52 20.56 -50.32
N ARG D 184 -22.01 20.19 -51.50
CA ARG D 184 -22.41 18.82 -51.71
C ARG D 184 -21.18 17.96 -51.99
N HIS D 185 -21.24 16.72 -51.54
CA HIS D 185 -20.12 15.76 -51.69
C HIS D 185 -20.46 14.67 -52.69
N ASN D 186 -19.43 14.00 -53.20
CA ASN D 186 -19.62 12.92 -54.16
C ASN D 186 -19.71 11.58 -53.44
N ALA D 187 -20.03 10.53 -54.18
CA ALA D 187 -20.15 9.18 -53.63
C ALA D 187 -18.92 8.73 -52.81
N LYS D 188 -17.78 9.38 -53.01
CA LYS D 188 -16.58 9.04 -52.28
C LYS D 188 -16.39 9.99 -51.12
N TYR D 189 -17.45 10.71 -50.80
CA TYR D 189 -17.43 11.68 -49.71
C TYR D 189 -16.29 12.67 -49.86
N ARG D 190 -16.13 13.22 -51.06
CA ARG D 190 -15.10 14.21 -51.32
C ARG D 190 -15.78 15.49 -51.84
N TYR D 191 -15.16 16.64 -51.59
CA TYR D 191 -15.71 17.89 -52.06
C TYR D 191 -14.90 18.32 -53.26
N GLU D 192 -15.56 18.35 -54.42
CA GLU D 192 -14.88 18.71 -55.66
C GLU D 192 -14.82 20.18 -56.00
N TYR D 193 -14.22 20.47 -57.16
CA TYR D 193 -14.06 21.83 -57.62
C TYR D 193 -15.34 22.59 -57.91
N ASP D 194 -16.23 22.00 -58.71
CA ASP D 194 -17.47 22.65 -59.06
C ASP D 194 -18.20 23.17 -57.83
N VAL D 195 -18.20 22.37 -56.77
CA VAL D 195 -18.88 22.77 -55.54
C VAL D 195 -18.03 23.67 -54.62
N MET D 196 -16.73 23.41 -54.57
CA MET D 196 -15.86 24.21 -53.72
C MET D 196 -15.45 25.59 -54.22
N LYS D 197 -15.28 25.72 -55.54
CA LYS D 197 -14.84 26.97 -56.18
C LYS D 197 -15.38 28.31 -55.64
N ASP D 198 -16.70 28.45 -55.57
CA ASP D 198 -17.31 29.69 -55.09
C ASP D 198 -17.28 29.86 -53.57
N LYS D 199 -17.12 28.76 -52.84
CA LYS D 199 -17.10 28.77 -51.38
C LYS D 199 -15.67 28.85 -50.80
N PRO D 200 -15.54 29.36 -49.56
CA PRO D 200 -14.20 29.46 -48.96
C PRO D 200 -13.57 28.06 -48.99
N TYR D 201 -12.31 27.98 -49.36
CA TYR D 201 -11.64 26.69 -49.44
C TYR D 201 -11.77 25.81 -48.20
N TYR D 202 -11.72 26.42 -47.03
CA TYR D 202 -11.80 25.67 -45.78
C TYR D 202 -13.17 25.62 -45.12
N LEU D 203 -14.22 25.99 -45.85
CA LEU D 203 -15.55 25.97 -45.26
C LEU D 203 -15.89 24.64 -44.61
N VAL D 204 -15.84 23.57 -45.41
CA VAL D 204 -16.17 22.22 -44.94
C VAL D 204 -15.40 21.72 -43.71
N THR D 205 -14.10 21.48 -43.87
CA THR D 205 -13.28 20.99 -42.78
C THR D 205 -13.42 21.80 -41.48
N TRP D 206 -13.64 23.11 -41.61
CA TRP D 206 -13.81 23.98 -40.46
C TRP D 206 -15.19 23.76 -39.87
N ALA D 207 -16.18 23.60 -40.75
CA ALA D 207 -17.52 23.35 -40.30
C ALA D 207 -17.40 22.11 -39.41
N ASN D 208 -16.87 21.04 -40.00
CA ASN D 208 -16.66 19.77 -39.30
C ASN D 208 -15.97 19.96 -37.96
N SER D 209 -14.83 20.63 -37.94
CA SER D 209 -14.12 20.86 -36.68
C SER D 209 -15.00 21.60 -35.69
N SER D 210 -15.78 22.56 -36.18
CA SER D 210 -16.65 23.36 -35.30
C SER D 210 -17.86 22.61 -34.75
N ILE D 211 -18.43 21.73 -35.56
CA ILE D 211 -19.58 20.95 -35.12
C ILE D 211 -19.12 19.99 -34.03
N GLU D 212 -18.10 19.22 -34.33
CA GLU D 212 -17.55 18.28 -33.38
C GLU D 212 -17.17 19.00 -32.07
N MET D 213 -16.79 20.27 -32.14
CA MET D 213 -16.42 21.03 -30.93
C MET D 213 -17.61 21.54 -30.13
N LEU D 214 -18.65 22.00 -30.82
CA LEU D 214 -19.84 22.52 -30.15
C LEU D 214 -20.68 21.39 -29.55
N MET D 215 -20.63 20.21 -30.15
CA MET D 215 -21.38 19.07 -29.61
C MET D 215 -20.62 18.42 -28.45
N SER D 216 -19.51 19.02 -28.07
CA SER D 216 -18.70 18.53 -26.98
C SER D 216 -18.67 19.66 -25.95
N VAL D 217 -19.68 20.52 -26.04
CA VAL D 217 -19.80 21.66 -25.13
C VAL D 217 -20.92 21.40 -24.14
N PHE D 218 -20.61 21.59 -22.86
CA PHE D 218 -21.59 21.38 -21.80
C PHE D 218 -21.60 22.58 -20.86
N SER D 219 -20.51 22.75 -20.12
CA SER D 219 -20.38 23.84 -19.19
C SER D 219 -20.14 25.20 -19.89
N HIS D 220 -20.31 26.26 -19.12
CA HIS D 220 -20.10 27.60 -19.64
C HIS D 220 -18.67 27.67 -20.15
N ASP D 221 -17.72 27.25 -19.32
CA ASP D 221 -16.32 27.28 -19.74
C ASP D 221 -16.19 26.53 -21.08
N ASP D 222 -16.95 25.46 -21.27
CA ASP D 222 -16.84 24.76 -22.55
C ASP D 222 -17.18 25.82 -23.59
N TYR D 223 -18.46 26.15 -23.65
CA TYR D 223 -19.00 27.14 -24.58
C TYR D 223 -18.03 28.30 -24.83
N LEU D 224 -17.45 28.86 -23.78
CA LEU D 224 -16.52 29.96 -23.98
C LEU D 224 -15.39 29.54 -24.87
N ILE D 225 -14.83 28.37 -24.55
CA ILE D 225 -13.69 27.84 -25.30
C ILE D 225 -14.07 27.45 -26.72
N ALA D 226 -15.21 26.78 -26.88
CA ALA D 226 -15.64 26.43 -28.22
C ALA D 226 -15.68 27.75 -29.01
N LYS D 227 -16.76 28.49 -28.82
CA LYS D 227 -16.96 29.78 -29.47
C LYS D 227 -15.67 30.48 -29.89
N GLU D 228 -14.73 30.63 -28.97
CA GLU D 228 -13.47 31.30 -29.28
C GLU D 228 -12.69 30.57 -30.35
N LEU D 229 -12.48 29.28 -30.12
CA LEU D 229 -11.74 28.43 -31.05
C LEU D 229 -12.43 28.40 -32.41
N ILE D 230 -13.75 28.26 -32.39
CA ILE D 230 -14.55 28.22 -33.61
C ILE D 230 -14.45 29.49 -34.45
N VAL D 231 -14.31 30.65 -33.81
CA VAL D 231 -14.22 31.88 -34.56
C VAL D 231 -12.81 32.06 -35.12
N LEU D 232 -11.81 32.07 -34.27
CA LEU D 232 -10.46 32.23 -34.76
C LEU D 232 -10.10 31.14 -35.78
N SER D 233 -10.58 29.92 -35.55
CA SER D 233 -10.26 28.80 -36.44
C SER D 233 -10.85 28.94 -37.83
N TYR D 234 -11.54 30.06 -38.10
CA TYR D 234 -12.13 30.30 -39.41
C TYR D 234 -11.14 31.06 -40.27
N SER D 235 -10.17 31.69 -39.61
CA SER D 235 -9.14 32.46 -40.29
C SER D 235 -7.80 31.83 -40.03
N ASN D 236 -7.49 31.56 -38.77
CA ASN D 236 -6.22 30.96 -38.44
C ASN D 236 -6.29 29.46 -38.66
N ARG D 237 -5.34 28.96 -39.46
CA ARG D 237 -5.27 27.53 -39.79
C ARG D 237 -3.85 27.05 -39.65
N SER D 238 -3.06 27.73 -38.82
CA SER D 238 -1.68 27.34 -38.69
C SER D 238 -1.00 27.57 -37.33
N THR D 239 -1.49 28.48 -36.51
CA THR D 239 -0.84 28.69 -35.23
C THR D 239 -1.76 28.68 -34.03
N LEU D 240 -3.06 28.59 -34.30
CA LEU D 240 -4.07 28.59 -33.24
C LEU D 240 -3.72 27.55 -32.16
N ALA D 241 -3.93 26.28 -32.51
CA ALA D 241 -3.66 25.15 -31.63
C ALA D 241 -2.31 25.27 -30.92
N LYS D 242 -1.25 25.50 -31.65
CA LYS D 242 0.06 25.63 -31.01
C LYS D 242 0.05 26.81 -30.04
N LEU D 243 -0.64 27.89 -30.43
CA LEU D 243 -0.74 29.09 -29.62
C LEU D 243 -1.51 28.84 -28.33
N VAL D 244 -2.63 28.15 -28.48
CA VAL D 244 -3.49 27.83 -27.35
C VAL D 244 -2.90 26.80 -26.39
N SER D 245 -2.23 25.78 -26.92
CA SER D 245 -1.67 24.74 -26.06
C SER D 245 -0.22 24.94 -25.66
N SER D 246 0.37 26.03 -26.11
CA SER D 246 1.76 26.30 -25.76
C SER D 246 2.05 26.59 -24.27
N PRO D 247 1.17 27.37 -23.59
CA PRO D 247 1.34 27.73 -22.16
C PRO D 247 1.45 26.51 -21.23
N MET D 248 0.70 25.47 -21.55
CA MET D 248 0.69 24.27 -20.73
C MET D 248 2.05 23.68 -20.35
N SER D 249 3.06 23.92 -21.16
CA SER D 249 4.36 23.35 -20.86
C SER D 249 4.95 24.01 -19.64
N ILE D 250 4.50 25.23 -19.33
CA ILE D 250 5.02 25.92 -18.16
C ILE D 250 4.04 25.78 -17.00
N LEU D 251 2.74 25.78 -17.29
CA LEU D 251 1.77 25.64 -16.24
C LEU D 251 2.08 24.44 -15.34
N VAL D 252 2.58 23.36 -15.93
CA VAL D 252 2.89 22.15 -15.16
C VAL D 252 4.00 22.34 -14.14
N ALA D 253 4.84 23.34 -14.35
CA ALA D 253 5.94 23.57 -13.40
C ALA D 253 5.55 24.56 -12.30
N LEU D 254 4.27 24.91 -12.24
CA LEU D 254 3.79 25.88 -11.26
C LEU D 254 2.91 25.31 -10.13
N VAL D 255 2.31 24.15 -10.34
CA VAL D 255 1.45 23.56 -9.32
C VAL D 255 2.19 22.71 -8.31
N ASP D 256 2.07 23.09 -7.04
CA ASP D 256 2.70 22.38 -5.94
C ASP D 256 2.15 20.97 -5.84
N ILE D 257 3.01 20.05 -5.42
CA ILE D 257 2.62 18.64 -5.25
C ILE D 257 2.13 18.40 -3.81
N ASN D 258 0.86 18.04 -3.66
CA ASN D 258 0.32 17.74 -2.34
C ASN D 258 -0.24 16.34 -2.39
N GLY D 259 0.65 15.36 -2.25
CA GLY D 259 0.21 13.98 -2.34
C GLY D 259 0.28 13.52 -3.79
N THR D 260 1.12 12.52 -4.04
CA THR D 260 1.28 12.00 -5.39
C THR D 260 1.40 10.51 -5.36
N PHE D 261 1.56 9.91 -6.53
CA PHE D 261 1.74 8.47 -6.62
C PHE D 261 3.13 8.25 -7.19
N ILE D 262 3.82 7.26 -6.65
CA ILE D 262 5.16 6.96 -7.09
C ILE D 262 5.22 5.50 -7.51
N THR D 263 6.40 5.10 -7.94
CA THR D 263 6.63 3.73 -8.39
C THR D 263 7.48 3.01 -7.37
N ASN D 264 7.03 1.83 -6.92
CA ASN D 264 7.81 1.07 -5.93
C ASN D 264 8.54 -0.06 -6.62
N GLU D 265 9.41 -0.73 -5.86
CA GLU D 265 10.24 -1.84 -6.34
C GLU D 265 9.46 -2.84 -7.17
N GLU D 266 8.20 -3.06 -6.80
CA GLU D 266 7.33 -3.99 -7.50
C GLU D 266 6.80 -3.34 -8.76
N LEU D 267 7.39 -2.20 -9.11
CA LEU D 267 7.00 -1.46 -10.30
C LEU D 267 5.50 -1.29 -10.35
N GLU D 268 4.93 -0.69 -9.32
CA GLU D 268 3.49 -0.44 -9.26
C GLU D 268 3.20 0.82 -8.46
N LEU D 269 2.10 1.48 -8.78
CA LEU D 269 1.72 2.71 -8.10
C LEU D 269 1.45 2.50 -6.62
N GLU D 270 2.02 3.38 -5.80
CA GLU D 270 1.89 3.34 -4.34
C GLU D 270 1.79 4.78 -3.85
N PHE D 271 0.74 5.11 -3.10
CA PHE D 271 0.60 6.49 -2.66
C PHE D 271 1.72 7.03 -1.80
N SER D 272 2.00 8.32 -1.99
CA SER D 272 3.03 9.03 -1.25
C SER D 272 2.44 10.39 -0.87
N ASN D 273 2.23 10.60 0.42
CA ASN D 273 1.62 11.83 0.93
C ASN D 273 2.53 13.06 0.90
N LYS D 274 3.75 12.90 0.36
CA LYS D 274 4.71 14.01 0.32
C LYS D 274 4.25 15.33 -0.29
N TYR D 275 5.05 16.35 -0.01
CA TYR D 275 4.80 17.70 -0.46
C TYR D 275 6.06 18.17 -1.17
N VAL D 276 5.89 18.67 -2.38
CA VAL D 276 7.02 19.19 -3.13
C VAL D 276 6.64 20.60 -3.55
N ARG D 277 7.51 21.55 -3.22
CA ARG D 277 7.28 22.95 -3.53
C ARG D 277 7.73 23.31 -4.94
N ALA D 278 6.81 23.79 -5.75
CA ALA D 278 7.12 24.19 -7.11
C ALA D 278 8.03 25.41 -6.99
N ILE D 279 9.23 25.30 -7.51
CA ILE D 279 10.18 26.41 -7.48
C ILE D 279 10.34 26.99 -8.90
N VAL D 280 9.95 28.25 -9.08
CA VAL D 280 10.01 28.88 -10.42
C VAL D 280 10.77 30.20 -10.53
N PRO D 281 11.78 30.24 -11.40
CA PRO D 281 12.56 31.47 -11.58
C PRO D 281 11.70 32.47 -12.35
N ASP D 282 11.78 33.74 -11.99
CA ASP D 282 11.00 34.78 -12.65
C ASP D 282 10.98 34.68 -14.17
N GLN D 283 12.15 34.47 -14.76
CA GLN D 283 12.28 34.34 -16.21
C GLN D 283 11.19 33.47 -16.81
N THR D 284 10.77 32.45 -16.08
CA THR D 284 9.74 31.57 -16.57
C THR D 284 8.44 32.37 -16.69
N PHE D 285 8.10 33.12 -15.65
CA PHE D 285 6.89 33.91 -15.72
C PHE D 285 6.91 34.86 -16.93
N ASP D 286 8.10 35.35 -17.26
CA ASP D 286 8.23 36.24 -18.42
C ASP D 286 7.79 35.42 -19.62
N GLU D 287 8.55 34.34 -19.87
CA GLU D 287 8.30 33.43 -20.97
C GLU D 287 6.81 33.10 -21.07
N LEU D 288 6.20 32.78 -19.92
CA LEU D 288 4.78 32.44 -19.89
C LEU D 288 3.87 33.61 -20.28
N ASN D 289 4.30 34.82 -19.99
CA ASN D 289 3.49 35.97 -20.33
C ASN D 289 3.67 36.28 -21.81
N GLN D 290 4.89 36.11 -22.29
CA GLN D 290 5.20 36.35 -23.70
C GLN D 290 4.24 35.45 -24.48
N MET D 291 4.00 34.26 -23.94
CA MET D 291 3.11 33.28 -24.55
C MET D 291 1.65 33.71 -24.45
N LEU D 292 1.31 34.39 -23.36
CA LEU D 292 -0.04 34.86 -23.15
C LEU D 292 -0.32 36.07 -24.05
N ASP D 293 0.71 36.90 -24.27
CA ASP D 293 0.56 38.05 -25.15
C ASP D 293 0.33 37.53 -26.56
N ASN D 294 1.20 36.61 -27.01
CA ASN D 294 1.07 36.02 -28.34
C ASN D 294 -0.35 35.49 -28.50
N MET D 295 -0.86 34.84 -27.47
CA MET D 295 -2.20 34.30 -27.51
C MET D 295 -3.20 35.39 -27.84
N ARG D 296 -3.04 36.53 -27.16
CA ARG D 296 -3.91 37.69 -27.33
C ARG D 296 -3.74 38.38 -28.68
N LYS D 297 -2.51 38.77 -29.01
CA LYS D 297 -2.19 39.43 -30.27
C LYS D 297 -2.85 38.72 -31.44
N ALA D 298 -3.01 37.41 -31.33
CA ALA D 298 -3.62 36.60 -32.38
C ALA D 298 -5.13 36.52 -32.27
N GLY D 299 -5.70 37.44 -31.50
CA GLY D 299 -7.14 37.51 -31.35
C GLY D 299 -7.74 36.98 -30.09
N LEU D 300 -7.17 35.89 -29.60
CA LEU D 300 -7.66 35.26 -28.39
C LEU D 300 -7.88 36.26 -27.26
N VAL D 301 -8.94 36.02 -26.49
CA VAL D 301 -9.29 36.87 -25.36
C VAL D 301 -9.77 36.04 -24.16
N ASP D 302 -10.92 35.40 -24.33
CA ASP D 302 -11.51 34.55 -23.30
C ASP D 302 -10.51 33.51 -22.76
N ILE D 303 -9.92 32.71 -23.64
CA ILE D 303 -8.95 31.69 -23.22
C ILE D 303 -7.77 32.27 -22.41
N PRO D 304 -7.15 33.35 -22.90
CA PRO D 304 -6.01 33.92 -22.14
C PRO D 304 -6.32 34.34 -20.71
N LYS D 305 -7.57 34.76 -20.46
CA LYS D 305 -7.98 35.17 -19.13
C LYS D 305 -8.07 33.95 -18.22
N MET D 306 -8.72 32.89 -18.70
CA MET D 306 -8.87 31.65 -17.93
C MET D 306 -7.53 31.21 -17.36
N ILE D 307 -6.46 31.40 -18.11
CA ILE D 307 -5.16 31.00 -17.62
C ILE D 307 -4.64 32.04 -16.63
N GLN D 308 -4.86 33.31 -16.94
CA GLN D 308 -4.40 34.41 -16.09
C GLN D 308 -5.08 34.27 -14.73
N ASP D 309 -6.39 34.04 -14.74
CA ASP D 309 -7.11 33.85 -13.50
C ASP D 309 -6.36 32.73 -12.76
N TRP D 310 -6.42 31.51 -13.32
CA TRP D 310 -5.77 30.34 -12.75
C TRP D 310 -4.40 30.63 -12.12
N LEU D 311 -3.63 31.53 -12.75
CA LEU D 311 -2.29 31.86 -12.28
C LEU D 311 -2.17 32.61 -10.93
N VAL D 312 -3.27 33.09 -10.38
CA VAL D 312 -3.19 33.80 -9.11
C VAL D 312 -2.77 32.86 -7.99
N ASP D 313 -3.52 31.78 -7.84
CA ASP D 313 -3.22 30.79 -6.82
C ASP D 313 -2.58 29.54 -7.43
N ARG D 314 -3.07 29.11 -8.60
CA ARG D 314 -2.52 27.94 -9.27
C ARG D 314 -2.86 26.66 -8.50
N SER D 315 -4.14 26.49 -8.15
CA SER D 315 -4.53 25.31 -7.39
C SER D 315 -4.71 24.07 -8.26
N ILE D 316 -4.04 22.98 -7.87
CA ILE D 316 -4.18 21.76 -8.64
C ILE D 316 -5.67 21.40 -8.68
N GLU D 317 -6.46 21.99 -7.81
CA GLU D 317 -7.90 21.70 -7.81
C GLU D 317 -8.61 22.48 -8.92
N LYS D 318 -8.01 23.60 -9.32
CA LYS D 318 -8.61 24.40 -10.37
C LYS D 318 -7.77 24.30 -11.64
N PHE D 319 -7.07 23.18 -11.77
CA PHE D 319 -6.22 22.93 -12.93
C PHE D 319 -7.03 22.26 -14.05
N PRO D 320 -8.16 21.60 -13.70
CA PRO D 320 -8.94 20.97 -14.75
C PRO D 320 -9.30 21.88 -15.92
N LEU D 321 -9.25 23.19 -15.71
CA LEU D 321 -9.56 24.15 -16.77
C LEU D 321 -8.39 24.19 -17.76
N MET D 322 -7.18 24.36 -17.21
CA MET D 322 -5.98 24.41 -18.01
C MET D 322 -5.85 23.16 -18.86
N ALA D 323 -6.11 22.01 -18.25
CA ALA D 323 -6.03 20.74 -18.97
C ALA D 323 -7.07 20.74 -20.08
N LYS D 324 -8.27 21.21 -19.76
CA LYS D 324 -9.36 21.23 -20.71
C LYS D 324 -8.99 22.03 -21.96
N ILE D 325 -8.35 23.18 -21.76
CA ILE D 325 -7.97 24.03 -22.88
C ILE D 325 -6.99 23.29 -23.77
N TYR D 326 -5.95 22.75 -23.14
CA TYR D 326 -4.90 21.98 -23.80
C TYR D 326 -5.49 20.92 -24.70
N SER D 327 -6.57 20.27 -24.26
CA SER D 327 -7.19 19.21 -25.05
C SER D 327 -8.05 19.78 -26.16
N TRP D 328 -8.66 20.92 -25.92
CA TRP D 328 -9.51 21.52 -26.92
C TRP D 328 -8.68 22.10 -28.07
N SER D 329 -7.48 22.57 -27.77
CA SER D 329 -6.65 23.19 -28.79
C SER D 329 -6.55 22.32 -30.03
N PHE D 330 -6.57 21.02 -29.85
CA PHE D 330 -6.46 20.11 -30.99
C PHE D 330 -7.66 19.93 -31.92
N HIS D 331 -8.87 20.15 -31.42
CA HIS D 331 -10.06 19.95 -32.24
C HIS D 331 -10.33 21.01 -33.30
N VAL D 332 -9.35 21.86 -33.53
CA VAL D 332 -9.45 22.89 -34.55
C VAL D 332 -9.22 22.25 -35.93
N GLY D 333 -8.63 21.05 -35.95
CA GLY D 333 -8.38 20.37 -37.21
C GLY D 333 -6.90 20.14 -37.48
N PHE D 334 -6.60 19.45 -38.57
CA PHE D 334 -5.19 19.19 -38.88
C PHE D 334 -4.59 20.34 -39.66
N ARG D 335 -3.26 20.41 -39.66
CA ARG D 335 -2.58 21.44 -40.39
C ARG D 335 -1.94 20.76 -41.59
N LYS D 336 -2.62 20.76 -42.72
CA LYS D 336 -2.12 20.13 -43.93
C LYS D 336 -1.54 21.13 -44.95
N GLN D 337 -0.23 21.31 -44.90
CA GLN D 337 0.47 22.24 -45.79
C GLN D 337 0.77 21.61 -47.16
N LYS D 338 1.68 22.22 -47.90
CA LYS D 338 2.09 21.71 -49.21
C LYS D 338 3.41 20.96 -49.03
N MET D 339 3.50 19.76 -49.59
CA MET D 339 4.70 18.97 -49.46
C MET D 339 5.96 19.79 -49.50
N LEU D 340 6.01 20.76 -50.40
CA LEU D 340 7.20 21.57 -50.55
C LEU D 340 7.52 22.42 -49.32
N ASP D 341 6.51 23.11 -48.82
CA ASP D 341 6.71 23.91 -47.62
C ASP D 341 7.08 22.96 -46.49
N ALA D 342 6.31 21.86 -46.36
CA ALA D 342 6.54 20.84 -45.34
C ALA D 342 7.98 20.34 -45.39
N ALA D 343 8.54 20.23 -46.59
CA ALA D 343 9.91 19.78 -46.76
C ALA D 343 10.92 20.92 -46.66
N LEU D 344 10.47 22.13 -46.96
CA LEU D 344 11.37 23.28 -46.93
C LEU D 344 11.86 23.73 -45.56
N ASP D 345 10.98 23.67 -44.57
CA ASP D 345 11.28 24.07 -43.20
C ASP D 345 12.68 23.70 -42.70
N GLN D 346 13.32 22.76 -43.39
CA GLN D 346 14.65 22.32 -43.02
C GLN D 346 15.62 23.50 -43.15
N GLU D 358 31.89 19.29 -34.87
CA GLU D 358 33.09 19.00 -34.09
C GLU D 358 32.81 18.89 -32.59
N MET D 359 31.66 19.38 -32.15
CA MET D 359 31.27 19.29 -30.74
C MET D 359 30.29 18.14 -30.61
N TYR D 360 30.04 17.50 -31.75
CA TYR D 360 29.15 16.35 -31.83
C TYR D 360 29.94 15.10 -31.50
N ARG D 361 31.25 15.23 -31.44
CA ARG D 361 32.12 14.10 -31.16
C ARG D 361 31.56 13.24 -30.04
N GLU D 362 31.12 13.88 -28.98
CA GLU D 362 30.55 13.18 -27.84
C GLU D 362 29.23 12.49 -28.21
N TYR D 363 28.32 13.27 -28.76
CA TYR D 363 27.00 12.80 -29.18
C TYR D 363 27.03 11.62 -30.17
N THR D 364 28.09 11.50 -30.98
CA THR D 364 28.15 10.39 -31.92
C THR D 364 28.81 9.18 -31.26
N MET D 365 29.70 9.44 -30.31
CA MET D 365 30.37 8.34 -29.60
C MET D 365 29.33 7.55 -28.81
N LEU D 366 28.41 8.27 -28.16
CA LEU D 366 27.35 7.63 -27.38
C LEU D 366 26.37 6.87 -28.27
N ILE D 367 25.99 7.48 -29.39
CA ILE D 367 25.09 6.81 -30.30
C ILE D 367 25.77 5.51 -30.72
N ARG D 368 27.05 5.58 -31.09
CA ARG D 368 27.80 4.39 -31.50
C ARG D 368 27.92 3.35 -30.40
N ASP D 369 28.17 3.78 -29.17
CA ASP D 369 28.29 2.85 -28.06
C ASP D 369 26.94 2.19 -27.75
N GLU D 370 25.85 2.88 -28.04
CA GLU D 370 24.53 2.33 -27.78
C GLU D 370 24.12 1.32 -28.84
N VAL D 371 24.62 1.49 -30.07
CA VAL D 371 24.31 0.58 -31.16
C VAL D 371 25.06 -0.73 -30.94
N VAL D 372 26.20 -0.62 -30.27
CA VAL D 372 27.02 -1.79 -29.96
C VAL D 372 26.32 -2.62 -28.88
N LYS D 373 26.21 -2.06 -27.68
CA LYS D 373 25.56 -2.76 -26.56
C LYS D 373 24.37 -3.60 -26.97
N MET D 374 23.51 -3.00 -27.79
CA MET D 374 22.31 -3.67 -28.24
C MET D 374 22.55 -4.93 -29.08
N LEU D 375 23.52 -4.88 -29.98
CA LEU D 375 23.80 -6.00 -30.88
C LEU D 375 25.00 -6.90 -30.56
N GLU D 376 25.82 -6.46 -29.62
CA GLU D 376 27.00 -7.20 -29.22
C GLU D 376 26.73 -8.70 -29.08
N GLU D 377 26.07 -9.08 -28.00
CA GLU D 377 25.75 -10.49 -27.76
C GLU D 377 25.21 -11.19 -28.98
N PRO D 378 24.13 -10.66 -29.58
CA PRO D 378 23.57 -11.30 -30.77
C PRO D 378 24.64 -11.61 -31.81
N VAL D 379 25.52 -10.64 -32.02
CA VAL D 379 26.61 -10.77 -32.98
C VAL D 379 27.62 -11.78 -32.50
N LYS D 380 28.17 -11.55 -31.31
CA LYS D 380 29.17 -12.44 -30.72
C LYS D 380 28.75 -13.91 -30.73
N HIS D 381 27.48 -14.18 -30.47
CA HIS D 381 26.99 -15.56 -30.45
C HIS D 381 26.23 -15.95 -31.70
N ASP D 382 26.73 -15.53 -32.86
CA ASP D 382 26.11 -15.81 -34.15
C ASP D 382 24.61 -16.11 -34.05
N ASP D 383 23.86 -15.14 -33.51
CA ASP D 383 22.41 -15.27 -33.32
C ASP D 383 21.81 -15.78 -34.62
N HIS D 384 20.77 -16.60 -34.53
CA HIS D 384 20.21 -17.10 -35.78
C HIS D 384 19.48 -16.00 -36.54
N LEU D 385 18.72 -15.16 -35.82
CA LEU D 385 17.95 -14.07 -36.44
C LEU D 385 18.82 -13.15 -37.30
N LEU D 386 20.00 -12.80 -36.79
CA LEU D 386 20.93 -11.94 -37.53
C LEU D 386 21.41 -12.62 -38.81
N ARG D 387 21.48 -13.95 -38.81
CA ARG D 387 21.93 -14.71 -39.97
C ARG D 387 20.81 -14.84 -41.02
N ASP D 388 19.65 -15.31 -40.58
CA ASP D 388 18.52 -15.49 -41.51
C ASP D 388 17.67 -14.24 -41.56
N SER D 389 18.32 -13.12 -41.30
CA SER D 389 17.66 -11.82 -41.31
C SER D 389 16.95 -11.56 -42.63
N GLU D 390 17.50 -12.10 -43.72
CA GLU D 390 16.83 -11.88 -44.98
C GLU D 390 15.49 -12.58 -45.01
N LEU D 391 15.41 -13.73 -44.35
CA LEU D 391 14.15 -14.46 -44.33
C LEU D 391 13.20 -13.76 -43.37
N ALA D 392 13.79 -13.21 -42.30
CA ALA D 392 13.01 -12.50 -41.29
C ALA D 392 12.32 -11.31 -41.92
N GLY D 393 13.06 -10.55 -42.73
CA GLY D 393 12.49 -9.40 -43.40
C GLY D 393 11.35 -9.81 -44.32
N LEU D 394 11.57 -10.87 -45.10
CA LEU D 394 10.56 -11.34 -46.03
C LEU D 394 9.26 -11.75 -45.38
N LEU D 395 9.37 -12.42 -44.24
CA LEU D 395 8.18 -12.88 -43.56
C LEU D 395 7.40 -11.74 -42.92
N SER D 396 8.11 -10.68 -42.58
CA SER D 396 7.52 -9.50 -41.94
C SER D 396 7.07 -8.42 -42.92
N MET D 397 7.51 -8.53 -44.16
CA MET D 397 7.16 -7.57 -45.20
C MET D 397 5.67 -7.30 -45.19
N SER D 398 5.29 -6.02 -45.25
CA SER D 398 3.88 -5.64 -45.27
C SER D 398 3.49 -5.51 -46.73
N SER D 399 2.24 -5.09 -46.98
CA SER D 399 1.77 -4.91 -48.34
C SER D 399 1.49 -3.43 -48.60
N ALA D 400 2.37 -2.59 -48.08
CA ALA D 400 2.27 -1.14 -48.24
C ALA D 400 2.95 -0.74 -49.55
N SER D 401 3.27 0.53 -49.70
CA SER D 401 3.89 1.00 -50.94
C SER D 401 5.38 0.75 -51.04
N ASN D 402 5.84 0.62 -52.27
CA ASN D 402 7.23 0.39 -52.54
C ASN D 402 7.78 1.67 -53.21
N GLY D 403 6.87 2.50 -53.73
CA GLY D 403 7.28 3.73 -54.36
C GLY D 403 6.81 3.89 -55.80
N GLU D 404 7.32 3.04 -56.68
CA GLU D 404 6.95 3.05 -58.09
C GLU D 404 5.66 2.26 -58.31
N SER D 405 5.01 2.51 -59.44
CA SER D 405 3.77 1.81 -59.77
C SER D 405 4.02 0.85 -60.95
N ARG D 406 4.65 -0.27 -60.63
CA ARG D 406 4.97 -1.29 -61.62
C ARG D 406 3.77 -2.01 -62.23
N GLN D 407 3.95 -2.51 -63.45
CA GLN D 407 2.91 -3.27 -64.15
C GLN D 407 3.25 -4.70 -63.79
N LEU D 408 2.25 -5.48 -63.40
CA LEU D 408 2.53 -6.84 -63.00
C LEU D 408 1.82 -7.95 -63.76
N LYS D 409 2.53 -9.07 -63.89
CA LYS D 409 2.04 -10.24 -64.59
C LYS D 409 1.69 -11.37 -63.61
N PHE D 410 0.40 -11.59 -63.43
CA PHE D 410 -0.09 -12.65 -62.57
C PHE D 410 -0.97 -13.53 -63.42
N GLY D 411 -0.57 -14.80 -63.53
CA GLY D 411 -1.32 -15.74 -64.34
C GLY D 411 -1.51 -15.15 -65.73
N ARG D 412 -2.76 -15.09 -66.17
CA ARG D 412 -3.09 -14.57 -67.49
C ARG D 412 -3.74 -13.18 -67.31
N LYS D 413 -3.14 -12.37 -66.45
CA LYS D 413 -3.63 -11.03 -66.14
C LYS D 413 -2.52 -10.03 -65.79
N THR D 414 -2.53 -8.89 -66.51
CA THR D 414 -1.55 -7.84 -66.28
C THR D 414 -2.26 -6.64 -65.67
N ILE D 415 -1.94 -6.37 -64.41
CA ILE D 415 -2.54 -5.28 -63.68
C ILE D 415 -1.39 -4.47 -63.07
N PHE D 416 -1.69 -3.26 -62.61
CA PHE D 416 -0.65 -2.44 -62.00
C PHE D 416 -0.87 -2.32 -60.49
N SER D 417 0.24 -2.19 -59.75
CA SER D 417 0.21 -2.11 -58.29
C SER D 417 1.49 -1.50 -57.75
N THR D 418 1.40 -0.92 -56.56
CA THR D 418 2.57 -0.29 -55.92
C THR D 418 3.03 -1.09 -54.69
N LYS D 419 2.21 -2.07 -54.31
CA LYS D 419 2.43 -2.94 -53.15
C LYS D 419 3.72 -3.74 -53.10
N LYS D 420 4.44 -3.65 -51.97
CA LYS D 420 5.70 -4.36 -51.73
C LYS D 420 5.57 -5.88 -51.92
N ASN D 421 4.55 -6.46 -51.30
CA ASN D 421 4.36 -7.89 -51.41
C ASN D 421 4.24 -8.24 -52.89
N MET D 422 3.60 -7.37 -53.65
CA MET D 422 3.41 -7.55 -55.10
C MET D 422 4.72 -7.38 -55.88
N HIS D 423 5.57 -6.46 -55.42
CA HIS D 423 6.84 -6.23 -56.09
C HIS D 423 7.89 -7.26 -55.69
N VAL D 424 7.82 -7.80 -54.47
CA VAL D 424 8.81 -8.79 -54.05
C VAL D 424 8.58 -10.04 -54.89
N MET D 425 7.33 -10.45 -54.99
CA MET D 425 6.98 -11.63 -55.77
C MET D 425 7.48 -11.46 -57.20
N ASP D 426 6.79 -10.64 -57.97
CA ASP D 426 7.15 -10.36 -59.35
C ASP D 426 8.67 -10.34 -59.55
N ASP D 427 9.37 -9.60 -58.70
CA ASP D 427 10.81 -9.50 -58.82
C ASP D 427 11.53 -10.84 -58.75
N MET D 428 11.09 -11.73 -57.86
CA MET D 428 11.72 -13.05 -57.73
C MET D 428 11.47 -13.91 -58.99
N ALA D 429 10.22 -13.93 -59.46
CA ALA D 429 9.86 -14.70 -60.63
C ALA D 429 10.58 -14.21 -61.89
N ASN D 430 11.55 -13.31 -61.72
CA ASN D 430 12.29 -12.77 -62.86
C ASN D 430 13.74 -12.45 -62.54
N GLU D 431 14.36 -13.27 -61.71
CA GLU D 431 15.77 -13.06 -61.35
C GLU D 431 16.07 -11.62 -60.94
N ARG D 432 15.04 -10.80 -60.77
CA ARG D 432 15.24 -9.40 -60.38
C ARG D 432 15.34 -9.20 -58.85
N TYR D 433 14.86 -10.18 -58.09
CA TYR D 433 14.93 -10.09 -56.64
C TYR D 433 16.39 -10.09 -56.23
N THR D 434 16.89 -8.93 -55.81
CA THR D 434 18.28 -8.82 -55.41
C THR D 434 18.52 -7.92 -54.18
N PRO D 435 18.32 -8.48 -52.98
CA PRO D 435 18.50 -7.75 -51.72
C PRO D 435 19.97 -7.50 -51.43
N GLY D 436 20.85 -8.07 -52.24
CA GLY D 436 22.27 -7.88 -52.03
C GLY D 436 22.60 -6.49 -52.50
N ILE D 437 21.76 -5.97 -53.38
CA ILE D 437 21.95 -4.65 -53.91
C ILE D 437 20.93 -3.69 -53.31
N ILE D 438 21.44 -2.80 -52.46
CA ILE D 438 20.62 -1.79 -51.81
C ILE D 438 20.55 -0.52 -52.69
N PRO D 439 19.46 -0.39 -53.44
CA PRO D 439 19.16 0.71 -54.36
C PRO D 439 19.66 2.03 -53.86
N PRO D 440 20.01 2.91 -54.80
CA PRO D 440 20.49 4.23 -54.37
C PRO D 440 19.24 5.08 -54.14
N VAL D 441 19.38 6.17 -53.40
CA VAL D 441 18.25 7.05 -53.15
C VAL D 441 18.71 8.49 -53.39
N ASN D 442 19.68 8.64 -54.28
CA ASN D 442 20.19 9.97 -54.60
C ASN D 442 19.48 10.62 -55.79
N VAL D 443 20.18 11.57 -56.40
CA VAL D 443 19.64 12.32 -57.54
C VAL D 443 19.16 11.44 -58.68
N ASP D 444 19.76 10.26 -58.80
CA ASP D 444 19.39 9.33 -59.86
C ASP D 444 18.17 8.48 -59.53
N LYS D 445 17.92 8.27 -58.23
CA LYS D 445 16.75 7.49 -57.81
C LYS D 445 16.13 8.15 -56.58
N PRO D 446 15.55 9.34 -56.75
CA PRO D 446 14.90 10.14 -55.70
C PRO D 446 13.84 9.35 -54.98
N ILE D 447 13.68 9.66 -53.69
CA ILE D 447 12.71 9.00 -52.83
C ILE D 447 11.30 9.54 -53.00
N PRO D 448 10.33 8.67 -53.33
CA PRO D 448 8.94 9.12 -53.49
C PRO D 448 8.52 9.53 -52.08
N LEU D 449 7.81 10.63 -51.94
CA LEU D 449 7.43 11.09 -50.61
C LEU D 449 6.06 10.77 -50.05
N GLY D 450 5.99 10.83 -48.73
CA GLY D 450 4.75 10.59 -48.02
C GLY D 450 4.66 11.70 -46.99
N ARG D 451 3.50 11.86 -46.37
CA ARG D 451 3.32 12.92 -45.38
C ARG D 451 2.72 12.44 -44.08
N ARG D 452 2.90 13.28 -43.08
CA ARG D 452 2.40 13.02 -41.75
C ARG D 452 1.70 14.31 -41.26
N ASP D 453 0.36 14.24 -41.16
CA ASP D 453 -0.44 15.38 -40.72
C ASP D 453 -1.00 15.20 -39.31
N VAL D 454 -0.77 16.20 -38.46
CA VAL D 454 -1.19 16.20 -37.07
C VAL D 454 -1.75 17.56 -36.68
N PRO D 455 -2.76 17.57 -35.78
CA PRO D 455 -3.31 18.87 -35.37
C PRO D 455 -2.25 19.60 -34.55
N GLY D 456 -1.94 20.83 -34.93
CA GLY D 456 -0.96 21.59 -34.17
C GLY D 456 0.38 21.84 -34.82
N ARG D 457 1.17 20.79 -35.02
CA ARG D 457 2.48 20.91 -35.64
C ARG D 457 2.35 20.96 -37.15
N ARG D 458 3.40 21.45 -37.81
CA ARG D 458 3.40 21.54 -39.27
C ARG D 458 3.64 20.16 -39.88
N THR D 459 3.11 19.95 -41.08
CA THR D 459 3.27 18.70 -41.79
C THR D 459 4.73 18.27 -41.91
N ARG D 460 4.95 16.96 -41.93
CA ARG D 460 6.29 16.42 -42.05
C ARG D 460 6.34 15.42 -43.19
N ILE D 461 7.47 15.34 -43.89
CA ILE D 461 7.55 14.40 -44.99
C ILE D 461 7.99 13.01 -44.56
N ILE D 462 7.72 12.04 -45.41
CA ILE D 462 8.08 10.65 -45.12
C ILE D 462 8.60 9.92 -46.35
N PHE D 463 9.76 9.28 -46.19
CA PHE D 463 10.40 8.50 -47.23
C PHE D 463 9.70 7.18 -47.49
N ILE D 464 9.23 6.96 -48.71
CA ILE D 464 8.61 5.68 -49.03
C ILE D 464 9.73 4.91 -49.74
N LEU D 465 10.75 4.49 -48.98
CA LEU D 465 11.89 3.75 -49.50
C LEU D 465 11.55 2.39 -50.11
N PRO D 466 12.45 1.86 -50.96
CA PRO D 466 12.29 0.56 -51.64
C PRO D 466 12.33 -0.57 -50.60
N TYR D 467 11.65 -1.68 -50.90
CA TYR D 467 11.60 -2.81 -49.98
C TYR D 467 12.97 -3.37 -49.56
N GLU D 468 14.00 -3.10 -50.36
CA GLU D 468 15.34 -3.58 -50.06
C GLU D 468 15.81 -2.98 -48.75
N TYR D 469 15.26 -1.83 -48.40
CA TYR D 469 15.60 -1.12 -47.18
C TYR D 469 14.97 -1.74 -45.91
N PHE D 470 13.76 -2.28 -46.04
CA PHE D 470 13.08 -2.91 -44.91
C PHE D 470 13.85 -4.17 -44.54
N ILE D 471 13.95 -5.07 -45.49
CA ILE D 471 14.64 -6.33 -45.32
C ILE D 471 16.02 -6.18 -44.70
N ALA D 472 16.79 -5.23 -45.17
CA ALA D 472 18.13 -5.03 -44.65
C ALA D 472 18.14 -4.51 -43.22
N GLN D 473 17.00 -4.02 -42.77
CA GLN D 473 16.90 -3.45 -41.43
C GLN D 473 16.03 -4.22 -40.45
N HIS D 474 14.99 -4.87 -40.93
CA HIS D 474 14.08 -5.62 -40.05
C HIS D 474 14.69 -6.35 -38.86
N ALA D 475 15.56 -7.33 -39.12
CA ALA D 475 16.18 -8.12 -38.06
C ALA D 475 17.05 -7.35 -37.04
N VAL D 476 17.94 -6.49 -37.52
CA VAL D 476 18.79 -5.74 -36.59
C VAL D 476 17.97 -4.78 -35.71
N VAL D 477 16.90 -4.24 -36.28
CA VAL D 477 16.02 -3.32 -35.57
C VAL D 477 15.40 -4.08 -34.41
N GLU D 478 14.79 -5.21 -34.74
CA GLU D 478 14.15 -6.05 -33.74
C GLU D 478 15.10 -6.47 -32.62
N LYS D 479 16.39 -6.59 -32.92
CA LYS D 479 17.36 -6.98 -31.91
C LYS D 479 17.63 -5.85 -30.94
N MET D 480 17.44 -4.62 -31.42
CA MET D 480 17.67 -3.42 -30.62
C MET D 480 16.45 -3.22 -29.75
N LEU D 481 15.28 -3.36 -30.36
CA LEU D 481 14.04 -3.20 -29.64
C LEU D 481 13.99 -4.15 -28.44
N ILE D 482 14.66 -5.31 -28.55
CA ILE D 482 14.70 -6.26 -27.44
C ILE D 482 15.55 -5.67 -26.34
N TYR D 483 16.71 -5.15 -26.70
CA TYR D 483 17.58 -4.52 -25.71
C TYR D 483 16.79 -3.38 -25.04
N ALA D 484 15.92 -2.74 -25.81
CA ALA D 484 15.12 -1.66 -25.27
C ALA D 484 14.09 -2.23 -24.31
N LYS D 485 13.46 -3.33 -24.71
CA LYS D 485 12.44 -3.97 -23.89
C LYS D 485 12.87 -4.09 -22.44
N HIS D 486 14.16 -4.29 -22.19
CA HIS D 486 14.62 -4.42 -20.83
C HIS D 486 15.62 -3.37 -20.35
N THR D 487 15.61 -2.21 -21.00
CA THR D 487 16.45 -1.08 -20.62
C THR D 487 15.45 -0.02 -20.21
N ARG D 488 15.47 0.38 -18.94
CA ARG D 488 14.50 1.34 -18.45
C ARG D 488 14.54 2.72 -19.07
N GLU D 489 15.73 3.18 -19.49
CA GLU D 489 15.86 4.50 -20.10
C GLU D 489 14.92 4.66 -21.31
N TYR D 490 14.56 3.54 -21.94
CA TYR D 490 13.66 3.59 -23.10
C TYR D 490 12.19 3.41 -22.67
N ALA D 491 11.64 4.45 -22.04
CA ALA D 491 10.27 4.46 -21.55
C ALA D 491 9.27 3.76 -22.44
N GLU D 492 9.21 4.17 -23.70
CA GLU D 492 8.27 3.61 -24.66
C GLU D 492 8.38 2.09 -24.89
N PHE D 493 9.54 1.50 -24.62
CA PHE D 493 9.73 0.07 -24.87
C PHE D 493 9.87 -0.87 -23.66
N TYR D 494 10.28 -0.31 -22.52
CA TYR D 494 10.50 -1.13 -21.32
C TYR D 494 9.38 -2.02 -20.83
N SER D 495 9.67 -3.33 -20.84
CA SER D 495 8.75 -4.36 -20.37
C SER D 495 7.33 -4.26 -20.95
N GLN D 496 6.36 -4.81 -20.25
CA GLN D 496 4.96 -4.77 -20.66
C GLN D 496 4.30 -3.57 -19.96
N SER D 497 5.05 -2.47 -19.90
CA SER D 497 4.62 -1.25 -19.20
C SER D 497 3.69 -0.31 -19.92
N ASN D 498 2.78 0.29 -19.17
CA ASN D 498 1.88 1.28 -19.73
C ASN D 498 2.40 2.65 -19.28
N GLN D 499 1.63 3.72 -19.54
CA GLN D 499 2.14 5.02 -19.16
C GLN D 499 2.11 5.35 -17.66
N LEU D 500 1.31 4.61 -16.92
CA LEU D 500 1.23 4.85 -15.49
C LEU D 500 2.59 4.61 -14.83
N LEU D 501 3.39 3.72 -15.39
CA LEU D 501 4.70 3.44 -14.81
C LEU D 501 5.61 4.64 -14.91
N SER D 502 5.74 5.18 -16.12
CA SER D 502 6.58 6.36 -16.37
C SER D 502 6.14 7.55 -15.51
N TYR D 503 4.86 7.58 -15.18
CA TYR D 503 4.28 8.62 -14.35
C TYR D 503 4.90 8.56 -12.98
N GLY D 504 4.97 7.35 -12.45
CA GLY D 504 5.50 7.14 -11.13
C GLY D 504 7.00 7.25 -11.07
N ASP D 505 7.69 6.85 -12.13
CA ASP D 505 9.14 6.93 -12.11
C ASP D 505 9.60 8.37 -11.91
N VAL D 506 8.83 9.35 -12.37
CA VAL D 506 9.24 10.74 -12.18
C VAL D 506 8.90 11.18 -10.76
N THR D 507 7.61 11.22 -10.46
CA THR D 507 7.14 11.62 -9.13
C THR D 507 7.91 10.93 -8.01
N ARG D 508 8.55 9.81 -8.31
CA ARG D 508 9.31 9.07 -7.32
C ARG D 508 10.39 9.88 -6.61
N PHE D 509 11.49 10.13 -7.29
CA PHE D 509 12.61 10.88 -6.71
C PHE D 509 12.40 12.37 -6.46
N LEU D 510 11.20 12.88 -6.74
CA LEU D 510 10.94 14.30 -6.52
C LEU D 510 10.99 14.71 -5.06
N SER D 511 11.48 15.92 -4.82
CA SER D 511 11.59 16.46 -3.48
C SER D 511 12.18 17.88 -3.50
N ASN D 512 12.38 18.44 -2.32
CA ASN D 512 12.93 19.79 -2.19
C ASN D 512 14.38 19.95 -2.59
N ASN D 513 15.05 18.85 -2.95
CA ASN D 513 16.44 18.98 -3.33
C ASN D 513 16.77 18.35 -4.69
N THR D 514 15.76 18.27 -5.55
CA THR D 514 15.92 17.72 -6.90
C THR D 514 15.15 18.58 -7.90
N MET D 515 15.42 18.40 -9.19
CA MET D 515 14.71 19.15 -10.22
C MET D 515 14.62 18.37 -11.52
N VAL D 516 13.41 18.26 -12.03
CA VAL D 516 13.17 17.52 -13.27
C VAL D 516 13.45 18.41 -14.48
N LEU D 517 14.13 17.84 -15.47
CA LEU D 517 14.49 18.56 -16.70
C LEU D 517 13.90 17.93 -17.96
N TYR D 518 12.83 18.50 -18.50
CA TYR D 518 12.24 17.97 -19.73
C TYR D 518 12.63 18.71 -21.03
N THR D 519 12.56 18.02 -22.16
CA THR D 519 12.93 18.65 -23.42
C THR D 519 12.24 18.04 -24.63
N ASP D 520 11.65 18.93 -25.42
CA ASP D 520 10.99 18.55 -26.65
C ASP D 520 12.14 18.64 -27.66
N VAL D 521 12.36 17.58 -28.44
CA VAL D 521 13.44 17.60 -29.41
C VAL D 521 13.00 17.19 -30.80
N SER D 522 11.72 17.35 -31.08
CA SER D 522 11.16 17.01 -32.37
C SER D 522 11.85 17.78 -33.50
N GLN D 523 12.30 18.99 -33.18
CA GLN D 523 12.97 19.85 -34.16
C GLN D 523 14.41 19.45 -34.39
N TRP D 524 15.00 18.73 -33.45
CA TRP D 524 16.39 18.31 -33.59
C TRP D 524 16.53 17.13 -34.55
N ASP D 525 15.60 16.20 -34.43
CA ASP D 525 15.63 14.99 -35.26
C ASP D 525 15.44 15.29 -36.73
N SER D 526 14.84 16.42 -37.05
CA SER D 526 14.64 16.79 -38.45
C SER D 526 15.74 17.74 -38.90
N SER D 527 16.46 18.32 -37.93
CA SER D 527 17.55 19.27 -38.22
C SER D 527 18.66 18.65 -39.04
N GLN D 528 19.10 19.39 -40.05
CA GLN D 528 20.16 18.91 -40.93
C GLN D 528 21.46 18.74 -40.19
N HIS D 529 21.58 19.41 -39.05
CA HIS D 529 22.78 19.30 -38.27
C HIS D 529 22.94 17.89 -37.73
N ASN D 530 21.84 17.30 -37.31
CA ASN D 530 21.83 15.94 -36.75
C ASN D 530 22.17 14.83 -37.73
N THR D 531 21.56 14.87 -38.90
CA THR D 531 21.74 13.83 -39.91
C THR D 531 23.15 13.26 -40.11
N GLN D 532 24.19 14.04 -39.85
CA GLN D 532 25.53 13.47 -40.01
C GLN D 532 25.97 12.65 -38.81
N PRO D 533 26.06 13.26 -37.60
CA PRO D 533 26.48 12.51 -36.42
C PRO D 533 25.59 11.30 -36.16
N PHE D 534 24.36 11.36 -36.68
CA PHE D 534 23.40 10.29 -36.52
C PHE D 534 23.82 9.07 -37.32
N ARG D 535 23.70 9.17 -38.64
CA ARG D 535 24.06 8.06 -39.53
C ARG D 535 25.48 7.63 -39.26
N LYS D 536 26.34 8.56 -38.87
CA LYS D 536 27.73 8.21 -38.64
C LYS D 536 27.91 7.32 -37.42
N GLY D 537 27.26 7.67 -36.32
CA GLY D 537 27.38 6.89 -35.11
C GLY D 537 26.89 5.47 -35.30
N ILE D 538 25.84 5.30 -36.09
CA ILE D 538 25.30 3.97 -36.33
C ILE D 538 26.33 3.16 -37.11
N ILE D 539 26.76 3.71 -38.25
CA ILE D 539 27.75 3.08 -39.11
C ILE D 539 29.00 2.73 -38.31
N MET D 540 29.53 3.71 -37.58
CA MET D 540 30.72 3.48 -36.78
C MET D 540 30.47 2.28 -35.88
N GLY D 541 29.29 2.26 -35.27
CA GLY D 541 28.93 1.16 -34.39
C GLY D 541 28.86 -0.15 -35.14
N LEU D 542 28.15 -0.15 -36.26
CA LEU D 542 28.02 -1.34 -37.08
C LEU D 542 29.40 -1.89 -37.41
N ASP D 543 30.39 -1.01 -37.53
CA ASP D 543 31.75 -1.44 -37.84
C ASP D 543 32.32 -2.30 -36.73
N ILE D 544 32.27 -1.78 -35.52
CA ILE D 544 32.74 -2.49 -34.34
C ILE D 544 32.12 -3.89 -34.31
N LEU D 545 30.81 -3.95 -34.52
CA LEU D 545 30.12 -5.23 -34.52
C LEU D 545 30.70 -6.14 -35.59
N ALA D 546 30.83 -5.62 -36.81
CA ALA D 546 31.38 -6.39 -37.92
C ALA D 546 32.73 -7.00 -37.55
N ASN D 547 33.49 -6.30 -36.70
CA ASN D 547 34.79 -6.81 -36.26
C ASN D 547 34.66 -7.84 -35.15
N MET D 548 33.43 -8.17 -34.77
CA MET D 548 33.21 -9.13 -33.70
C MET D 548 32.78 -10.51 -34.16
N THR D 549 32.94 -10.79 -35.44
CA THR D 549 32.56 -12.10 -35.94
C THR D 549 33.17 -12.37 -37.31
N ASN D 550 32.91 -13.56 -37.85
CA ASN D 550 33.43 -13.95 -39.14
C ASN D 550 32.30 -14.65 -39.89
N ASP D 551 31.16 -14.77 -39.22
CA ASP D 551 29.99 -15.42 -39.80
C ASP D 551 29.58 -14.70 -41.07
N ALA D 552 29.61 -15.42 -42.20
CA ALA D 552 29.23 -14.84 -43.49
C ALA D 552 27.83 -14.24 -43.41
N LYS D 553 26.90 -14.97 -42.79
CA LYS D 553 25.53 -14.51 -42.65
C LYS D 553 25.47 -13.18 -41.91
N VAL D 554 25.98 -13.17 -40.69
CA VAL D 554 25.99 -11.96 -39.89
C VAL D 554 26.59 -10.77 -40.60
N LEU D 555 27.83 -10.91 -41.07
CA LEU D 555 28.52 -9.83 -41.77
C LEU D 555 27.70 -9.27 -42.91
N GLN D 556 27.10 -10.14 -43.70
CA GLN D 556 26.29 -9.69 -44.83
C GLN D 556 25.13 -8.76 -44.41
N THR D 557 24.31 -9.20 -43.47
CA THR D 557 23.16 -8.40 -43.01
C THR D 557 23.60 -7.23 -42.14
N LEU D 558 24.75 -7.39 -41.49
CA LEU D 558 25.30 -6.35 -40.65
C LEU D 558 25.85 -5.30 -41.60
N ASN D 559 26.37 -5.77 -42.72
CA ASN D 559 26.94 -4.92 -43.78
C ASN D 559 25.86 -4.16 -44.54
N LEU D 560 24.90 -4.90 -45.09
CA LEU D 560 23.79 -4.29 -45.81
C LEU D 560 23.10 -3.21 -44.98
N TYR D 561 23.27 -3.29 -43.66
CA TYR D 561 22.66 -2.30 -42.79
C TYR D 561 23.52 -1.07 -42.94
N LYS D 562 24.82 -1.25 -42.85
CA LYS D 562 25.77 -0.14 -43.00
C LYS D 562 25.52 0.55 -44.33
N GLN D 563 25.07 -0.23 -45.29
CA GLN D 563 24.84 0.31 -46.62
C GLN D 563 23.73 1.34 -46.69
N THR D 564 22.58 1.04 -46.09
CA THR D 564 21.46 1.96 -46.13
C THR D 564 21.78 3.22 -45.34
N GLN D 565 22.69 3.10 -44.38
CA GLN D 565 23.07 4.26 -43.58
C GLN D 565 24.01 5.19 -44.32
N ILE D 566 24.29 4.85 -45.58
CA ILE D 566 25.17 5.66 -46.42
C ILE D 566 24.35 6.22 -47.57
N ASN D 567 23.66 5.35 -48.30
CA ASN D 567 22.81 5.79 -49.40
C ASN D 567 21.95 6.95 -48.93
N LEU D 568 21.57 6.92 -47.65
CA LEU D 568 20.71 7.94 -47.09
C LEU D 568 21.42 9.23 -46.65
N MET D 569 22.74 9.19 -46.52
CA MET D 569 23.52 10.38 -46.14
C MET D 569 23.25 11.49 -47.17
N ASP D 570 23.43 11.16 -48.46
CA ASP D 570 23.19 12.11 -49.54
C ASP D 570 21.97 11.64 -50.32
N SER D 571 20.80 11.95 -49.78
CA SER D 571 19.52 11.55 -50.36
C SER D 571 18.78 12.63 -51.13
N TYR D 572 18.04 12.22 -52.15
CA TYR D 572 17.24 13.14 -52.97
C TYR D 572 15.77 12.75 -52.88
N VAL D 573 14.93 13.77 -52.79
CA VAL D 573 13.50 13.59 -52.62
C VAL D 573 12.63 14.09 -53.75
N GLN D 574 11.51 13.40 -53.98
CA GLN D 574 10.54 13.74 -55.03
C GLN D 574 9.35 14.54 -54.53
N ILE D 575 9.54 15.84 -54.36
CA ILE D 575 8.50 16.73 -53.89
C ILE D 575 7.61 17.18 -55.03
N PRO D 576 6.29 16.98 -54.92
CA PRO D 576 5.47 17.44 -56.03
C PRO D 576 5.26 18.95 -55.83
N ASP D 577 5.51 19.74 -56.88
CA ASP D 577 5.33 21.19 -56.83
C ASP D 577 4.37 21.58 -57.96
N GLY D 578 3.11 21.19 -57.79
CA GLY D 578 2.09 21.47 -58.79
C GLY D 578 1.64 20.13 -59.32
N ASN D 579 1.87 19.91 -60.61
CA ASN D 579 1.52 18.65 -61.24
C ASN D 579 2.84 18.24 -61.86
N VAL D 580 3.88 18.79 -61.25
CA VAL D 580 5.27 18.57 -61.62
C VAL D 580 5.92 17.91 -60.43
N ILE D 581 6.99 17.17 -60.65
CA ILE D 581 7.65 16.53 -59.54
C ILE D 581 9.13 16.89 -59.47
N LYS D 582 9.41 18.04 -58.88
CA LYS D 582 10.78 18.51 -58.77
C LYS D 582 11.60 17.56 -57.91
N LYS D 583 12.89 17.45 -58.21
CA LYS D 583 13.78 16.57 -57.47
C LYS D 583 14.74 17.44 -56.68
N ILE D 584 14.52 17.61 -55.38
CA ILE D 584 15.45 18.43 -54.61
C ILE D 584 16.32 17.56 -53.71
N GLN D 585 17.42 18.11 -53.22
CA GLN D 585 18.33 17.38 -52.36
C GLN D 585 17.93 17.46 -50.90
N TYR D 586 17.71 16.31 -50.27
CA TYR D 586 17.30 16.28 -48.87
C TYR D 586 18.49 15.99 -47.94
N GLY D 587 18.73 16.90 -47.00
CA GLY D 587 19.83 16.74 -46.07
C GLY D 587 19.42 16.60 -44.62
N ALA D 588 18.26 15.99 -44.40
CA ALA D 588 17.75 15.79 -43.06
C ALA D 588 17.28 14.35 -42.92
N VAL D 589 17.04 13.91 -41.70
CA VAL D 589 16.56 12.56 -41.50
C VAL D 589 15.05 12.56 -41.46
N ALA D 590 14.44 12.07 -42.54
CA ALA D 590 12.99 11.98 -42.59
C ALA D 590 12.70 10.61 -42.00
N SER D 591 11.46 10.19 -42.02
CA SER D 591 11.23 8.91 -41.42
C SER D 591 10.43 7.99 -42.32
N GLY D 592 10.94 6.78 -42.49
CA GLY D 592 10.28 5.78 -43.33
C GLY D 592 10.97 4.47 -43.12
N GLU D 593 12.19 4.53 -42.57
CA GLU D 593 12.99 3.35 -42.28
C GLU D 593 12.32 2.48 -41.21
N LYS D 594 12.97 1.36 -40.94
CA LYS D 594 12.51 0.42 -39.93
C LYS D 594 13.15 0.90 -38.62
N GLN D 595 14.34 1.47 -38.70
CA GLN D 595 15.04 1.98 -37.52
C GLN D 595 14.54 3.34 -37.01
N THR D 596 13.56 3.93 -37.68
CA THR D 596 13.06 5.26 -37.29
C THR D 596 12.84 5.41 -35.78
N LYS D 597 11.86 4.70 -35.23
CA LYS D 597 11.59 4.78 -33.80
C LYS D 597 12.78 4.36 -32.94
N ALA D 598 13.36 3.19 -33.19
CA ALA D 598 14.49 2.77 -32.38
C ALA D 598 15.62 3.80 -32.40
N ALA D 599 16.14 4.06 -33.60
CA ALA D 599 17.25 4.98 -33.81
C ALA D 599 16.98 6.34 -33.20
N ASN D 600 15.77 6.85 -33.40
CA ASN D 600 15.43 8.14 -32.85
C ASN D 600 15.53 8.05 -31.33
N SER D 601 15.07 6.94 -30.75
CA SER D 601 15.13 6.75 -29.32
C SER D 601 16.59 6.76 -28.91
N ILE D 602 17.38 5.93 -29.58
CA ILE D 602 18.81 5.87 -29.30
C ILE D 602 19.41 7.29 -29.33
N ALA D 603 19.23 7.96 -30.46
CA ALA D 603 19.74 9.32 -30.67
C ALA D 603 19.27 10.30 -29.61
N ASN D 604 17.97 10.44 -29.43
CA ASN D 604 17.45 11.36 -28.44
C ASN D 604 18.03 11.17 -27.06
N LEU D 605 18.30 9.91 -26.67
CA LEU D 605 18.88 9.62 -25.37
C LEU D 605 20.35 10.00 -25.37
N ALA D 606 21.06 9.62 -26.43
CA ALA D 606 22.47 9.95 -26.57
C ALA D 606 22.62 11.45 -26.35
N LEU D 607 21.63 12.20 -26.85
CA LEU D 607 21.61 13.66 -26.74
C LEU D 607 21.57 14.19 -25.30
N ILE D 608 20.50 13.89 -24.58
CA ILE D 608 20.39 14.35 -23.20
C ILE D 608 21.64 13.97 -22.42
N LYS D 609 22.14 12.76 -22.65
CA LYS D 609 23.34 12.33 -21.95
C LYS D 609 24.44 13.35 -22.24
N THR D 610 24.54 13.74 -23.51
CA THR D 610 25.53 14.71 -23.96
C THR D 610 25.33 16.05 -23.27
N VAL D 611 24.08 16.49 -23.19
CA VAL D 611 23.75 17.75 -22.54
C VAL D 611 24.09 17.71 -21.05
N LEU D 612 23.45 16.79 -20.32
CA LEU D 612 23.69 16.66 -18.88
C LEU D 612 25.18 16.55 -18.59
N SER D 613 25.88 15.70 -19.33
CA SER D 613 27.31 15.54 -19.13
C SER D 613 28.06 16.88 -19.12
N ARG D 614 27.71 17.75 -20.08
CA ARG D 614 28.36 19.05 -20.20
C ARG D 614 28.05 20.05 -19.08
N ILE D 615 26.79 20.11 -18.66
CA ILE D 615 26.41 21.04 -17.60
C ILE D 615 26.96 20.68 -16.22
N SER D 616 27.46 19.47 -16.06
CA SER D 616 28.00 19.06 -14.78
C SER D 616 29.32 19.75 -14.46
N ASN D 617 29.95 20.31 -15.49
CA ASN D 617 31.21 21.01 -15.30
C ASN D 617 31.04 22.19 -14.37
N LYS D 618 29.84 22.77 -14.40
CA LYS D 618 29.55 23.90 -13.54
C LYS D 618 28.84 23.46 -12.29
N HIS D 619 27.64 22.92 -12.42
CA HIS D 619 26.89 22.45 -11.24
C HIS D 619 27.07 20.96 -11.01
N SER D 620 27.02 20.56 -9.75
CA SER D 620 27.19 19.15 -9.39
C SER D 620 25.87 18.58 -8.86
N PHE D 621 25.38 17.55 -9.55
CA PHE D 621 24.12 16.90 -9.21
C PHE D 621 24.21 15.39 -9.38
N ALA D 622 23.10 14.70 -9.20
CA ALA D 622 23.06 13.25 -9.35
C ALA D 622 21.93 12.87 -10.31
N THR D 623 22.13 11.80 -11.06
CA THR D 623 21.11 11.39 -12.01
C THR D 623 20.21 10.27 -11.49
N LYS D 624 19.08 10.67 -10.91
CA LYS D 624 18.12 9.73 -10.38
C LYS D 624 17.54 8.93 -11.53
N ILE D 625 17.17 9.61 -12.61
CA ILE D 625 16.63 8.89 -13.76
C ILE D 625 16.89 9.63 -15.05
N ILE D 626 17.08 8.89 -16.13
CA ILE D 626 17.27 9.48 -17.45
C ILE D 626 16.27 8.74 -18.32
N ARG D 627 15.57 9.48 -19.17
CA ARG D 627 14.57 8.87 -20.02
C ARG D 627 14.41 9.51 -21.39
N VAL D 628 14.04 8.70 -22.37
CA VAL D 628 13.78 9.12 -23.75
C VAL D 628 12.45 8.45 -24.05
N ASP D 629 11.49 9.19 -24.57
CA ASP D 629 10.19 8.59 -24.87
C ASP D 629 9.56 9.33 -26.03
N GLY D 630 9.77 8.80 -27.24
CA GLY D 630 9.22 9.45 -28.41
C GLY D 630 10.07 10.65 -28.75
N ASP D 631 9.44 11.80 -29.00
CA ASP D 631 10.17 13.03 -29.37
C ASP D 631 10.57 13.94 -28.19
N ASP D 632 10.45 13.42 -26.97
CA ASP D 632 10.81 14.14 -25.75
C ASP D 632 11.87 13.32 -25.04
N ASN D 633 12.62 13.95 -24.14
CA ASN D 633 13.63 13.24 -23.37
C ASN D 633 13.76 14.02 -22.09
N TYR D 634 13.73 13.33 -20.95
CA TYR D 634 13.84 14.02 -19.67
C TYR D 634 14.70 13.31 -18.65
N ALA D 635 15.03 14.02 -17.58
CA ALA D 635 15.86 13.44 -16.54
C ALA D 635 15.50 14.13 -15.25
N VAL D 636 15.81 13.46 -14.13
CA VAL D 636 15.55 13.99 -12.81
C VAL D 636 16.88 14.08 -12.09
N LEU D 637 17.37 15.30 -11.89
CA LEU D 637 18.65 15.52 -11.24
C LEU D 637 18.45 15.85 -9.76
N GLN D 638 19.45 15.53 -8.96
CA GLN D 638 19.40 15.77 -7.52
C GLN D 638 20.65 16.50 -7.07
N PHE D 639 20.46 17.53 -6.28
CA PHE D 639 21.58 18.33 -5.78
C PHE D 639 21.84 18.04 -4.29
N ASN D 640 22.98 18.52 -3.80
CA ASN D 640 23.36 18.34 -2.40
C ASN D 640 22.74 19.38 -1.47
N THR D 641 22.25 20.46 -2.07
CA THR D 641 21.62 21.55 -1.33
C THR D 641 20.19 21.77 -1.80
N GLU D 642 19.39 22.41 -0.95
CA GLU D 642 18.01 22.68 -1.31
C GLU D 642 18.03 23.55 -2.57
N VAL D 643 17.10 23.30 -3.47
CA VAL D 643 17.01 24.03 -4.73
C VAL D 643 16.31 25.37 -4.59
N THR D 644 16.79 26.37 -5.32
CA THR D 644 16.21 27.70 -5.29
C THR D 644 15.97 28.25 -6.70
N LYS D 645 15.08 29.21 -6.80
CA LYS D 645 14.75 29.85 -8.08
C LYS D 645 16.01 30.15 -8.87
N GLN D 646 17.02 30.66 -8.18
CA GLN D 646 18.28 30.99 -8.83
C GLN D 646 19.00 29.75 -9.36
N MET D 647 18.98 28.67 -8.59
CA MET D 647 19.62 27.44 -9.01
C MET D 647 18.92 26.93 -10.27
N ILE D 648 17.59 27.00 -10.27
CA ILE D 648 16.85 26.54 -11.43
C ILE D 648 17.22 27.35 -12.67
N GLN D 649 17.21 28.68 -12.54
CA GLN D 649 17.57 29.53 -13.67
C GLN D 649 18.91 29.14 -14.27
N ASP D 650 19.93 29.03 -13.43
CA ASP D 650 21.26 28.65 -13.89
C ASP D 650 21.28 27.32 -14.64
N VAL D 651 20.76 26.26 -14.04
CA VAL D 651 20.74 24.96 -14.70
C VAL D 651 20.03 25.14 -16.04
N SER D 652 18.82 25.66 -15.98
CA SER D 652 18.01 25.92 -17.18
C SER D 652 18.77 26.69 -18.27
N ASN D 653 19.64 27.62 -17.87
CA ASN D 653 20.39 28.39 -18.85
C ASN D 653 21.50 27.56 -19.46
N ASP D 654 22.39 27.04 -18.63
CA ASP D 654 23.49 26.23 -19.13
C ASP D 654 22.97 25.11 -20.02
N VAL D 655 21.78 24.60 -19.73
CA VAL D 655 21.20 23.54 -20.54
C VAL D 655 20.87 24.09 -21.92
N ARG D 656 19.93 25.02 -21.97
CA ARG D 656 19.51 25.65 -23.22
C ARG D 656 20.72 26.17 -24.01
N GLU D 657 21.72 26.66 -23.30
CA GLU D 657 22.93 27.16 -23.90
C GLU D 657 23.72 25.98 -24.47
N THR D 658 23.75 24.87 -23.74
CA THR D 658 24.46 23.67 -24.20
C THR D 658 23.82 23.17 -25.49
N TYR D 659 22.50 23.24 -25.56
CA TYR D 659 21.75 22.82 -26.74
C TYR D 659 22.00 23.79 -27.89
N ALA D 660 22.19 25.05 -27.54
CA ALA D 660 22.44 26.10 -28.54
C ALA D 660 23.78 25.88 -29.21
N ARG D 661 24.77 25.49 -28.42
CA ARG D 661 26.09 25.28 -28.97
C ARG D 661 26.10 24.06 -29.89
N MET D 662 24.95 23.43 -30.05
CA MET D 662 24.84 22.26 -30.92
C MET D 662 23.94 22.62 -32.10
N ASN D 663 23.43 23.84 -32.07
CA ASN D 663 22.54 24.34 -33.11
C ASN D 663 21.29 23.46 -33.22
N ALA D 664 20.74 23.13 -32.06
CA ALA D 664 19.55 22.32 -31.99
C ALA D 664 18.44 23.21 -31.47
N LYS D 665 17.45 23.45 -32.32
CA LYS D 665 16.32 24.29 -31.95
C LYS D 665 15.38 23.41 -31.13
N VAL D 666 15.46 23.56 -29.82
CA VAL D 666 14.63 22.74 -28.94
C VAL D 666 14.11 23.50 -27.74
N LYS D 667 12.99 23.04 -27.18
CA LYS D 667 12.42 23.68 -26.01
C LYS D 667 12.86 22.89 -24.77
N ALA D 668 13.61 23.55 -23.89
CA ALA D 668 14.09 22.89 -22.68
C ALA D 668 13.67 23.65 -21.43
N LEU D 669 12.91 22.98 -20.56
CA LEU D 669 12.42 23.58 -19.32
C LEU D 669 12.90 22.85 -18.07
N VAL D 670 12.90 23.54 -16.92
CA VAL D 670 13.36 22.93 -15.66
C VAL D 670 12.45 23.22 -14.47
N SER D 671 11.82 22.18 -13.94
CA SER D 671 10.88 22.33 -12.83
C SER D 671 11.19 21.36 -11.69
N THR D 672 10.44 21.48 -10.60
CA THR D 672 10.61 20.59 -9.45
C THR D 672 9.30 19.91 -9.11
N VAL D 673 8.35 19.86 -10.05
CA VAL D 673 7.07 19.21 -9.75
C VAL D 673 6.37 18.50 -10.91
N GLY D 674 6.50 19.03 -12.11
CA GLY D 674 5.85 18.40 -13.24
C GLY D 674 6.64 18.40 -14.53
N ILE D 675 6.06 17.80 -15.56
CA ILE D 675 6.68 17.75 -16.87
C ILE D 675 5.58 17.65 -17.89
N GLU D 676 5.93 18.02 -19.11
CA GLU D 676 4.99 17.95 -20.21
C GLU D 676 5.72 17.41 -21.42
N ILE D 677 5.22 16.32 -21.99
CA ILE D 677 5.80 15.74 -23.20
C ILE D 677 4.64 15.39 -24.13
N ALA D 678 4.92 15.15 -25.39
CA ALA D 678 3.86 14.83 -26.35
C ALA D 678 2.86 13.77 -25.86
N LYS D 679 3.38 12.65 -25.36
CA LYS D 679 2.50 11.57 -24.93
C LYS D 679 1.70 11.84 -23.67
N ARG D 680 2.26 12.57 -22.72
CA ARG D 680 1.56 12.83 -21.45
C ARG D 680 2.14 14.02 -20.69
N TYR D 681 1.43 14.50 -19.68
CA TYR D 681 1.96 15.59 -18.87
C TYR D 681 1.52 15.38 -17.44
N ILE D 682 2.44 15.68 -16.53
CA ILE D 682 2.19 15.51 -15.11
C ILE D 682 2.06 16.83 -14.35
N ALA D 683 0.84 17.28 -14.11
CA ALA D 683 0.63 18.52 -13.39
C ALA D 683 0.22 18.22 -11.95
N GLY D 684 0.79 18.95 -11.00
CA GLY D 684 0.43 18.78 -9.60
C GLY D 684 0.39 17.34 -9.09
N GLY D 685 1.43 16.56 -9.39
CA GLY D 685 1.47 15.18 -8.93
C GLY D 685 0.43 14.27 -9.54
N LYS D 686 -0.45 14.79 -10.39
CA LYS D 686 -1.46 13.97 -11.04
C LYS D 686 -1.01 13.70 -12.49
N ILE D 687 -1.65 12.74 -13.14
CA ILE D 687 -1.32 12.37 -14.53
C ILE D 687 -2.41 12.84 -15.50
N PHE D 688 -1.96 13.36 -16.66
CA PHE D 688 -2.87 13.88 -17.68
C PHE D 688 -2.47 13.46 -19.11
N PHE D 689 -3.46 13.10 -19.91
CA PHE D 689 -3.22 12.72 -21.30
C PHE D 689 -4.13 13.59 -22.17
N ARG D 690 -3.53 14.36 -23.08
CA ARG D 690 -4.30 15.22 -23.97
C ARG D 690 -5.48 14.48 -24.61
N ALA D 691 -6.62 15.13 -24.75
CA ALA D 691 -7.77 14.48 -25.36
C ALA D 691 -8.03 15.10 -26.73
N GLY D 692 -6.99 15.13 -27.56
CA GLY D 692 -7.12 15.74 -28.87
C GLY D 692 -7.29 14.88 -30.11
N ILE D 693 -7.99 13.77 -30.02
CA ILE D 693 -8.20 12.94 -31.20
C ILE D 693 -9.38 13.53 -31.93
N ASN D 694 -9.18 13.93 -33.20
CA ASN D 694 -10.27 14.51 -34.02
C ASN D 694 -11.29 13.43 -34.42
N LEU D 695 -12.57 13.84 -34.46
CA LEU D 695 -13.68 12.95 -34.78
C LEU D 695 -14.26 13.09 -36.20
N LEU D 696 -14.54 14.33 -36.60
CA LEU D 696 -15.14 14.58 -37.90
C LEU D 696 -14.19 14.92 -39.05
N ASN D 697 -12.89 14.77 -38.81
CA ASN D 697 -11.88 15.02 -39.83
C ASN D 697 -10.74 14.04 -39.56
N ASN D 698 -10.22 13.39 -40.61
CA ASN D 698 -9.12 12.43 -40.46
C ASN D 698 -7.81 12.93 -41.10
N GLU D 699 -6.69 12.31 -40.74
CA GLU D 699 -5.39 12.68 -41.31
C GLU D 699 -5.32 12.32 -42.80
N LYS D 700 -5.69 11.09 -43.13
CA LYS D 700 -5.66 10.64 -44.52
C LYS D 700 -6.77 9.63 -44.78
N ARG D 701 -6.92 9.26 -46.05
CA ARG D 701 -7.94 8.30 -46.43
C ARG D 701 -7.36 6.90 -46.43
N GLY D 702 -7.93 6.05 -45.59
CA GLY D 702 -7.47 4.68 -45.53
C GLY D 702 -8.18 3.82 -46.55
N GLN D 703 -8.61 2.64 -46.13
CA GLN D 703 -9.30 1.72 -47.01
C GLN D 703 -10.43 1.04 -46.26
N SER D 704 -10.52 1.30 -44.97
CA SER D 704 -11.57 0.72 -44.16
C SER D 704 -12.94 1.12 -44.73
N THR D 705 -13.98 0.41 -44.31
CA THR D 705 -15.34 0.70 -44.80
C THR D 705 -15.94 1.78 -43.93
N GLN D 706 -17.22 2.05 -44.12
CA GLN D 706 -17.91 3.06 -43.31
C GLN D 706 -18.11 2.45 -41.92
N TRP D 707 -18.66 1.25 -41.88
CA TRP D 707 -18.85 0.60 -40.60
C TRP D 707 -17.56 0.71 -39.82
N ASP D 708 -16.45 0.34 -40.44
CA ASP D 708 -15.18 0.42 -39.76
C ASP D 708 -14.94 1.80 -39.20
N GLN D 709 -15.32 2.83 -39.95
CA GLN D 709 -15.13 4.19 -39.47
C GLN D 709 -16.13 4.50 -38.36
N ALA D 710 -17.33 3.91 -38.41
CA ALA D 710 -18.32 4.15 -37.36
C ALA D 710 -17.66 3.70 -36.07
N ALA D 711 -17.20 2.45 -36.04
CA ALA D 711 -16.52 1.89 -34.87
C ALA D 711 -15.32 2.72 -34.43
N ILE D 712 -14.53 3.22 -35.39
CA ILE D 712 -13.36 4.01 -35.04
C ILE D 712 -13.78 5.35 -34.42
N LEU D 713 -14.89 5.89 -34.92
CA LEU D 713 -15.42 7.15 -34.39
C LEU D 713 -15.69 6.87 -32.91
N TYR D 714 -16.57 5.90 -32.66
CA TYR D 714 -16.91 5.50 -31.30
C TYR D 714 -15.66 5.23 -30.44
N SER D 715 -14.72 4.47 -30.99
CA SER D 715 -13.51 4.20 -30.25
C SER D 715 -12.90 5.53 -29.82
N ASN D 716 -12.77 6.44 -30.80
CA ASN D 716 -12.17 7.75 -30.58
C ASN D 716 -12.93 8.53 -29.51
N TYR D 717 -14.24 8.36 -29.49
CA TYR D 717 -15.08 9.01 -28.50
C TYR D 717 -14.66 8.47 -27.12
N ILE D 718 -14.66 7.15 -26.95
CA ILE D 718 -14.25 6.53 -25.70
C ILE D 718 -12.88 7.04 -25.23
N VAL D 719 -11.84 6.90 -26.04
CA VAL D 719 -10.53 7.39 -25.60
C VAL D 719 -10.57 8.87 -25.15
N ASN D 720 -11.20 9.74 -25.94
CA ASN D 720 -11.33 11.18 -25.60
C ASN D 720 -12.01 11.28 -24.25
N ARG D 721 -13.19 10.68 -24.16
CA ARG D 721 -13.98 10.70 -22.94
C ARG D 721 -13.12 10.31 -21.75
N LEU D 722 -12.41 9.20 -21.86
CA LEU D 722 -11.57 8.80 -20.75
C LEU D 722 -10.50 9.85 -20.52
N ARG D 723 -10.02 10.49 -21.58
CA ARG D 723 -8.98 11.51 -21.45
C ARG D 723 -9.43 12.88 -20.96
N GLY D 724 -10.74 13.15 -21.00
CA GLY D 724 -11.24 14.43 -20.51
C GLY D 724 -12.03 15.31 -21.46
N PHE D 725 -12.40 14.78 -22.62
CA PHE D 725 -13.13 15.54 -23.63
C PHE D 725 -14.28 14.68 -24.04
N GLU D 726 -15.49 15.09 -23.70
CA GLU D 726 -16.67 14.31 -24.03
C GLU D 726 -17.52 14.93 -25.12
N THR D 727 -17.74 14.17 -26.17
CA THR D 727 -18.58 14.63 -27.24
C THR D 727 -19.92 14.00 -26.87
N ASP D 728 -20.99 14.78 -26.90
CA ASP D 728 -22.30 14.26 -26.54
C ASP D 728 -22.54 12.90 -27.20
N ARG D 729 -22.83 11.89 -26.38
CA ARG D 729 -23.06 10.54 -26.87
C ARG D 729 -24.27 10.45 -27.79
N GLU D 730 -25.24 11.34 -27.60
CA GLU D 730 -26.41 11.33 -28.46
C GLU D 730 -25.97 11.68 -29.86
N PHE D 731 -24.96 12.53 -29.95
CA PHE D 731 -24.42 12.92 -31.24
C PHE D 731 -23.71 11.73 -31.87
N ILE D 732 -22.84 11.08 -31.09
CA ILE D 732 -22.07 9.93 -31.55
C ILE D 732 -22.99 8.84 -32.09
N LEU D 733 -24.02 8.51 -31.32
CA LEU D 733 -24.96 7.49 -31.75
C LEU D 733 -25.63 7.90 -33.05
N THR D 734 -25.84 9.21 -33.24
CA THR D 734 -26.47 9.67 -34.47
C THR D 734 -25.54 9.42 -35.65
N LYS D 735 -24.27 9.79 -35.52
CA LYS D 735 -23.31 9.58 -36.58
C LYS D 735 -23.28 8.10 -36.94
N ILE D 736 -23.28 7.25 -35.92
CA ILE D 736 -23.27 5.79 -36.16
C ILE D 736 -24.54 5.34 -36.91
N MET D 737 -25.66 6.00 -36.62
CA MET D 737 -26.89 5.64 -37.32
C MET D 737 -26.68 5.95 -38.79
N GLN D 738 -26.04 7.08 -39.04
CA GLN D 738 -25.78 7.54 -40.41
C GLN D 738 -24.78 6.64 -41.12
N MET D 739 -23.57 6.59 -40.58
CA MET D 739 -22.51 5.82 -41.18
C MET D 739 -22.74 4.33 -41.45
N THR D 740 -23.49 3.65 -40.60
CA THR D 740 -23.71 2.21 -40.78
C THR D 740 -24.87 1.85 -41.66
N SER D 741 -25.62 2.84 -42.13
CA SER D 741 -26.76 2.53 -42.97
C SER D 741 -26.37 1.93 -44.33
N VAL D 742 -27.35 1.36 -45.02
CA VAL D 742 -27.12 0.74 -46.33
C VAL D 742 -28.30 1.05 -47.25
N ALA D 743 -28.01 1.77 -48.33
CA ALA D 743 -29.04 2.15 -49.28
C ALA D 743 -29.37 1.00 -50.21
N ILE D 744 -30.66 0.66 -50.30
CA ILE D 744 -31.10 -0.42 -51.17
C ILE D 744 -31.41 0.18 -52.56
N THR D 745 -32.06 1.33 -52.56
CA THR D 745 -32.38 2.03 -53.81
C THR D 745 -32.24 3.50 -53.53
N GLY D 746 -32.65 4.34 -54.47
CA GLY D 746 -32.53 5.76 -54.26
C GLY D 746 -33.39 6.27 -53.11
N SER D 747 -34.46 5.55 -52.80
CA SER D 747 -35.35 5.97 -51.72
C SER D 747 -35.40 5.05 -50.50
N LEU D 748 -35.15 3.75 -50.71
CA LEU D 748 -35.17 2.78 -49.63
C LEU D 748 -33.81 2.58 -48.98
N ARG D 749 -33.70 3.04 -47.74
CA ARG D 749 -32.45 2.94 -46.97
C ARG D 749 -32.66 2.07 -45.73
N LEU D 750 -31.73 1.16 -45.48
CA LEU D 750 -31.83 0.25 -44.34
C LEU D 750 -30.92 0.64 -43.16
N PHE D 751 -31.52 0.71 -41.98
CA PHE D 751 -30.78 1.07 -40.77
C PHE D 751 -30.64 -0.09 -39.77
N PRO D 752 -29.39 -0.51 -39.52
CA PRO D 752 -29.06 -1.60 -38.60
C PRO D 752 -29.49 -1.32 -37.15
N SER D 753 -30.08 -2.32 -36.51
CA SER D 753 -30.57 -2.17 -35.13
C SER D 753 -29.47 -2.31 -34.06
N GLU D 754 -29.77 -1.81 -32.86
CA GLU D 754 -28.85 -1.87 -31.72
C GLU D 754 -28.32 -3.28 -31.44
N ARG D 755 -29.19 -4.29 -31.59
CA ARG D 755 -28.78 -5.66 -31.37
C ARG D 755 -27.70 -6.03 -32.38
N VAL D 756 -27.94 -5.66 -33.62
CA VAL D 756 -27.01 -5.94 -34.71
C VAL D 756 -25.64 -5.30 -34.51
N LEU D 757 -25.64 -4.03 -34.12
CA LEU D 757 -24.42 -3.23 -33.95
C LEU D 757 -23.64 -3.34 -32.65
N THR D 758 -24.29 -3.83 -31.60
CA THR D 758 -23.59 -3.93 -30.33
C THR D 758 -23.25 -5.33 -29.86
N THR D 759 -23.95 -6.35 -30.35
CA THR D 759 -23.66 -7.71 -29.93
C THR D 759 -22.24 -8.11 -30.32
N ASN D 760 -21.64 -9.02 -29.57
CA ASN D 760 -20.28 -9.44 -29.83
C ASN D 760 -20.19 -10.29 -31.08
N SER D 761 -20.41 -9.66 -32.23
CA SER D 761 -20.38 -10.33 -33.54
C SER D 761 -19.25 -9.83 -34.41
N THR D 762 -19.25 -10.31 -35.65
CA THR D 762 -18.24 -9.91 -36.62
C THR D 762 -18.61 -8.54 -37.19
N PHE D 763 -19.74 -8.03 -36.75
CA PHE D 763 -20.25 -6.73 -37.19
C PHE D 763 -20.52 -5.77 -36.03
N LYS D 764 -19.77 -5.91 -34.94
CA LYS D 764 -19.96 -5.04 -33.79
C LYS D 764 -19.29 -3.70 -34.01
N VAL D 765 -20.03 -2.64 -33.74
CA VAL D 765 -19.50 -1.30 -33.91
C VAL D 765 -19.27 -0.61 -32.58
N PHE D 766 -20.14 -0.86 -31.61
CA PHE D 766 -19.97 -0.22 -30.30
C PHE D 766 -20.71 -0.97 -29.20
N ASP D 767 -20.36 -0.64 -27.96
CA ASP D 767 -20.94 -1.25 -26.77
C ASP D 767 -22.22 -0.53 -26.35
N SER D 768 -23.32 -1.28 -26.23
CA SER D 768 -24.62 -0.71 -25.84
C SER D 768 -24.56 0.17 -24.60
N GLU D 769 -23.42 0.17 -23.91
CA GLU D 769 -23.26 0.97 -22.71
C GLU D 769 -21.76 1.15 -22.53
N ASP D 770 -21.29 2.40 -22.59
CA ASP D 770 -19.87 2.69 -22.48
C ASP D 770 -19.12 2.01 -21.31
N PHE D 771 -17.95 1.44 -21.63
CA PHE D 771 -17.10 0.77 -20.65
C PHE D 771 -17.61 -0.59 -20.14
N ILE D 772 -18.61 -1.13 -20.81
CA ILE D 772 -19.16 -2.41 -20.41
C ILE D 772 -19.36 -3.21 -21.67
N ILE D 773 -18.66 -4.35 -21.77
CA ILE D 773 -18.76 -5.22 -22.94
C ILE D 773 -19.65 -6.43 -22.66
N GLU D 774 -20.88 -6.43 -23.18
CA GLU D 774 -21.77 -7.56 -22.98
C GLU D 774 -21.46 -8.70 -23.95
N TYR D 775 -22.07 -9.85 -23.70
CA TYR D 775 -21.92 -11.04 -24.55
C TYR D 775 -23.31 -11.67 -24.56
N GLY D 776 -23.71 -12.24 -25.69
CA GLY D 776 -25.03 -12.85 -25.80
C GLY D 776 -25.48 -13.77 -24.68
N THR D 777 -26.41 -13.30 -23.86
CA THR D 777 -26.92 -14.10 -22.74
C THR D 777 -28.37 -14.53 -22.90
N THR D 778 -28.93 -14.32 -24.09
CA THR D 778 -30.30 -14.71 -24.39
C THR D 778 -30.26 -15.55 -25.66
N VAL D 779 -31.34 -16.26 -25.96
CA VAL D 779 -31.32 -17.10 -27.15
C VAL D 779 -31.23 -16.27 -28.42
N ASP D 780 -32.18 -15.36 -28.62
CA ASP D 780 -32.16 -14.51 -29.81
C ASP D 780 -30.76 -13.93 -30.02
N GLU D 781 -30.14 -13.47 -28.95
CA GLU D 781 -28.79 -12.91 -29.05
C GLU D 781 -27.85 -13.96 -29.61
N VAL D 782 -27.92 -15.18 -29.09
CA VAL D 782 -27.05 -16.25 -29.56
C VAL D 782 -27.36 -16.48 -31.05
N TYR D 783 -28.64 -16.61 -31.34
CA TYR D 783 -29.13 -16.82 -32.70
C TYR D 783 -28.40 -15.87 -33.64
N ILE D 784 -28.73 -14.59 -33.54
CA ILE D 784 -28.13 -13.56 -34.35
C ILE D 784 -26.61 -13.63 -34.40
N GLN D 785 -25.96 -13.80 -33.25
CA GLN D 785 -24.51 -13.88 -33.24
C GLN D 785 -23.98 -14.94 -34.18
N ARG D 786 -24.55 -16.15 -34.10
CA ARG D 786 -24.13 -17.27 -34.94
C ARG D 786 -24.45 -17.04 -36.42
N ALA D 787 -25.49 -16.25 -36.68
CA ALA D 787 -25.89 -15.95 -38.05
C ALA D 787 -24.86 -15.02 -38.73
N PHE D 788 -24.50 -13.94 -38.05
CA PHE D 788 -23.53 -13.02 -38.61
C PHE D 788 -22.19 -13.68 -38.89
N MET D 789 -21.66 -14.39 -37.91
CA MET D 789 -20.37 -15.06 -38.08
C MET D 789 -20.33 -15.86 -39.39
N SER D 790 -21.45 -16.53 -39.69
CA SER D 790 -21.59 -17.35 -40.89
C SER D 790 -21.16 -16.63 -42.17
N LEU D 791 -21.43 -15.33 -42.20
CA LEU D 791 -21.07 -14.51 -43.35
C LEU D 791 -20.05 -13.44 -42.90
N SER D 792 -18.90 -13.92 -42.43
CA SER D 792 -17.83 -13.04 -41.96
C SER D 792 -16.77 -12.78 -43.03
N SER D 793 -16.35 -13.82 -43.74
CA SER D 793 -15.32 -13.69 -44.77
C SER D 793 -15.91 -13.78 -46.19
N GLN D 794 -15.56 -12.81 -47.03
CA GLN D 794 -16.07 -12.78 -48.41
C GLN D 794 -15.06 -13.14 -49.49
N LYS D 795 -15.59 -13.66 -50.60
CA LYS D 795 -14.80 -14.08 -51.75
C LYS D 795 -14.32 -12.91 -52.60
N SER D 796 -13.17 -13.08 -53.22
CA SER D 796 -12.60 -12.05 -54.08
C SER D 796 -12.00 -12.70 -55.32
N GLY D 797 -12.73 -12.63 -56.43
CA GLY D 797 -12.27 -13.21 -57.67
C GLY D 797 -10.82 -12.83 -57.91
N ILE D 798 -10.57 -11.52 -57.93
CA ILE D 798 -9.23 -11.00 -58.15
C ILE D 798 -8.20 -11.60 -57.20
N ALA D 799 -8.61 -11.77 -55.95
CA ALA D 799 -7.73 -12.33 -54.93
C ALA D 799 -7.40 -13.79 -55.17
N ASP D 800 -8.38 -14.55 -55.65
CA ASP D 800 -8.16 -15.97 -55.90
C ASP D 800 -7.33 -16.18 -57.15
N GLU D 801 -7.54 -15.31 -58.13
CA GLU D 801 -6.81 -15.36 -59.39
C GLU D 801 -5.31 -15.41 -59.10
N ILE D 802 -4.84 -14.42 -58.35
CA ILE D 802 -3.43 -14.31 -57.98
C ILE D 802 -3.02 -15.33 -56.93
N ALA D 803 -3.97 -15.71 -56.06
CA ALA D 803 -3.70 -16.69 -55.03
C ALA D 803 -3.31 -17.99 -55.71
N ALA D 804 -3.67 -18.11 -56.99
CA ALA D 804 -3.38 -19.28 -57.81
C ALA D 804 -2.23 -19.07 -58.78
N SER D 805 -1.94 -17.81 -59.11
CA SER D 805 -0.86 -17.50 -60.05
C SER D 805 0.43 -18.20 -59.65
N SER D 806 1.35 -18.32 -60.59
CA SER D 806 2.61 -18.99 -60.32
C SER D 806 3.50 -18.21 -59.36
N THR D 807 3.85 -17.00 -59.74
CA THR D 807 4.73 -16.18 -58.90
C THR D 807 4.29 -16.20 -57.43
N PHE D 808 3.00 -16.34 -57.18
CA PHE D 808 2.50 -16.40 -55.82
C PHE D 808 2.86 -17.74 -55.17
N LYS D 809 2.28 -18.83 -55.67
CA LYS D 809 2.56 -20.16 -55.13
C LYS D 809 4.05 -20.35 -54.97
N ASN D 810 4.82 -19.86 -55.94
CA ASN D 810 6.28 -19.99 -55.90
C ASN D 810 6.80 -19.16 -54.74
N TYR D 811 6.20 -17.98 -54.54
CA TYR D 811 6.61 -17.10 -53.45
C TYR D 811 6.37 -17.83 -52.14
N VAL D 812 5.13 -18.22 -51.90
CA VAL D 812 4.74 -18.93 -50.68
C VAL D 812 5.66 -20.13 -50.48
N THR D 813 5.92 -20.84 -51.59
CA THR D 813 6.77 -22.02 -51.56
C THR D 813 8.21 -21.67 -51.16
N ARG D 814 8.81 -20.72 -51.85
CA ARG D 814 10.18 -20.35 -51.54
C ARG D 814 10.36 -19.93 -50.09
N LEU D 815 9.36 -19.24 -49.53
CA LEU D 815 9.47 -18.82 -48.14
C LEU D 815 9.48 -20.04 -47.22
N SER D 816 8.61 -21.01 -47.51
CA SER D 816 8.50 -22.25 -46.73
C SER D 816 9.77 -23.09 -46.72
N GLU D 817 10.18 -23.54 -47.90
CA GLU D 817 11.38 -24.37 -48.01
C GLU D 817 12.55 -23.73 -47.27
N GLN D 818 12.51 -22.41 -47.15
CA GLN D 818 13.58 -21.64 -46.50
C GLN D 818 13.49 -21.61 -44.97
N LEU D 819 12.27 -21.64 -44.46
CA LEU D 819 12.03 -21.60 -43.03
C LEU D 819 12.06 -22.99 -42.41
N LEU D 820 11.18 -23.86 -42.91
CA LEU D 820 11.04 -25.23 -42.42
C LEU D 820 12.20 -26.16 -42.83
N PHE D 821 12.45 -27.18 -42.00
CA PHE D 821 13.47 -28.17 -42.29
C PHE D 821 12.71 -29.38 -42.82
N SER D 822 11.94 -30.03 -41.94
CA SER D 822 11.15 -31.17 -42.36
C SER D 822 9.82 -30.60 -42.80
N LYS D 823 8.77 -31.42 -42.84
CA LYS D 823 7.47 -30.91 -43.25
C LYS D 823 6.72 -30.34 -42.07
N ASN D 824 5.83 -29.41 -42.35
CA ASN D 824 5.02 -28.76 -41.35
C ASN D 824 3.88 -28.16 -42.15
N ASN D 825 2.67 -28.65 -41.94
CA ASN D 825 1.55 -28.13 -42.71
C ASN D 825 0.81 -26.98 -42.06
N ILE D 826 0.96 -26.81 -40.75
CA ILE D 826 0.30 -25.72 -40.06
C ILE D 826 0.97 -24.42 -40.49
N VAL D 827 2.30 -24.36 -40.33
CA VAL D 827 3.07 -23.20 -40.73
C VAL D 827 2.71 -22.91 -42.19
N SER D 828 3.06 -23.85 -43.06
CA SER D 828 2.82 -23.75 -44.48
C SER D 828 1.43 -23.23 -44.85
N ARG D 829 0.40 -23.87 -44.32
CA ARG D 829 -0.98 -23.46 -44.60
C ARG D 829 -1.17 -22.02 -44.12
N GLY D 830 -0.35 -21.63 -43.14
CA GLY D 830 -0.43 -20.30 -42.58
C GLY D 830 0.22 -19.28 -43.49
N ILE D 831 1.50 -19.50 -43.81
CA ILE D 831 2.23 -18.62 -44.70
C ILE D 831 1.41 -18.31 -45.94
N ALA D 832 0.66 -19.30 -46.41
CA ALA D 832 -0.18 -19.12 -47.57
C ALA D 832 -1.20 -18.02 -47.31
N LEU D 833 -2.12 -18.27 -46.38
CA LEU D 833 -3.15 -17.29 -46.04
C LEU D 833 -2.54 -15.94 -45.64
N THR D 834 -1.53 -16.01 -44.75
CA THR D 834 -0.85 -14.80 -44.30
C THR D 834 -0.49 -13.93 -45.50
N GLU D 835 -0.18 -14.58 -46.62
CA GLU D 835 0.18 -13.85 -47.81
C GLU D 835 -1.03 -13.55 -48.69
N LYS D 836 -2.08 -14.36 -48.57
CA LYS D 836 -3.29 -14.12 -49.35
C LYS D 836 -3.97 -12.86 -48.85
N ALA D 837 -3.89 -12.64 -47.54
CA ALA D 837 -4.52 -11.48 -46.90
C ALA D 837 -3.89 -10.17 -47.32
N LYS D 838 -2.57 -10.15 -47.32
CA LYS D 838 -1.84 -8.95 -47.70
C LYS D 838 -2.39 -8.35 -48.99
N LEU D 839 -2.94 -9.18 -49.88
CA LEU D 839 -3.48 -8.71 -51.15
C LEU D 839 -4.61 -7.73 -50.90
N ASN D 840 -5.14 -7.74 -49.68
CA ASN D 840 -6.24 -6.85 -49.34
C ASN D 840 -5.88 -5.37 -49.46
N SER D 841 -4.59 -5.05 -49.49
CA SER D 841 -4.15 -3.66 -49.62
C SER D 841 -4.41 -3.22 -51.06
N TYR D 842 -4.51 -4.18 -51.96
CA TYR D 842 -4.79 -3.91 -53.36
C TYR D 842 -6.27 -3.47 -53.42
N ALA D 843 -6.51 -2.24 -53.87
CA ALA D 843 -7.86 -1.68 -53.93
C ALA D 843 -8.90 -2.52 -54.66
N PRO D 844 -8.61 -2.96 -55.89
CA PRO D 844 -9.59 -3.78 -56.61
C PRO D 844 -10.16 -4.92 -55.78
N ILE D 845 -9.29 -5.67 -55.10
CA ILE D 845 -9.73 -6.78 -54.25
C ILE D 845 -10.59 -6.26 -53.10
N SER D 846 -10.02 -5.30 -52.36
CA SER D 846 -10.68 -4.67 -51.23
C SER D 846 -12.12 -4.31 -51.63
N LEU D 847 -12.27 -3.67 -52.78
CA LEU D 847 -13.58 -3.26 -53.29
C LEU D 847 -14.53 -4.44 -53.53
N GLU D 848 -14.01 -5.55 -54.04
CA GLU D 848 -14.84 -6.74 -54.28
C GLU D 848 -15.38 -7.17 -52.93
N LYS D 849 -14.49 -7.31 -51.95
CA LYS D 849 -14.86 -7.71 -50.60
C LYS D 849 -16.06 -6.92 -50.09
N ARG D 850 -15.89 -5.61 -49.91
CA ARG D 850 -16.96 -4.74 -49.40
C ARG D 850 -18.28 -4.91 -50.15
N ARG D 851 -18.22 -4.99 -51.48
CA ARG D 851 -19.44 -5.15 -52.27
C ARG D 851 -20.17 -6.39 -51.82
N ALA D 852 -19.42 -7.46 -51.65
CA ALA D 852 -19.99 -8.73 -51.21
C ALA D 852 -20.56 -8.57 -49.80
N GLN D 853 -19.74 -8.07 -48.90
CA GLN D 853 -20.17 -7.87 -47.53
C GLN D 853 -21.50 -7.13 -47.47
N ILE D 854 -21.66 -6.09 -48.28
CA ILE D 854 -22.89 -5.33 -48.26
C ILE D 854 -24.10 -6.15 -48.67
N SER D 855 -24.06 -6.76 -49.85
CA SER D 855 -25.17 -7.57 -50.32
C SER D 855 -25.51 -8.67 -49.30
N ALA D 856 -24.47 -9.30 -48.76
CA ALA D 856 -24.63 -10.37 -47.76
C ALA D 856 -25.35 -9.81 -46.54
N LEU D 857 -24.70 -8.86 -45.88
CA LEU D 857 -25.24 -8.19 -44.70
C LEU D 857 -26.55 -7.47 -45.03
N LEU D 858 -26.86 -7.38 -46.33
CA LEU D 858 -28.09 -6.72 -46.78
C LEU D 858 -29.25 -7.69 -46.60
N THR D 859 -29.12 -8.88 -47.19
CA THR D 859 -30.16 -9.88 -47.06
C THR D 859 -30.16 -10.40 -45.63
N MET D 860 -29.00 -10.32 -44.99
CA MET D 860 -28.87 -10.78 -43.61
C MET D 860 -29.89 -10.10 -42.74
N LEU D 861 -29.94 -8.77 -42.80
CA LEU D 861 -30.89 -8.02 -42.00
C LEU D 861 -32.30 -8.27 -42.53
N GLN D 862 -32.63 -9.55 -42.69
CA GLN D 862 -33.95 -9.98 -43.16
C GLN D 862 -34.35 -11.42 -42.78
N LYS D 863 -33.39 -12.33 -42.58
CA LYS D 863 -33.78 -13.69 -42.20
C LYS D 863 -32.64 -14.68 -41.99
N PRO D 864 -32.07 -14.71 -40.77
CA PRO D 864 -30.96 -15.63 -40.44
C PRO D 864 -31.25 -17.13 -40.64
N VAL D 865 -31.82 -17.74 -39.60
CA VAL D 865 -32.19 -19.16 -39.51
C VAL D 865 -31.17 -20.21 -40.00
N THR D 866 -31.29 -20.62 -41.27
CA THR D 866 -30.42 -21.63 -41.86
C THR D 866 -28.92 -21.35 -41.64
N PHE D 867 -28.40 -21.84 -40.52
CA PHE D 867 -26.99 -21.65 -40.18
C PHE D 867 -26.61 -22.75 -39.19
N LYS D 868 -26.07 -23.85 -39.71
CA LYS D 868 -25.67 -24.99 -38.87
C LYS D 868 -24.47 -24.67 -37.97
N SER D 869 -24.73 -23.97 -36.88
CA SER D 869 -23.68 -23.60 -35.93
C SER D 869 -22.96 -24.83 -35.42
N SER D 870 -21.65 -24.69 -35.25
CA SER D 870 -20.83 -25.78 -34.73
C SER D 870 -19.53 -25.20 -34.15
N LYS D 871 -19.34 -23.90 -34.37
CA LYS D 871 -18.16 -23.21 -33.88
C LYS D 871 -18.46 -22.58 -32.52
N ILE D 872 -17.50 -22.65 -31.61
CA ILE D 872 -17.68 -22.09 -30.28
C ILE D 872 -16.89 -20.80 -30.12
N THR D 873 -17.41 -19.91 -29.28
CA THR D 873 -16.73 -18.64 -29.03
C THR D 873 -16.82 -18.25 -27.57
N ILE D 874 -15.97 -17.30 -27.18
CA ILE D 874 -15.90 -16.79 -25.82
C ILE D 874 -17.30 -16.53 -25.25
N ASN D 875 -18.23 -16.18 -26.12
CA ASN D 875 -19.60 -15.92 -25.70
C ASN D 875 -20.15 -17.20 -25.06
N ASP D 876 -20.21 -18.26 -25.85
CA ASP D 876 -20.73 -19.56 -25.39
C ASP D 876 -20.10 -19.98 -24.07
N ILE D 877 -18.77 -19.92 -24.00
CA ILE D 877 -18.07 -20.28 -22.78
C ILE D 877 -18.71 -19.54 -21.63
N LEU D 878 -18.74 -18.21 -21.72
CA LEU D 878 -19.33 -17.40 -20.65
C LEU D 878 -20.79 -17.71 -20.41
N ARG D 879 -21.54 -17.88 -21.49
CA ARG D 879 -22.96 -18.16 -21.37
C ARG D 879 -23.22 -19.49 -20.64
N ASP D 880 -22.23 -20.37 -20.62
CA ASP D 880 -22.34 -21.65 -19.91
C ASP D 880 -22.19 -21.40 -18.42
N ILE D 881 -21.15 -20.66 -18.08
CA ILE D 881 -20.83 -20.34 -16.71
C ILE D 881 -21.85 -19.46 -16.02
N LYS D 882 -22.40 -18.51 -16.75
CA LYS D 882 -23.34 -17.56 -16.17
C LYS D 882 -24.31 -18.03 -15.09
N PRO D 883 -25.07 -19.10 -15.35
CA PRO D 883 -26.06 -19.66 -14.40
C PRO D 883 -25.56 -20.27 -13.09
N PHE D 884 -24.26 -20.46 -12.95
CA PHE D 884 -23.74 -21.06 -11.75
C PHE D 884 -23.16 -20.07 -10.78
N PHE D 885 -23.80 -18.91 -10.68
CA PHE D 885 -23.36 -17.85 -9.79
C PHE D 885 -24.52 -17.24 -9.02
N THR D 886 -24.23 -16.75 -7.82
CA THR D 886 -25.25 -16.10 -7.01
C THR D 886 -24.72 -14.75 -6.56
N VAL D 887 -25.38 -13.70 -7.03
CA VAL D 887 -25.01 -12.34 -6.68
C VAL D 887 -25.67 -11.95 -5.38
N SER D 888 -25.04 -11.03 -4.68
CA SER D 888 -25.55 -10.52 -3.42
C SER D 888 -24.81 -9.21 -3.15
N ASP D 889 -25.56 -8.19 -2.73
CA ASP D 889 -24.99 -6.88 -2.43
C ASP D 889 -23.76 -7.01 -1.56
N ALA D 890 -22.71 -6.30 -1.95
CA ALA D 890 -21.47 -6.35 -1.21
C ALA D 890 -21.05 -4.91 -1.00
N HIS D 891 -19.80 -4.69 -0.66
CA HIS D 891 -19.36 -3.32 -0.46
C HIS D 891 -17.85 -3.11 -0.40
N LEU D 892 -17.41 -2.03 -1.02
CA LEU D 892 -16.01 -1.65 -1.05
C LEU D 892 -15.87 -0.16 -0.79
N PRO D 893 -15.01 0.21 0.16
CA PRO D 893 -14.83 1.63 0.45
C PRO D 893 -13.84 2.24 -0.53
N ILE D 894 -13.91 3.56 -0.72
CA ILE D 894 -12.96 4.21 -1.61
C ILE D 894 -11.71 4.31 -0.78
N GLN D 895 -10.61 3.78 -1.28
CA GLN D 895 -9.38 3.81 -0.52
C GLN D 895 -8.16 4.23 -1.32
N TYR D 896 -8.36 4.67 -2.56
CA TYR D 896 -7.27 5.11 -3.43
C TYR D 896 -7.56 6.52 -3.92
N GLN D 897 -6.62 7.44 -3.68
CA GLN D 897 -6.80 8.83 -4.13
C GLN D 897 -6.64 8.85 -5.64
N LYS D 898 -7.32 9.81 -6.28
CA LYS D 898 -7.26 9.89 -7.72
C LYS D 898 -5.95 10.49 -8.23
N PHE D 899 -5.38 9.85 -9.25
CA PHE D 899 -4.14 10.30 -9.86
C PHE D 899 -4.42 10.73 -11.30
N MET D 900 -5.53 10.23 -11.85
CA MET D 900 -5.96 10.57 -13.21
C MET D 900 -7.28 11.35 -13.14
N PRO D 901 -7.21 12.64 -12.81
CA PRO D 901 -8.35 13.56 -12.66
C PRO D 901 -9.41 13.55 -13.75
N THR D 902 -8.98 13.42 -14.99
CA THR D 902 -9.92 13.48 -16.12
C THR D 902 -10.91 12.35 -16.28
N LEU D 903 -10.58 11.17 -15.78
CA LEU D 903 -11.46 10.00 -15.92
C LEU D 903 -12.92 10.28 -15.54
N PRO D 904 -13.87 9.74 -16.31
CA PRO D 904 -15.28 9.97 -15.96
C PRO D 904 -15.43 9.53 -14.49
N ASP D 905 -16.60 9.67 -13.89
CA ASP D 905 -16.74 9.28 -12.48
C ASP D 905 -16.94 7.81 -12.27
N ASN D 906 -17.72 7.18 -13.13
CA ASN D 906 -17.96 5.76 -12.97
C ASN D 906 -16.73 4.86 -13.21
N VAL D 907 -15.73 5.36 -13.92
CA VAL D 907 -14.54 4.56 -14.18
C VAL D 907 -13.53 4.83 -13.07
N GLN D 908 -13.51 6.07 -12.60
CA GLN D 908 -12.58 6.46 -11.55
C GLN D 908 -12.92 5.66 -10.30
N TYR D 909 -14.22 5.58 -9.99
CA TYR D 909 -14.74 4.84 -8.85
C TYR D 909 -14.11 3.43 -8.77
N ILE D 910 -14.25 2.67 -9.85
CA ILE D 910 -13.69 1.33 -9.87
C ILE D 910 -12.24 1.39 -9.38
N ILE D 911 -11.48 2.36 -9.88
CA ILE D 911 -10.09 2.46 -9.44
C ILE D 911 -9.93 2.87 -7.94
N GLN D 912 -10.79 3.74 -7.43
CA GLN D 912 -10.66 4.17 -6.03
C GLN D 912 -10.94 2.99 -5.09
N CYS D 913 -11.66 1.99 -5.60
CA CYS D 913 -12.00 0.82 -4.81
C CYS D 913 -11.02 -0.35 -4.98
N ILE D 914 -10.84 -0.84 -6.21
CA ILE D 914 -9.94 -1.97 -6.42
C ILE D 914 -8.49 -1.61 -6.80
N GLY D 915 -8.25 -0.38 -7.26
CA GLY D 915 -6.88 -0.02 -7.62
C GLY D 915 -6.59 -0.07 -9.11
N SER D 916 -5.37 0.28 -9.50
CA SER D 916 -5.03 0.29 -10.91
C SER D 916 -3.79 -0.52 -11.17
N ARG D 917 -3.37 -0.61 -12.43
CA ARG D 917 -2.16 -1.35 -12.74
C ARG D 917 -1.20 -0.53 -13.56
N THR D 918 0.00 -1.01 -13.74
CA THR D 918 0.99 -0.29 -14.51
C THR D 918 1.61 -1.20 -15.55
N TYR D 919 0.91 -2.26 -15.92
CA TYR D 919 1.43 -3.20 -16.89
C TYR D 919 0.35 -3.70 -17.81
N GLN D 920 0.79 -4.33 -18.90
CA GLN D 920 -0.12 -4.89 -19.89
C GLN D 920 -0.14 -6.40 -19.70
N ILE D 921 -1.35 -6.94 -19.53
CA ILE D 921 -1.52 -8.36 -19.34
C ILE D 921 -1.01 -9.04 -20.60
N GLU D 922 -0.18 -10.07 -20.43
CA GLU D 922 0.41 -10.80 -21.56
C GLU D 922 -0.67 -11.52 -22.36
N ASP D 923 -0.93 -11.07 -23.59
CA ASP D 923 -1.99 -11.68 -24.38
C ASP D 923 -1.62 -12.15 -25.79
N ASP D 924 -0.37 -12.53 -25.96
CA ASP D 924 0.11 -13.02 -27.24
C ASP D 924 0.76 -14.41 -27.05
N GLY D 925 0.99 -14.79 -25.80
CA GLY D 925 1.61 -16.06 -25.48
C GLY D 925 3.11 -15.97 -25.69
N SER D 926 3.64 -14.76 -25.59
CA SER D 926 5.06 -14.53 -25.78
C SER D 926 5.91 -15.04 -24.62
N LYS D 927 5.33 -15.11 -23.43
CA LYS D 927 6.10 -15.59 -22.30
C LYS D 927 6.07 -17.11 -22.16
N SER D 928 5.29 -17.78 -23.00
CA SER D 928 5.21 -19.24 -22.94
C SER D 928 6.58 -19.82 -23.24
N ALA D 929 6.90 -20.95 -22.64
CA ALA D 929 8.18 -21.59 -22.87
C ALA D 929 8.34 -22.04 -24.31
N ILE D 930 7.31 -22.66 -24.87
CA ILE D 930 7.39 -23.13 -26.24
C ILE D 930 7.64 -21.98 -27.23
N SER D 931 7.00 -20.84 -27.02
CA SER D 931 7.19 -19.70 -27.89
C SER D 931 8.61 -19.21 -27.75
N ARG D 932 9.12 -19.25 -26.52
CA ARG D 932 10.49 -18.83 -26.27
C ARG D 932 11.43 -19.77 -27.01
N LEU D 933 11.09 -21.05 -26.96
CA LEU D 933 11.87 -22.08 -27.64
C LEU D 933 12.02 -21.77 -29.12
N ILE D 934 10.89 -21.68 -29.80
CA ILE D 934 10.87 -21.41 -31.23
C ILE D 934 11.68 -20.20 -31.66
N SER D 935 11.73 -19.18 -30.81
CA SER D 935 12.48 -17.98 -31.12
C SER D 935 13.99 -18.12 -30.92
N LYS D 936 14.41 -19.26 -30.39
CA LYS D 936 15.82 -19.50 -30.15
C LYS D 936 16.41 -20.23 -31.35
N TYR D 937 15.54 -20.93 -32.09
CA TYR D 937 15.98 -21.69 -33.26
C TYR D 937 15.23 -21.35 -34.53
N SER D 938 14.27 -20.43 -34.44
CA SER D 938 13.50 -20.05 -35.62
C SER D 938 13.25 -18.56 -35.75
N VAL D 939 13.04 -18.12 -36.99
CA VAL D 939 12.78 -16.73 -37.34
C VAL D 939 11.26 -16.58 -37.40
N TYR D 940 10.60 -17.74 -37.43
CA TYR D 940 9.16 -17.79 -37.49
C TYR D 940 8.55 -17.25 -36.21
N LYS D 941 7.45 -16.53 -36.37
CA LYS D 941 6.72 -15.97 -35.25
C LYS D 941 5.29 -16.48 -35.35
N PRO D 942 4.90 -17.32 -34.40
CA PRO D 942 3.54 -17.83 -34.47
C PRO D 942 2.60 -16.94 -33.65
N SER D 943 1.38 -16.75 -34.13
CA SER D 943 0.42 -15.92 -33.44
C SER D 943 0.00 -16.64 -32.16
N ILE D 944 -0.75 -15.93 -31.32
CA ILE D 944 -1.22 -16.50 -30.07
C ILE D 944 -2.26 -17.54 -30.43
N GLU D 945 -2.92 -17.33 -31.55
CA GLU D 945 -3.95 -18.27 -31.99
C GLU D 945 -3.37 -19.56 -32.59
N GLU D 946 -2.12 -19.51 -33.02
CA GLU D 946 -1.51 -20.71 -33.58
C GLU D 946 -1.02 -21.51 -32.38
N LEU D 947 -0.24 -20.85 -31.52
CA LEU D 947 0.28 -21.51 -30.32
C LEU D 947 -0.89 -22.17 -29.58
N TYR D 948 -2.05 -21.51 -29.62
CA TYR D 948 -3.26 -22.00 -28.97
C TYR D 948 -3.65 -23.37 -29.49
N LYS D 949 -3.38 -23.63 -30.76
CA LYS D 949 -3.74 -24.93 -31.33
C LYS D 949 -2.57 -25.90 -31.25
N VAL D 950 -1.37 -25.38 -31.45
CA VAL D 950 -0.17 -26.21 -31.39
C VAL D 950 0.05 -26.79 -29.99
N ILE D 951 -0.44 -26.11 -28.97
CA ILE D 951 -0.27 -26.58 -27.60
C ILE D 951 -1.33 -27.64 -27.25
N SER D 952 -2.44 -27.65 -27.97
CA SER D 952 -3.51 -28.61 -27.71
C SER D 952 -3.35 -29.88 -28.52
N LEU D 953 -2.25 -29.98 -29.25
CA LEU D 953 -2.00 -31.14 -30.09
C LEU D 953 -1.38 -32.31 -29.31
N HIS D 954 -1.58 -33.52 -29.84
CA HIS D 954 -1.04 -34.73 -29.22
C HIS D 954 0.47 -34.57 -29.07
N GLU D 955 1.01 -35.03 -27.95
CA GLU D 955 2.43 -34.90 -27.67
C GLU D 955 3.33 -35.13 -28.87
N ASN D 956 3.04 -36.15 -29.66
CA ASN D 956 3.86 -36.47 -30.83
C ASN D 956 3.74 -35.44 -31.97
N GLU D 957 2.62 -34.73 -32.05
CA GLU D 957 2.44 -33.73 -33.10
C GLU D 957 3.24 -32.47 -32.77
N ILE D 958 3.22 -32.10 -31.49
CA ILE D 958 3.96 -30.92 -31.04
C ILE D 958 5.45 -31.10 -31.26
N GLN D 959 5.91 -32.34 -31.22
CA GLN D 959 7.32 -32.64 -31.40
C GLN D 959 7.76 -32.48 -32.86
N LEU D 960 6.85 -32.80 -33.78
CA LEU D 960 7.17 -32.68 -35.19
C LEU D 960 7.16 -31.21 -35.61
N TYR D 961 6.23 -30.44 -35.03
CA TYR D 961 6.11 -29.00 -35.28
C TYR D 961 7.45 -28.39 -34.92
N LEU D 962 7.87 -28.59 -33.67
CA LEU D 962 9.13 -28.06 -33.17
C LEU D 962 10.30 -28.38 -34.07
N ILE D 963 10.49 -29.66 -34.37
CA ILE D 963 11.60 -30.08 -35.21
C ILE D 963 11.52 -29.43 -36.59
N SER D 964 10.31 -29.40 -37.16
CA SER D 964 10.11 -28.81 -38.49
C SER D 964 10.29 -27.30 -38.56
N LEU D 965 10.91 -26.72 -37.53
CA LEU D 965 11.15 -25.27 -37.49
C LEU D 965 12.58 -25.05 -37.07
N GLY D 966 13.36 -26.13 -37.13
CA GLY D 966 14.77 -26.06 -36.76
C GLY D 966 15.04 -26.33 -35.31
N ILE D 967 14.02 -26.72 -34.56
CA ILE D 967 14.19 -27.02 -33.14
C ILE D 967 14.78 -28.43 -33.02
N PRO D 968 16.01 -28.53 -32.53
CA PRO D 968 16.73 -29.80 -32.34
C PRO D 968 16.00 -30.78 -31.42
N LYS D 969 16.13 -32.08 -31.70
CA LYS D 969 15.44 -33.10 -30.91
C LYS D 969 15.73 -33.14 -29.43
N ILE D 970 17.00 -33.10 -29.04
CA ILE D 970 17.32 -33.13 -27.62
C ILE D 970 16.51 -32.06 -26.90
N ASP D 971 16.14 -31.01 -27.63
CA ASP D 971 15.34 -29.92 -27.07
C ASP D 971 13.85 -30.25 -27.22
N ALA D 972 13.43 -30.48 -28.45
CA ALA D 972 12.04 -30.80 -28.74
C ALA D 972 11.57 -31.95 -27.86
N ASP D 973 12.38 -33.01 -27.81
CA ASP D 973 12.01 -34.17 -27.01
C ASP D 973 12.00 -33.80 -25.53
N THR D 974 12.94 -32.97 -25.09
CA THR D 974 12.96 -32.57 -23.68
C THR D 974 11.73 -31.77 -23.29
N TYR D 975 11.47 -30.69 -24.02
CA TYR D 975 10.31 -29.85 -23.73
C TYR D 975 9.01 -30.65 -23.79
N VAL D 976 8.63 -31.04 -25.01
CA VAL D 976 7.40 -31.79 -25.29
C VAL D 976 6.91 -32.72 -24.17
N GLY D 977 7.80 -33.07 -23.26
CA GLY D 977 7.41 -33.93 -22.14
C GLY D 977 7.29 -33.13 -20.85
N SER D 978 8.35 -32.39 -20.54
CA SER D 978 8.46 -31.56 -19.35
C SER D 978 7.18 -30.99 -18.72
N LYS D 979 7.30 -30.59 -17.46
CA LYS D 979 6.20 -30.01 -16.73
C LYS D 979 5.83 -28.68 -17.38
N ILE D 980 6.83 -28.00 -17.94
CA ILE D 980 6.60 -26.72 -18.59
C ILE D 980 5.58 -26.85 -19.71
N TYR D 981 5.66 -27.94 -20.47
CA TYR D 981 4.71 -28.17 -21.54
C TYR D 981 3.29 -28.04 -20.98
N SER D 982 3.09 -28.57 -19.78
CA SER D 982 1.78 -28.51 -19.12
C SER D 982 1.47 -27.09 -18.68
N ARG D 983 2.42 -26.46 -18.01
CA ARG D 983 2.23 -25.08 -17.55
C ARG D 983 2.01 -24.17 -18.76
N ASP D 984 2.69 -24.50 -19.87
CA ASP D 984 2.55 -23.73 -21.10
C ASP D 984 1.13 -23.91 -21.58
N LYS D 985 0.68 -25.16 -21.57
CA LYS D 985 -0.67 -25.49 -22.00
C LYS D 985 -1.68 -24.51 -21.37
N TYR D 986 -1.54 -24.27 -20.07
CA TYR D 986 -2.41 -23.36 -19.34
C TYR D 986 -2.13 -21.90 -19.70
N ARG D 987 -0.84 -21.54 -19.75
CA ARG D 987 -0.40 -20.19 -20.06
C ARG D 987 -0.87 -19.70 -21.43
N ILE D 988 -0.79 -20.56 -22.44
CA ILE D 988 -1.25 -20.20 -23.78
C ILE D 988 -2.74 -19.86 -23.69
N LEU D 989 -3.55 -20.75 -23.12
CA LEU D 989 -4.97 -20.52 -22.99
C LEU D 989 -5.27 -19.26 -22.18
N GLU D 990 -4.57 -19.12 -21.05
CA GLU D 990 -4.77 -17.95 -20.17
C GLU D 990 -4.49 -16.67 -20.93
N SER D 991 -3.50 -16.72 -21.81
CA SER D 991 -3.10 -15.57 -22.62
C SER D 991 -4.10 -15.26 -23.73
N TYR D 992 -4.50 -16.32 -24.45
CA TYR D 992 -5.45 -16.21 -25.55
C TYR D 992 -6.85 -15.70 -25.16
N VAL D 993 -7.30 -16.11 -23.97
CA VAL D 993 -8.60 -15.71 -23.44
C VAL D 993 -8.61 -14.22 -23.11
N TYR D 994 -7.52 -13.73 -22.53
CA TYR D 994 -7.42 -12.30 -22.21
C TYR D 994 -7.53 -11.53 -23.52
N ASN D 995 -6.84 -12.04 -24.53
CA ASN D 995 -6.84 -11.43 -25.84
C ASN D 995 -8.26 -11.24 -26.38
N LEU D 996 -9.10 -12.27 -26.19
CA LEU D 996 -10.49 -12.26 -26.64
C LEU D 996 -11.43 -11.42 -25.77
N LEU D 997 -11.04 -11.15 -24.53
CA LEU D 997 -11.88 -10.35 -23.64
C LEU D 997 -11.45 -8.90 -23.59
N SER D 998 -10.42 -8.58 -24.39
CA SER D 998 -9.92 -7.21 -24.46
C SER D 998 -9.58 -6.67 -23.06
N ILE D 999 -8.73 -7.39 -22.36
CA ILE D 999 -8.36 -7.01 -21.02
C ILE D 999 -7.34 -5.84 -21.03
N ASN D 1000 -6.83 -5.50 -22.21
CA ASN D 1000 -5.85 -4.42 -22.33
C ASN D 1000 -6.41 -3.16 -22.99
N TYR D 1001 -7.71 -3.14 -23.25
CA TYR D 1001 -8.30 -2.01 -23.93
C TYR D 1001 -9.28 -1.15 -23.17
N GLY D 1002 -9.51 0.02 -23.74
CA GLY D 1002 -10.44 0.98 -23.17
C GLY D 1002 -10.38 1.23 -21.69
N CYS D 1003 -11.40 0.76 -21.03
CA CYS D 1003 -11.62 0.90 -19.60
C CYS D 1003 -10.77 -0.05 -18.75
N TYR D 1004 -10.85 -1.33 -19.10
CA TYR D 1004 -10.16 -2.40 -18.39
C TYR D 1004 -8.64 -2.33 -18.24
N GLN D 1005 -7.93 -1.97 -19.30
CA GLN D 1005 -6.48 -1.88 -19.22
C GLN D 1005 -6.04 -1.10 -17.96
N LEU D 1006 -6.91 -0.23 -17.46
CA LEU D 1006 -6.62 0.61 -16.30
C LEU D 1006 -6.68 -0.12 -14.96
N PHE D 1007 -7.68 -0.99 -14.83
CA PHE D 1007 -7.96 -1.79 -13.63
C PHE D 1007 -6.98 -2.91 -13.21
N ASP D 1008 -6.86 -3.09 -11.89
CA ASP D 1008 -6.02 -4.13 -11.31
C ASP D 1008 -6.86 -5.40 -11.14
N PHE D 1009 -6.92 -6.22 -12.19
CA PHE D 1009 -7.70 -7.46 -12.12
C PHE D 1009 -7.21 -8.45 -11.07
N ASN D 1010 -6.11 -8.12 -10.40
CA ASN D 1010 -5.58 -8.95 -9.32
C ASN D 1010 -5.58 -8.19 -8.00
N SER D 1011 -6.52 -7.27 -7.86
CA SER D 1011 -6.65 -6.49 -6.66
C SER D 1011 -7.22 -7.33 -5.52
N PRO D 1012 -6.61 -7.27 -4.33
CA PRO D 1012 -7.12 -8.04 -3.21
C PRO D 1012 -8.57 -7.59 -2.93
N ASP D 1013 -8.78 -6.29 -2.94
CA ASP D 1013 -10.09 -5.70 -2.70
C ASP D 1013 -11.12 -6.34 -3.61
N LEU D 1014 -10.69 -6.65 -4.83
CA LEU D 1014 -11.58 -7.28 -5.80
C LEU D 1014 -11.78 -8.74 -5.47
N GLU D 1015 -10.67 -9.43 -5.22
CA GLU D 1015 -10.63 -10.86 -4.92
C GLU D 1015 -11.61 -11.23 -3.82
N LYS D 1016 -11.86 -10.29 -2.91
CA LYS D 1016 -12.81 -10.53 -1.83
C LYS D 1016 -14.13 -10.87 -2.49
N LEU D 1017 -14.78 -9.86 -3.07
CA LEU D 1017 -16.07 -10.03 -3.73
C LEU D 1017 -16.23 -11.31 -4.57
N ILE D 1018 -15.13 -12.03 -4.82
CA ILE D 1018 -15.21 -13.27 -5.61
C ILE D 1018 -14.97 -14.51 -4.73
N ARG D 1019 -16.07 -15.24 -4.45
CA ARG D 1019 -16.00 -16.44 -3.62
C ARG D 1019 -16.13 -17.67 -4.49
N ILE D 1020 -15.01 -18.26 -4.84
CA ILE D 1020 -15.06 -19.44 -5.70
C ILE D 1020 -14.49 -20.73 -5.13
N PRO D 1021 -15.36 -21.61 -4.59
CA PRO D 1021 -15.01 -22.91 -4.00
C PRO D 1021 -14.45 -23.82 -5.08
N PHE D 1022 -13.16 -24.14 -4.97
CA PHE D 1022 -12.50 -25.00 -5.95
C PHE D 1022 -12.82 -26.47 -5.73
N LYS D 1023 -13.97 -26.88 -6.25
CA LYS D 1023 -14.46 -28.25 -6.16
C LYS D 1023 -13.70 -29.17 -7.11
N GLY D 1024 -12.68 -28.62 -7.76
CA GLY D 1024 -11.89 -29.40 -8.70
C GLY D 1024 -10.57 -28.71 -8.99
N LYS D 1025 -9.50 -29.49 -9.06
CA LYS D 1025 -8.18 -28.94 -9.35
C LYS D 1025 -7.91 -29.08 -10.84
N ILE D 1026 -8.58 -28.22 -11.62
CA ILE D 1026 -8.44 -28.19 -13.07
C ILE D 1026 -8.29 -26.74 -13.56
N PRO D 1027 -7.06 -26.18 -13.43
CA PRO D 1027 -6.58 -24.83 -13.75
C PRO D 1027 -7.37 -23.95 -14.72
N ALA D 1028 -7.61 -24.46 -15.93
CA ALA D 1028 -8.34 -23.73 -16.96
C ALA D 1028 -9.70 -23.25 -16.48
N VAL D 1029 -10.50 -24.20 -15.98
CA VAL D 1029 -11.81 -23.86 -15.49
C VAL D 1029 -11.70 -22.89 -14.32
N THR D 1030 -10.81 -23.19 -13.39
CA THR D 1030 -10.65 -22.30 -12.25
C THR D 1030 -10.41 -20.90 -12.79
N PHE D 1031 -9.48 -20.80 -13.73
CA PHE D 1031 -9.13 -19.54 -14.37
C PHE D 1031 -10.32 -18.71 -14.89
N ILE D 1032 -10.94 -19.17 -15.96
CA ILE D 1032 -12.08 -18.46 -16.55
C ILE D 1032 -13.18 -18.08 -15.54
N LEU D 1033 -13.51 -18.99 -14.61
CA LEU D 1033 -14.54 -18.73 -13.59
C LEU D 1033 -14.25 -17.47 -12.78
N HIS D 1034 -13.00 -17.32 -12.35
CA HIS D 1034 -12.59 -16.15 -11.60
C HIS D 1034 -12.63 -14.86 -12.43
N LEU D 1035 -12.11 -14.93 -13.66
CA LEU D 1035 -12.08 -13.79 -14.57
C LEU D 1035 -13.48 -13.36 -14.96
N TYR D 1036 -14.32 -14.33 -15.35
CA TYR D 1036 -15.68 -14.01 -15.73
C TYR D 1036 -16.33 -13.28 -14.55
N ALA D 1037 -16.06 -13.75 -13.34
CA ALA D 1037 -16.62 -13.16 -12.13
C ALA D 1037 -16.04 -11.77 -11.84
N LYS D 1038 -14.72 -11.63 -11.99
CA LYS D 1038 -14.10 -10.33 -11.78
C LYS D 1038 -14.75 -9.32 -12.73
N LEU D 1039 -14.97 -9.73 -14.00
CA LEU D 1039 -15.60 -8.86 -14.99
C LEU D 1039 -17.04 -8.46 -14.62
N GLU D 1040 -17.86 -9.45 -14.26
CA GLU D 1040 -19.25 -9.21 -13.88
C GLU D 1040 -19.35 -8.26 -12.72
N VAL D 1041 -18.44 -8.41 -11.77
CA VAL D 1041 -18.43 -7.54 -10.59
C VAL D 1041 -18.09 -6.12 -11.01
N ILE D 1042 -17.01 -5.97 -11.76
CA ILE D 1042 -16.57 -4.65 -12.21
C ILE D 1042 -17.59 -3.97 -13.15
N ASN D 1043 -18.27 -4.75 -13.97
CA ASN D 1043 -19.25 -4.14 -14.84
C ASN D 1043 -20.35 -3.56 -13.97
N TYR D 1044 -20.85 -4.35 -13.03
CA TYR D 1044 -21.91 -3.88 -12.17
C TYR D 1044 -21.52 -2.56 -11.49
N ALA D 1045 -20.26 -2.49 -11.06
CA ALA D 1045 -19.74 -1.29 -10.38
C ALA D 1045 -19.63 -0.11 -11.33
N ILE D 1046 -19.37 -0.41 -12.61
CA ILE D 1046 -19.23 0.60 -13.64
C ILE D 1046 -20.57 1.19 -14.04
N LYS D 1047 -21.65 0.47 -13.76
CA LYS D 1047 -22.99 0.94 -14.10
C LYS D 1047 -23.79 1.50 -12.93
N ASN D 1048 -23.82 0.75 -11.82
CA ASN D 1048 -24.56 1.13 -10.64
C ASN D 1048 -23.85 1.95 -9.55
N GLY D 1049 -22.54 1.88 -9.49
CA GLY D 1049 -21.83 2.68 -8.50
C GLY D 1049 -21.65 1.97 -7.18
N SER D 1050 -22.22 0.77 -7.07
CA SER D 1050 -22.09 -0.02 -5.87
C SER D 1050 -21.53 -1.38 -6.22
N TRP D 1051 -21.06 -2.12 -5.23
CA TRP D 1051 -20.46 -3.43 -5.48
C TRP D 1051 -21.33 -4.62 -5.16
N ILE D 1052 -20.96 -5.79 -5.70
CA ILE D 1052 -21.66 -7.03 -5.45
C ILE D 1052 -20.67 -8.17 -5.29
N SER D 1053 -21.08 -9.22 -4.58
CA SER D 1053 -20.23 -10.39 -4.35
C SER D 1053 -20.70 -11.53 -5.22
N LEU D 1054 -19.78 -12.41 -5.58
CA LEU D 1054 -20.16 -13.54 -6.40
C LEU D 1054 -19.77 -14.87 -5.79
N PHE D 1055 -20.74 -15.79 -5.75
CA PHE D 1055 -20.52 -17.13 -5.22
C PHE D 1055 -20.66 -18.09 -6.41
N CYS D 1056 -19.77 -19.07 -6.47
CA CYS D 1056 -19.82 -20.01 -7.56
C CYS D 1056 -20.06 -21.43 -7.08
N ASN D 1057 -21.08 -22.05 -7.68
CA ASN D 1057 -21.49 -23.42 -7.38
C ASN D 1057 -21.46 -24.19 -8.68
N TYR D 1058 -20.33 -24.10 -9.38
CA TYR D 1058 -20.15 -24.78 -10.65
C TYR D 1058 -19.90 -26.24 -10.32
N PRO D 1059 -20.67 -27.14 -10.96
CA PRO D 1059 -20.62 -28.61 -10.82
C PRO D 1059 -19.29 -29.22 -11.25
N LYS D 1060 -18.93 -30.33 -10.64
CA LYS D 1060 -17.69 -31.01 -11.00
C LYS D 1060 -17.82 -31.62 -12.39
N SER D 1061 -18.94 -32.32 -12.62
CA SER D 1061 -19.17 -32.96 -13.91
C SER D 1061 -19.05 -31.94 -15.01
N GLU D 1062 -19.75 -30.82 -14.84
CA GLU D 1062 -19.74 -29.74 -15.83
C GLU D 1062 -18.34 -29.22 -16.14
N MET D 1063 -17.50 -29.10 -15.12
CA MET D 1063 -16.15 -28.60 -15.30
C MET D 1063 -15.40 -29.27 -16.44
N ILE D 1064 -15.47 -30.60 -16.51
CA ILE D 1064 -14.77 -31.30 -17.58
C ILE D 1064 -15.46 -31.07 -18.93
N LYS D 1065 -16.77 -30.81 -18.90
CA LYS D 1065 -17.54 -30.54 -20.12
C LYS D 1065 -17.06 -29.20 -20.68
N LEU D 1066 -16.88 -28.23 -19.79
CA LEU D 1066 -16.41 -26.89 -20.15
C LEU D 1066 -14.98 -26.93 -20.66
N TRP D 1067 -14.06 -27.43 -19.83
CA TRP D 1067 -12.65 -27.53 -20.20
C TRP D 1067 -12.48 -27.94 -21.66
N LYS D 1068 -13.34 -28.84 -22.12
CA LYS D 1068 -13.26 -29.28 -23.51
C LYS D 1068 -13.66 -28.12 -24.43
N LYS D 1069 -14.77 -27.47 -24.11
CA LYS D 1069 -15.22 -26.33 -24.88
C LYS D 1069 -14.04 -25.35 -25.01
N MET D 1070 -13.38 -25.10 -23.90
CA MET D 1070 -12.23 -24.19 -23.81
C MET D 1070 -11.22 -24.23 -24.96
N TRP D 1071 -10.86 -25.43 -25.42
CA TRP D 1071 -9.86 -25.56 -26.49
C TRP D 1071 -10.39 -25.61 -27.92
N ASN D 1072 -11.60 -25.08 -28.12
CA ASN D 1072 -12.21 -25.07 -29.44
C ASN D 1072 -12.90 -23.72 -29.64
N ILE D 1073 -12.27 -22.70 -29.09
CA ILE D 1073 -12.79 -21.34 -29.18
C ILE D 1073 -12.29 -20.66 -30.45
N THR D 1074 -13.19 -19.92 -31.08
CA THR D 1074 -12.86 -19.19 -32.29
C THR D 1074 -12.72 -17.71 -31.98
N SER D 1075 -11.80 -17.04 -32.66
CA SER D 1075 -11.59 -15.61 -32.47
C SER D 1075 -12.58 -14.86 -33.35
N LEU D 1076 -13.25 -13.88 -32.78
CA LEU D 1076 -14.20 -13.09 -33.54
C LEU D 1076 -13.48 -11.90 -34.15
N ARG D 1077 -13.88 -11.56 -35.37
CA ARG D 1077 -13.29 -10.46 -36.10
C ARG D 1077 -14.38 -9.42 -36.34
N SER D 1078 -14.16 -8.20 -35.89
CA SER D 1078 -15.18 -7.16 -36.09
C SER D 1078 -14.59 -5.75 -36.11
N PRO D 1079 -15.39 -4.76 -36.56
CA PRO D 1079 -14.97 -3.36 -36.64
C PRO D 1079 -14.63 -2.85 -35.24
N TYR D 1080 -15.43 -3.27 -34.25
CA TYR D 1080 -15.21 -2.92 -32.86
C TYR D 1080 -13.78 -3.39 -32.52
N THR D 1081 -13.52 -4.66 -32.77
CA THR D 1081 -12.21 -5.30 -32.55
C THR D 1081 -11.07 -4.55 -33.23
N ASN D 1082 -11.19 -4.39 -34.54
CA ASN D 1082 -10.18 -3.68 -35.32
C ASN D 1082 -10.02 -2.25 -34.82
N ALA D 1083 -11.14 -1.64 -34.44
CA ALA D 1083 -11.11 -0.29 -33.91
C ALA D 1083 -10.09 -0.22 -32.78
N ASN D 1084 -10.16 -1.18 -31.86
CA ASN D 1084 -9.22 -1.24 -30.75
C ASN D 1084 -7.79 -1.43 -31.24
N PHE D 1085 -7.61 -2.26 -32.26
CA PHE D 1085 -6.28 -2.51 -32.80
C PHE D 1085 -5.74 -1.21 -33.42
N PHE D 1086 -6.64 -0.37 -33.91
CA PHE D 1086 -6.28 0.91 -34.52
C PHE D 1086 -5.67 1.86 -33.48
N GLN D 1087 -6.03 1.68 -32.21
CA GLN D 1087 -5.49 2.51 -31.14
C GLN D 1087 -4.10 1.99 -30.78
N GLU D 1088 -3.28 1.78 -31.80
CA GLU D 1088 -1.91 1.29 -31.61
C GLU D 1088 -0.94 2.16 -32.41
PG GTP E . 12.43 -6.11 28.31
O1G GTP E . 13.51 -6.98 28.43
O2G GTP E . 13.29 -5.96 26.93
O3G GTP E . 12.97 -6.30 29.81
O3B GTP E . 10.96 -6.90 28.27
PB GTP E . 10.23 -6.51 29.75
O1B GTP E . 11.13 -7.02 30.85
O2B GTP E . 10.10 -4.89 29.87
O3A GTP E . 8.78 -7.19 30.12
PA GTP E . 8.22 -6.41 31.48
O1A GTP E . 9.28 -6.39 32.53
O2A GTP E . 7.79 -4.90 31.11
O5' GTP E . 6.96 -7.18 32.09
C5' GTP E . 6.37 -6.56 33.17
C4' GTP E . 5.48 -7.49 33.91
O4' GTP E . 6.71 -7.74 34.65
C3' GTP E . 4.60 -7.04 35.13
O3' GTP E . 3.21 -7.38 35.07
C2' GTP E . 5.32 -7.56 36.45
O2' GTP E . 4.49 -8.27 37.36
C1' GTP E . 6.44 -8.28 35.89
N9 GTP E . 7.76 -8.46 36.59
C8 GTP E . 8.98 -8.34 35.97
N7 GTP E . 9.94 -8.62 36.78
C5 GTP E . 9.41 -8.93 37.98
C6 GTP E . 9.97 -9.33 39.22
O6 GTP E . 11.19 -9.48 39.34
N1 GTP E . 9.11 -9.56 40.28
C2 GTP E . 7.74 -9.41 40.14
N2 GTP E . 6.92 -9.65 41.21
N3 GTP E . 7.21 -9.05 38.97
C4 GTP E . 7.99 -8.79 37.89
PG GTP F . -2.86 4.99 -23.80
O1G GTP F . -2.06 5.64 -22.89
O2G GTP F . -3.61 4.80 -22.37
O3G GTP F . -1.30 4.93 -24.13
O3B GTP F . -3.57 6.00 -24.93
PB GTP F . -2.78 5.65 -26.39
O1B GTP F . -1.33 5.99 -26.22
O2B GTP F . -2.91 4.06 -26.71
O3A GTP F . -3.25 6.53 -27.70
PA GTP F . -2.55 5.83 -29.07
O1A GTP F . -1.07 5.66 -28.85
O2A GTP F . -3.24 4.40 -29.37
O5' GTP F . -2.75 6.79 -30.34
C5' GTP F . -2.31 6.23 -31.54
C4' GTP F . -2.15 7.23 -32.62
O4' GTP F . -0.81 7.22 -32.11
C3' GTP F . -1.79 6.87 -34.10
O3' GTP F . -2.60 7.48 -35.12
C2' GTP F . -0.24 7.15 -34.30
O2' GTP F . 0.10 7.92 -35.44
C1' GTP F . 0.11 7.68 -33.01
N9 GTP F . 1.45 7.53 -32.36
C8 GTP F . 1.60 7.23 -31.02
N7 GTP F . 2.83 7.24 -30.69
C5 GTP F . 3.57 7.54 -31.77
C6 GTP F . 4.97 7.72 -31.98
O6 GTP F . 5.75 7.60 -31.04
N1 GTP F . 5.41 8.03 -33.25
C2 GTP F . 4.50 8.17 -34.29
N2 GTP F . 4.97 8.47 -35.55
N3 GTP F . 3.18 8.02 -34.10
C4 GTP F . 2.69 7.71 -32.87
#